data_8WGE
#
_entry.id   8WGE
#
_cell.length_a   1.00
_cell.length_b   1.00
_cell.length_c   1.00
_cell.angle_alpha   90.00
_cell.angle_beta   90.00
_cell.angle_gamma   90.00
#
_symmetry.space_group_name_H-M   'P 1'
#
loop_
_entity.id
_entity.type
_entity.pdbx_description
1 polymer ZAC
2 non-polymer 2-acetamido-2-deoxy-beta-D-glucopyranose
#
_entity_poly.entity_id   1
_entity_poly.type   'polypeptide(L)'
_entity_poly.pdbx_seq_one_letter_code
;MKRTPLLVAFLILVLGSGTVDSTCTTRRCLAQMLIDMEMLSMPQDENCTLPIYVPFIEYQTLSVNTKSLRLNSRLRAIVK
WTDPQLAWDTSVYPYDAVMLPVDKIWTPVLQVKNGISTNMKHDANDLLVYSNGTVNHEVQINAEINCEVNLFNYPFAGDE
CPVAIETFSSGECVTTLILDQVRSLDGSTGDWQTTYARLKKQREDRNFIAVGLKINYSSPLMTLLLPTVLIVLADFVSFA
LPLHGGGRNGFKVTLVLSFVMFLNLLNSQLPGNGDCSPIIRIHFCICLVLLVLSMLVSMVLTRLAHDGSLAFFSPSKRQA
PQNTKDNEKKDEEELKADIHVVLPDGPEDVQMLRKVVTFLQRLDDQKNQNERKHAFADKLDKIFFLFYVILGLIYMCVML
GIMVAYKCEIDHFNFWY
;
_entity_poly.pdbx_strand_id   A,B,C,D,E
#
loop_
_chem_comp.id
_chem_comp.type
_chem_comp.name
_chem_comp.formula
NAG D-saccharide, beta linking 2-acetamido-2-deoxy-beta-D-glucopyranose 'C8 H15 N O6'
#
# COMPACT_ATOMS: atom_id res chain seq x y z
N THR A 25 33.64 43.65 26.86
CA THR A 25 34.88 43.05 26.36
C THR A 25 34.83 41.52 26.44
N THR A 26 33.73 41.01 26.97
CA THR A 26 33.54 39.57 27.07
C THR A 26 33.18 38.99 25.71
N ARG A 27 33.55 37.72 25.50
CA ARG A 27 33.21 37.05 24.25
C ARG A 27 31.69 37.00 24.05
N ARG A 28 30.95 36.69 25.11
CA ARG A 28 29.49 36.73 25.02
C ARG A 28 28.99 38.16 24.79
N CYS A 29 29.66 39.15 25.38
CA CYS A 29 29.30 40.53 25.10
C CYS A 29 29.55 40.87 23.63
N LEU A 30 30.65 40.37 23.06
CA LEU A 30 30.91 40.58 21.64
C LEU A 30 29.84 39.91 20.79
N ALA A 31 29.42 38.70 21.16
CA ALA A 31 28.36 38.03 20.43
C ALA A 31 27.05 38.82 20.50
N GLN A 32 26.73 39.34 21.68
CA GLN A 32 25.52 40.16 21.82
C GLN A 32 25.61 41.42 20.98
N MET A 33 26.79 42.05 20.94
CA MET A 33 26.97 43.24 20.12
C MET A 33 26.79 42.92 18.64
N LEU A 34 27.33 41.79 18.19
CA LEU A 34 27.17 41.39 16.79
C LEU A 34 25.71 41.07 16.48
N ILE A 35 24.99 40.47 17.43
CA ILE A 35 23.58 40.18 17.21
C ILE A 35 22.76 41.47 17.12
N ASP A 36 23.06 42.44 17.98
CA ASP A 36 22.33 43.70 17.97
C ASP A 36 22.53 44.48 16.69
N MET A 37 23.56 44.15 15.90
CA MET A 37 23.80 44.85 14.64
C MET A 37 22.69 44.55 13.63
N GLU A 38 22.13 43.33 13.67
CA GLU A 38 21.05 42.92 12.78
C GLU A 38 21.46 43.05 11.32
N MET A 39 22.49 42.28 10.95
CA MET A 39 22.98 42.25 9.56
C MET A 39 22.31 41.09 8.84
N LEU A 40 21.03 41.29 8.51
CA LEU A 40 20.23 40.27 7.84
C LEU A 40 20.22 40.41 6.33
N SER A 41 20.97 41.36 5.78
CA SER A 41 21.12 41.52 4.34
C SER A 41 22.47 40.98 3.89
N MET A 42 22.54 40.58 2.62
CA MET A 42 23.74 39.94 2.12
C MET A 42 24.90 40.94 2.07
N PRO A 43 26.15 40.47 2.16
CA PRO A 43 27.32 41.35 1.99
C PRO A 43 27.55 41.69 0.52
N GLN A 44 26.81 42.69 0.05
CA GLN A 44 26.81 43.08 -1.35
C GLN A 44 27.59 44.37 -1.62
N ASP A 45 28.42 44.81 -0.67
CA ASP A 45 29.12 46.09 -0.82
C ASP A 45 30.07 46.07 -2.01
N GLU A 46 30.79 44.97 -2.20
CA GLU A 46 31.83 44.90 -3.23
C GLU A 46 31.21 44.38 -4.53
N ASN A 47 30.68 45.30 -5.33
CA ASN A 47 30.14 45.02 -6.66
C ASN A 47 29.00 44.00 -6.63
N CYS A 48 28.43 43.74 -5.46
CA CYS A 48 27.36 42.75 -5.29
C CYS A 48 27.77 41.39 -5.85
N THR A 49 29.02 41.01 -5.61
CA THR A 49 29.55 39.72 -6.04
C THR A 49 30.11 39.01 -4.82
N LEU A 50 29.47 37.91 -4.43
CA LEU A 50 29.84 37.19 -3.22
C LEU A 50 30.38 35.81 -3.57
N PRO A 51 31.69 35.58 -3.49
CA PRO A 51 32.23 34.23 -3.72
C PRO A 51 31.99 33.35 -2.50
N ILE A 52 31.10 32.36 -2.66
CA ILE A 52 30.75 31.44 -1.59
C ILE A 52 31.49 30.14 -1.82
N TYR A 53 32.32 29.75 -0.85
CA TYR A 53 33.15 28.55 -0.95
C TYR A 53 32.46 27.39 -0.24
N VAL A 54 32.35 26.27 -0.94
CA VAL A 54 31.70 25.07 -0.38
C VAL A 54 32.64 23.88 -0.53
N PRO A 55 33.65 23.75 0.34
CA PRO A 55 34.56 22.60 0.24
C PRO A 55 33.98 21.36 0.90
N PHE A 56 34.25 20.21 0.29
CA PHE A 56 33.90 18.89 0.83
C PHE A 56 32.39 18.80 1.06
N ILE A 57 31.66 18.79 -0.05
CA ILE A 57 30.23 18.54 -0.03
C ILE A 57 30.00 17.03 -0.12
N GLU A 58 29.23 16.50 0.82
CA GLU A 58 29.02 15.07 0.96
C GLU A 58 27.69 14.67 0.35
N TYR A 59 27.71 13.60 -0.45
CA TYR A 59 26.54 13.14 -1.19
C TYR A 59 26.10 11.77 -0.69
N GLN A 60 24.79 11.51 -0.81
CA GLN A 60 24.19 10.24 -0.43
C GLN A 60 22.80 10.15 -1.03
N THR A 61 22.47 8.99 -1.58
CA THR A 61 21.14 8.73 -2.13
C THR A 61 20.29 8.03 -1.06
N LEU A 62 19.09 8.57 -0.82
CA LEU A 62 18.19 7.97 0.14
C LEU A 62 17.32 6.88 -0.47
N SER A 63 16.79 7.12 -1.66
CA SER A 63 16.00 6.11 -2.36
C SER A 63 15.91 6.49 -3.83
N VAL A 64 15.78 5.47 -4.68
CA VAL A 64 15.60 5.66 -6.12
C VAL A 64 14.33 4.92 -6.54
N ASN A 65 13.48 5.62 -7.27
CA ASN A 65 12.23 5.04 -7.78
C ASN A 65 12.44 4.58 -9.22
N THR A 66 12.04 3.35 -9.52
CA THR A 66 12.20 2.82 -10.86
C THR A 66 11.04 3.17 -11.78
N LYS A 67 9.81 3.13 -11.27
CA LYS A 67 8.65 3.41 -12.09
C LYS A 67 8.58 4.90 -12.46
N SER A 68 8.76 5.78 -11.47
CA SER A 68 8.72 7.21 -11.71
C SER A 68 10.06 7.81 -12.06
N LEU A 69 11.15 7.03 -11.98
CA LEU A 69 12.49 7.48 -12.33
C LEU A 69 12.89 8.73 -11.54
N ARG A 70 12.61 8.73 -10.24
CA ARG A 70 12.92 9.84 -9.37
C ARG A 70 13.96 9.42 -8.35
N LEU A 71 14.97 10.27 -8.14
CA LEU A 71 16.07 9.99 -7.23
C LEU A 71 16.01 10.95 -6.05
N ASN A 72 15.99 10.40 -4.84
CA ASN A 72 16.03 11.19 -3.62
C ASN A 72 17.44 11.19 -3.07
N SER A 73 17.99 12.38 -2.86
CA SER A 73 19.38 12.52 -2.44
C SER A 73 19.49 13.50 -1.29
N ARG A 74 20.52 13.31 -0.48
CA ARG A 74 20.83 14.19 0.65
C ARG A 74 22.23 14.74 0.46
N LEU A 75 22.37 16.05 0.61
CA LEU A 75 23.64 16.75 0.41
C LEU A 75 24.01 17.48 1.70
N ARG A 76 25.12 17.06 2.31
CA ARG A 76 25.64 17.69 3.51
C ARG A 76 26.91 18.45 3.13
N ALA A 77 26.85 19.78 3.21
CA ALA A 77 27.94 20.65 2.80
C ALA A 77 28.40 21.51 3.97
N ILE A 78 29.51 22.21 3.76
CA ILE A 78 30.07 23.15 4.73
C ILE A 78 30.23 24.47 4.01
N VAL A 79 29.23 25.34 4.11
CA VAL A 79 29.29 26.65 3.46
C VAL A 79 30.27 27.55 4.19
N LYS A 80 30.98 28.38 3.43
CA LYS A 80 31.98 29.28 4.00
C LYS A 80 32.08 30.51 3.12
N TRP A 81 31.54 31.63 3.59
CA TRP A 81 31.58 32.90 2.87
C TRP A 81 32.24 33.95 3.76
N THR A 82 32.25 35.20 3.29
CA THR A 82 32.87 36.31 4.00
C THR A 82 31.83 37.38 4.27
N ASP A 83 31.74 37.83 5.52
CA ASP A 83 30.85 38.91 5.92
C ASP A 83 31.69 40.05 6.49
N PRO A 84 31.99 41.09 5.69
CA PRO A 84 32.85 42.17 6.18
C PRO A 84 32.29 42.90 7.39
N GLN A 85 30.96 43.06 7.48
CA GLN A 85 30.38 43.76 8.61
C GLN A 85 30.57 42.99 9.92
N LEU A 86 30.49 41.66 9.85
CA LEU A 86 30.63 40.84 11.04
C LEU A 86 32.11 40.59 11.36
N ALA A 87 32.89 41.67 11.46
CA ALA A 87 34.31 41.59 11.78
C ALA A 87 34.63 42.66 12.80
N TRP A 88 35.13 42.24 13.96
CA TRP A 88 35.46 43.15 15.04
C TRP A 88 36.95 43.46 15.03
N ASP A 89 37.37 44.29 15.99
CA ASP A 89 38.77 44.68 16.13
C ASP A 89 39.41 43.79 17.20
N THR A 90 40.49 43.11 16.83
CA THR A 90 41.14 42.19 17.75
C THR A 90 41.85 42.89 18.90
N SER A 91 42.01 44.21 18.84
CA SER A 91 42.64 44.94 19.94
C SER A 91 41.66 45.16 21.08
N VAL A 92 40.48 45.70 20.79
CA VAL A 92 39.47 45.90 21.81
C VAL A 92 38.90 44.56 22.28
N TYR A 93 38.72 43.63 21.35
CA TYR A 93 38.21 42.30 21.66
C TYR A 93 39.31 41.27 21.42
N PRO A 94 40.00 40.79 22.46
CA PRO A 94 41.10 39.85 22.27
C PRO A 94 40.62 38.41 22.05
N TYR A 95 39.84 38.22 21.00
CA TYR A 95 39.30 36.90 20.67
C TYR A 95 39.42 36.68 19.17
N ASP A 96 39.50 35.40 18.79
CA ASP A 96 39.69 35.02 17.40
C ASP A 96 38.47 34.38 16.76
N ALA A 97 37.47 33.99 17.56
CA ALA A 97 36.27 33.36 17.02
C ALA A 97 35.11 33.58 17.98
N VAL A 98 33.90 33.45 17.43
CA VAL A 98 32.67 33.60 18.21
C VAL A 98 31.55 32.95 17.42
N MET A 99 30.57 32.40 18.14
CA MET A 99 29.45 31.70 17.53
C MET A 99 28.16 32.49 17.76
N LEU A 100 27.42 32.71 16.69
CA LEU A 100 26.14 33.41 16.71
C LEU A 100 25.04 32.51 16.16
N PRO A 101 23.79 32.74 16.56
CA PRO A 101 22.69 31.96 15.98
C PRO A 101 22.55 32.24 14.49
N VAL A 102 22.11 31.22 13.76
CA VAL A 102 22.04 31.31 12.30
C VAL A 102 21.00 32.32 11.85
N ASP A 103 19.95 32.53 12.64
CA ASP A 103 18.87 33.43 12.24
C ASP A 103 19.16 34.89 12.55
N LYS A 104 20.26 35.20 13.23
CA LYS A 104 20.60 36.58 13.54
C LYS A 104 21.47 37.25 12.49
N ILE A 105 22.00 36.50 11.53
CA ILE A 105 22.82 37.04 10.45
C ILE A 105 22.33 36.46 9.13
N TRP A 106 22.91 36.94 8.04
CA TRP A 106 22.55 36.47 6.71
C TRP A 106 23.26 35.16 6.40
N THR A 107 22.52 34.23 5.80
CA THR A 107 23.05 32.92 5.45
C THR A 107 22.57 32.57 4.04
N PRO A 108 23.45 32.14 3.15
CA PRO A 108 23.02 31.77 1.80
C PRO A 108 22.16 30.52 1.81
N VAL A 109 21.27 30.44 0.82
CA VAL A 109 20.34 29.32 0.68
C VAL A 109 20.75 28.56 -0.58
N LEU A 110 21.46 27.45 -0.39
CA LEU A 110 21.86 26.62 -1.53
C LEU A 110 20.65 25.87 -2.08
N GLN A 111 20.60 25.72 -3.40
CA GLN A 111 19.46 25.13 -4.08
C GLN A 111 19.94 24.02 -5.02
N VAL A 112 19.01 23.13 -5.33
CA VAL A 112 19.21 22.13 -6.38
C VAL A 112 18.25 22.48 -7.52
N LYS A 113 18.73 23.23 -8.50
CA LYS A 113 17.85 23.74 -9.55
C LYS A 113 17.44 22.65 -10.53
N ASN A 114 18.27 21.63 -10.69
CA ASN A 114 17.98 20.60 -11.69
C ASN A 114 16.73 19.81 -11.34
N GLY A 115 16.53 19.48 -10.06
CA GLY A 115 15.43 18.65 -9.63
C GLY A 115 14.33 19.43 -8.92
N ILE A 116 13.27 18.69 -8.61
CA ILE A 116 12.11 19.25 -7.93
C ILE A 116 12.27 19.10 -6.42
N SER A 117 11.48 19.87 -5.68
CA SER A 117 11.36 19.73 -4.23
C SER A 117 12.73 19.79 -3.55
N THR A 118 13.39 20.93 -3.69
CA THR A 118 14.66 21.18 -3.03
C THR A 118 14.41 21.96 -1.74
N ASN A 119 15.03 21.50 -0.65
CA ASN A 119 14.85 22.12 0.65
C ASN A 119 16.15 22.06 1.42
N MET A 120 16.59 23.20 1.94
CA MET A 120 17.82 23.31 2.71
C MET A 120 17.49 23.50 4.18
N LYS A 121 18.17 22.73 5.03
CA LYS A 121 17.95 22.77 6.47
C LYS A 121 19.30 22.93 7.18
N HIS A 122 19.31 23.76 8.22
CA HIS A 122 20.52 23.98 8.98
C HIS A 122 20.83 22.76 9.84
N ASP A 123 22.08 22.28 9.77
CA ASP A 123 22.48 21.16 10.62
C ASP A 123 22.45 21.55 12.09
N ALA A 124 22.91 22.76 12.41
CA ALA A 124 22.92 23.26 13.78
C ALA A 124 22.38 24.68 13.79
N ASN A 125 22.04 25.16 14.98
CA ASN A 125 21.51 26.50 15.16
C ASN A 125 22.59 27.55 15.41
N ASP A 126 23.86 27.17 15.35
CA ASP A 126 24.96 28.09 15.57
C ASP A 126 25.96 27.98 14.43
N LEU A 127 26.63 29.10 14.14
CA LEU A 127 27.67 29.15 13.12
C LEU A 127 28.87 29.91 13.67
N LEU A 128 30.05 29.57 13.16
CA LEU A 128 31.30 30.13 13.65
C LEU A 128 31.71 31.33 12.80
N VAL A 129 32.07 32.42 13.46
CA VAL A 129 32.50 33.65 12.80
C VAL A 129 33.90 33.98 13.29
N TYR A 130 34.82 34.24 12.35
CA TYR A 130 36.19 34.56 12.69
C TYR A 130 36.38 36.07 12.82
N SER A 131 37.58 36.45 13.27
CA SER A 131 37.87 37.86 13.51
C SER A 131 37.94 38.68 12.23
N ASN A 132 38.13 38.04 11.08
CA ASN A 132 38.26 38.75 9.81
C ASN A 132 36.96 38.72 9.00
N GLY A 133 35.88 38.21 9.56
CA GLY A 133 34.59 38.20 8.90
C GLY A 133 34.20 36.89 8.26
N THR A 134 35.13 35.94 8.15
CA THR A 134 34.81 34.65 7.56
C THR A 134 33.81 33.90 8.44
N VAL A 135 32.79 33.33 7.81
CA VAL A 135 31.71 32.63 8.50
C VAL A 135 31.69 31.19 8.04
N ASN A 136 31.63 30.26 8.99
CA ASN A 136 31.57 28.83 8.71
C ASN A 136 30.20 28.31 9.13
N HIS A 137 29.52 27.63 8.21
CA HIS A 137 28.19 27.10 8.46
C HIS A 137 27.98 25.87 7.59
N GLU A 138 27.43 24.81 8.20
CA GLU A 138 27.17 23.56 7.50
C GLU A 138 25.66 23.41 7.31
N VAL A 139 25.26 23.00 6.10
CA VAL A 139 23.86 22.86 5.74
C VAL A 139 23.62 21.47 5.19
N GLN A 140 22.36 21.05 5.24
CA GLN A 140 21.93 19.76 4.70
C GLN A 140 20.81 20.02 3.70
N ILE A 141 20.99 19.53 2.48
CA ILE A 141 20.06 19.78 1.38
C ILE A 141 19.43 18.46 0.97
N ASN A 142 18.10 18.40 0.98
CA ASN A 142 17.34 17.25 0.51
C ASN A 142 16.60 17.65 -0.75
N ALA A 143 16.83 16.93 -1.84
CA ALA A 143 16.23 17.24 -3.12
C ALA A 143 15.74 15.96 -3.79
N GLU A 144 14.75 16.12 -4.65
CA GLU A 144 14.20 15.03 -5.45
C GLU A 144 14.46 15.33 -6.91
N ILE A 145 15.30 14.51 -7.55
CA ILE A 145 15.76 14.75 -8.91
C ILE A 145 15.06 13.79 -9.85
N ASN A 146 14.45 14.34 -10.90
CA ASN A 146 13.86 13.53 -11.96
C ASN A 146 14.97 12.93 -12.80
N CYS A 147 15.37 11.70 -12.47
CA CYS A 147 16.51 11.08 -13.11
C CYS A 147 16.10 10.42 -14.43
N GLU A 148 16.90 10.64 -15.46
CA GLU A 148 16.70 10.04 -16.77
C GLU A 148 17.79 9.00 -17.00
N VAL A 149 17.40 7.73 -17.06
CA VAL A 149 18.32 6.63 -17.28
C VAL A 149 17.78 5.75 -18.40
N ASN A 150 18.68 5.22 -19.22
CA ASN A 150 18.29 4.35 -20.32
C ASN A 150 17.88 3.00 -19.76
N LEU A 151 16.58 2.79 -19.57
CA LEU A 151 16.04 1.56 -19.03
C LEU A 151 15.60 0.60 -20.13
N PHE A 152 16.24 0.64 -21.30
CA PHE A 152 15.92 -0.31 -22.35
C PHE A 152 16.23 -1.73 -21.92
N ASN A 153 17.35 -1.94 -21.24
CA ASN A 153 17.76 -3.26 -20.77
C ASN A 153 17.52 -3.33 -19.26
N TYR A 154 16.33 -3.77 -18.90
CA TYR A 154 16.15 -4.09 -17.48
C TYR A 154 16.38 -5.58 -17.26
N PRO A 155 17.11 -5.97 -16.21
CA PRO A 155 17.74 -5.11 -15.18
C PRO A 155 19.13 -4.55 -15.53
N PHE A 156 19.72 -4.89 -16.68
CA PHE A 156 21.10 -4.48 -16.98
C PHE A 156 21.09 -3.03 -17.45
N ALA A 157 21.02 -2.12 -16.49
CA ALA A 157 20.87 -0.71 -16.79
C ALA A 157 21.77 0.12 -15.88
N GLY A 158 22.13 1.32 -16.35
CA GLY A 158 22.94 2.25 -15.59
C GLY A 158 23.28 3.50 -16.38
N ASP A 159 23.16 4.66 -15.76
CA ASP A 159 23.43 5.91 -16.44
C ASP A 159 23.82 6.98 -15.42
N GLU A 160 24.49 8.01 -15.91
CA GLU A 160 24.94 9.11 -15.06
C GLU A 160 23.81 10.10 -14.86
N CYS A 161 23.56 10.45 -13.59
CA CYS A 161 22.47 11.34 -13.23
C CYS A 161 23.01 12.67 -12.73
N PRO A 162 22.83 13.76 -13.48
CA PRO A 162 23.35 15.06 -13.02
C PRO A 162 22.52 15.64 -11.89
N VAL A 163 23.21 16.21 -10.91
CA VAL A 163 22.58 16.92 -9.79
C VAL A 163 23.24 18.29 -9.71
N ALA A 164 22.45 19.33 -10.00
CA ALA A 164 22.98 20.69 -10.04
C ALA A 164 22.89 21.33 -8.66
N ILE A 165 23.91 22.12 -8.33
CA ILE A 165 23.95 22.89 -7.09
C ILE A 165 24.12 24.35 -7.47
N GLU A 166 23.21 25.20 -6.99
CA GLU A 166 23.18 26.59 -7.41
C GLU A 166 22.72 27.47 -6.27
N THR A 167 23.11 28.75 -6.35
CA THR A 167 22.69 29.78 -5.41
C THR A 167 22.04 30.91 -6.20
N PHE A 168 21.14 31.64 -5.54
CA PHE A 168 20.38 32.69 -6.22
C PHE A 168 21.31 33.72 -6.85
N SER A 169 21.02 34.06 -8.11
CA SER A 169 21.82 35.02 -8.87
C SER A 169 20.90 35.66 -9.90
N SER A 170 20.49 36.90 -9.66
CA SER A 170 19.55 37.61 -10.53
C SER A 170 20.19 38.90 -11.02
N GLY A 171 20.19 39.08 -12.35
CA GLY A 171 20.64 40.34 -12.93
C GLY A 171 22.08 40.65 -12.60
N GLU A 172 22.33 41.88 -12.16
CA GLU A 172 23.69 42.31 -11.87
C GLU A 172 24.31 41.52 -10.72
N CYS A 173 23.52 41.27 -9.67
CA CYS A 173 24.04 40.60 -8.48
C CYS A 173 24.20 39.10 -8.75
N VAL A 174 25.42 38.61 -8.65
CA VAL A 174 25.75 37.21 -8.89
C VAL A 174 26.59 36.70 -7.73
N THR A 175 26.26 35.53 -7.22
CA THR A 175 26.98 34.89 -6.11
C THR A 175 27.54 33.57 -6.64
N THR A 176 28.76 33.61 -7.18
CA THR A 176 29.38 32.41 -7.69
C THR A 176 29.71 31.45 -6.56
N LEU A 177 29.50 30.16 -6.81
CA LEU A 177 29.74 29.11 -5.83
C LEU A 177 30.96 28.29 -6.26
N ILE A 178 31.89 28.10 -5.34
CA ILE A 178 33.13 27.38 -5.59
C ILE A 178 33.07 26.05 -4.86
N LEU A 179 33.18 24.96 -5.62
CA LEU A 179 33.19 23.61 -5.06
C LEU A 179 34.59 23.04 -5.12
N ASP A 180 34.97 22.29 -4.09
CA ASP A 180 36.32 21.75 -3.99
C ASP A 180 36.35 20.22 -4.08
N GLN A 181 35.61 19.53 -3.21
CA GLN A 181 35.67 18.08 -3.16
C GLN A 181 34.27 17.51 -2.95
N VAL A 182 34.07 16.29 -3.44
CA VAL A 182 32.82 15.56 -3.27
C VAL A 182 33.15 14.17 -2.75
N ARG A 183 32.51 13.78 -1.64
CA ARG A 183 32.66 12.45 -1.06
C ARG A 183 31.28 11.82 -0.95
N SER A 184 31.13 10.63 -1.51
CA SER A 184 29.85 9.95 -1.60
C SER A 184 29.82 8.75 -0.67
N LEU A 185 28.71 8.60 0.06
CA LEU A 185 28.48 7.42 0.89
C LEU A 185 27.82 6.34 0.04
N ASP A 186 28.63 5.77 -0.85
CA ASP A 186 28.12 4.81 -1.82
C ASP A 186 27.57 3.57 -1.13
N GLY A 187 26.49 3.04 -1.69
CA GLY A 187 25.82 1.87 -1.13
C GLY A 187 24.44 1.69 -1.73
N SER A 188 24.01 0.45 -1.87
CA SER A 188 22.71 0.17 -2.47
C SER A 188 21.58 0.72 -1.60
N THR A 189 20.62 1.37 -2.24
CA THR A 189 19.43 1.88 -1.58
C THR A 189 18.20 1.01 -1.82
N GLY A 190 18.41 -0.20 -2.34
CA GLY A 190 17.32 -1.06 -2.75
C GLY A 190 17.69 -1.81 -4.01
N ASP A 191 16.89 -1.67 -5.07
CA ASP A 191 17.25 -2.27 -6.34
C ASP A 191 18.41 -1.52 -7.01
N TRP A 192 18.51 -0.22 -6.76
CA TRP A 192 19.55 0.61 -7.37
C TRP A 192 20.75 0.71 -6.43
N GLN A 193 21.94 0.73 -7.01
CA GLN A 193 23.18 0.88 -6.26
C GLN A 193 23.92 2.11 -6.76
N THR A 194 24.32 2.97 -5.85
CA THR A 194 25.08 4.16 -6.18
C THR A 194 26.56 3.82 -6.28
N THR A 195 27.19 4.21 -7.38
CA THR A 195 28.57 3.84 -7.65
C THR A 195 29.57 4.97 -7.35
N TYR A 196 29.24 6.20 -7.72
CA TYR A 196 30.18 7.31 -7.54
C TYR A 196 29.41 8.61 -7.57
N ALA A 197 30.13 9.69 -7.22
CA ALA A 197 29.59 11.05 -7.31
C ALA A 197 30.75 11.98 -7.60
N ARG A 198 30.92 12.33 -8.88
CA ARG A 198 32.04 13.14 -9.33
C ARG A 198 31.60 14.57 -9.60
N LEU A 199 32.54 15.50 -9.46
CA LEU A 199 32.29 16.91 -9.65
C LEU A 199 32.64 17.29 -11.08
N LYS A 200 31.67 17.85 -11.80
CA LYS A 200 31.85 18.30 -13.18
C LYS A 200 31.36 19.74 -13.30
N LYS A 201 31.41 20.27 -14.53
CA LYS A 201 31.00 21.63 -14.81
C LYS A 201 30.08 21.66 -16.00
N GLN A 202 29.11 22.56 -15.98
CA GLN A 202 28.15 22.71 -17.06
C GLN A 202 28.67 23.75 -18.06
N ARG A 203 27.80 24.18 -18.98
CA ARG A 203 28.21 25.10 -20.02
C ARG A 203 28.54 26.48 -19.45
N GLU A 204 27.57 27.12 -18.80
CA GLU A 204 27.75 28.48 -18.29
C GLU A 204 28.38 28.49 -16.91
N ASP A 205 29.50 27.78 -16.77
CA ASP A 205 30.27 27.72 -15.52
C ASP A 205 29.39 27.34 -14.34
N ARG A 206 28.51 26.37 -14.56
CA ARG A 206 27.57 25.92 -13.52
C ARG A 206 28.09 24.61 -12.93
N ASN A 207 28.24 24.58 -11.61
CA ASN A 207 28.71 23.39 -10.93
C ASN A 207 27.57 22.40 -10.73
N PHE A 208 27.79 21.14 -11.11
CA PHE A 208 26.82 20.09 -10.90
C PHE A 208 27.55 18.80 -10.52
N ILE A 209 26.85 17.93 -9.82
CA ILE A 209 27.41 16.68 -9.31
C ILE A 209 26.91 15.54 -10.20
N ALA A 210 27.85 14.82 -10.80
CA ALA A 210 27.52 13.69 -11.66
C ALA A 210 27.44 12.43 -10.80
N VAL A 211 26.24 11.85 -10.71
CA VAL A 211 25.97 10.70 -9.86
C VAL A 211 25.81 9.47 -10.74
N GLY A 212 26.57 8.42 -10.44
CA GLY A 212 26.46 7.18 -11.18
C GLY A 212 25.53 6.20 -10.51
N LEU A 213 24.51 5.75 -11.24
CA LEU A 213 23.50 4.84 -10.71
C LEU A 213 23.56 3.53 -11.49
N LYS A 214 23.54 2.42 -10.76
CA LYS A 214 23.55 1.10 -11.36
C LYS A 214 22.52 0.23 -10.66
N ILE A 215 21.98 -0.74 -11.40
CA ILE A 215 20.96 -1.65 -10.89
C ILE A 215 21.63 -2.97 -10.57
N ASN A 216 21.51 -3.42 -9.33
CA ASN A 216 21.95 -4.76 -8.96
C ASN A 216 21.00 -5.76 -9.61
N TYR A 217 21.49 -6.48 -10.62
CA TYR A 217 20.64 -7.30 -11.46
C TYR A 217 20.37 -8.69 -10.88
N SER A 218 20.93 -9.02 -9.73
CA SER A 218 20.69 -10.34 -9.14
C SER A 218 19.22 -10.50 -8.77
N SER A 219 18.67 -9.55 -8.01
CA SER A 219 17.28 -9.66 -7.58
C SER A 219 16.28 -9.63 -8.74
N PRO A 220 16.30 -8.66 -9.66
CA PRO A 220 15.33 -8.70 -10.76
C PRO A 220 15.46 -9.94 -11.62
N LEU A 221 16.69 -10.38 -11.89
CA LEU A 221 16.89 -11.62 -12.63
C LEU A 221 16.20 -12.78 -11.93
N MET A 222 16.61 -13.05 -10.68
CA MET A 222 16.09 -14.20 -9.96
C MET A 222 14.59 -14.13 -9.75
N THR A 223 14.01 -12.93 -9.71
CA THR A 223 12.57 -12.83 -9.44
C THR A 223 11.72 -12.84 -10.70
N LEU A 224 12.25 -12.41 -11.85
CA LEU A 224 11.43 -12.32 -13.06
C LEU A 224 11.95 -13.16 -14.21
N LEU A 225 13.24 -13.08 -14.52
CA LEU A 225 13.72 -13.66 -15.77
C LEU A 225 13.84 -15.18 -15.68
N LEU A 226 14.40 -15.70 -14.59
CA LEU A 226 14.53 -17.15 -14.46
C LEU A 226 13.17 -17.85 -14.43
N PRO A 227 12.18 -17.42 -13.64
CA PRO A 227 10.87 -18.08 -13.72
C PRO A 227 10.26 -18.03 -15.10
N THR A 228 10.44 -16.92 -15.83
CA THR A 228 9.92 -16.82 -17.19
C THR A 228 10.56 -17.86 -18.10
N VAL A 229 11.90 -17.96 -18.05
CA VAL A 229 12.61 -18.92 -18.89
C VAL A 229 12.19 -20.34 -18.53
N LEU A 230 12.05 -20.63 -17.24
CA LEU A 230 11.64 -21.96 -16.81
C LEU A 230 10.23 -22.29 -17.30
N ILE A 231 9.31 -21.31 -17.23
CA ILE A 231 7.95 -21.53 -17.72
C ILE A 231 7.95 -21.78 -19.22
N VAL A 232 8.74 -21.02 -19.97
CA VAL A 232 8.79 -21.20 -21.42
C VAL A 232 9.37 -22.57 -21.76
N LEU A 233 10.41 -23.00 -21.04
CA LEU A 233 10.98 -24.33 -21.27
C LEU A 233 9.98 -25.42 -20.93
N ALA A 234 9.23 -25.24 -19.83
CA ALA A 234 8.18 -26.19 -19.48
C ALA A 234 7.14 -26.28 -20.58
N ASP A 235 6.77 -25.13 -21.16
CA ASP A 235 5.83 -25.14 -22.28
C ASP A 235 6.42 -25.88 -23.48
N PHE A 236 7.72 -25.68 -23.75
CA PHE A 236 8.36 -26.37 -24.86
C PHE A 236 8.30 -27.88 -24.69
N VAL A 237 8.58 -28.36 -23.47
CA VAL A 237 8.62 -29.79 -23.23
C VAL A 237 7.22 -30.38 -23.01
N SER A 238 6.22 -29.53 -22.71
CA SER A 238 4.88 -30.02 -22.43
C SER A 238 4.24 -30.73 -23.62
N PHE A 239 4.78 -30.57 -24.82
CA PHE A 239 4.30 -31.32 -25.96
C PHE A 239 4.52 -32.83 -25.83
N ALA A 240 5.37 -33.25 -24.88
CA ALA A 240 5.57 -34.67 -24.65
C ALA A 240 4.30 -35.35 -24.14
N LEU A 241 3.43 -34.60 -23.47
CA LEU A 241 2.21 -35.18 -22.91
C LEU A 241 1.30 -35.63 -24.05
N PRO A 242 0.85 -36.89 -24.06
CA PRO A 242 -0.04 -37.34 -25.12
C PRO A 242 -1.38 -36.61 -25.08
N LEU A 243 -1.96 -36.43 -26.27
CA LEU A 243 -3.24 -35.72 -26.36
C LEU A 243 -4.37 -36.50 -25.71
N HIS A 244 -4.43 -37.81 -25.96
CA HIS A 244 -5.53 -38.62 -25.43
C HIS A 244 -5.44 -38.76 -23.91
N GLY A 245 -4.23 -38.86 -23.38
CA GLY A 245 -4.06 -39.10 -21.95
C GLY A 245 -4.55 -37.97 -21.07
N GLY A 246 -4.70 -36.77 -21.62
CA GLY A 246 -5.16 -35.64 -20.84
C GLY A 246 -4.06 -35.01 -20.01
N GLY A 247 -4.46 -34.01 -19.23
CA GLY A 247 -3.50 -33.31 -18.39
C GLY A 247 -2.53 -32.44 -19.16
N ARG A 248 -2.91 -32.01 -20.36
CA ARG A 248 -2.05 -31.19 -21.21
C ARG A 248 -2.56 -29.78 -21.39
N ASN A 249 -3.85 -29.61 -21.69
CA ASN A 249 -4.39 -28.28 -21.91
C ASN A 249 -4.50 -27.48 -20.62
N GLY A 250 -4.83 -28.15 -19.50
CA GLY A 250 -4.83 -27.46 -18.22
C GLY A 250 -3.46 -26.98 -17.82
N PHE A 251 -2.43 -27.79 -18.11
CA PHE A 251 -1.05 -27.38 -17.90
C PHE A 251 -0.75 -26.07 -18.62
N LYS A 252 -1.09 -26.01 -19.90
CA LYS A 252 -0.78 -24.82 -20.70
C LYS A 252 -1.61 -23.63 -20.27
N VAL A 253 -2.86 -23.84 -19.88
CA VAL A 253 -3.69 -22.71 -19.46
C VAL A 253 -3.19 -22.16 -18.13
N THR A 254 -2.72 -23.03 -17.22
CA THR A 254 -2.12 -22.54 -16.00
C THR A 254 -0.85 -21.75 -16.29
N LEU A 255 -0.04 -22.23 -17.24
CA LEU A 255 1.15 -21.48 -17.65
C LEU A 255 0.78 -20.11 -18.20
N VAL A 256 -0.28 -20.05 -19.02
CA VAL A 256 -0.68 -18.79 -19.63
C VAL A 256 -1.21 -17.81 -18.58
N LEU A 257 -2.00 -18.30 -17.62
CA LEU A 257 -2.47 -17.42 -16.55
C LEU A 257 -1.31 -16.94 -15.69
N SER A 258 -0.33 -17.80 -15.43
CA SER A 258 0.86 -17.37 -14.71
C SER A 258 1.60 -16.28 -15.47
N PHE A 259 1.67 -16.41 -16.80
CA PHE A 259 2.35 -15.39 -17.58
C PHE A 259 1.56 -14.08 -17.63
N VAL A 260 0.23 -14.16 -17.58
CA VAL A 260 -0.57 -12.95 -17.45
C VAL A 260 -0.28 -12.24 -16.13
N MET A 261 -0.19 -13.02 -15.05
CA MET A 261 0.19 -12.46 -13.76
C MET A 261 1.58 -11.84 -13.83
N PHE A 262 2.51 -12.48 -14.54
CA PHE A 262 3.84 -11.92 -14.74
C PHE A 262 3.79 -10.59 -15.48
N LEU A 263 2.97 -10.51 -16.52
CA LEU A 263 2.81 -9.25 -17.25
C LEU A 263 2.31 -8.14 -16.34
N ASN A 264 1.28 -8.45 -15.54
CA ASN A 264 0.74 -7.44 -14.64
C ASN A 264 1.79 -6.99 -13.61
N LEU A 265 2.50 -7.95 -13.02
CA LEU A 265 3.51 -7.62 -12.02
C LEU A 265 4.63 -6.78 -12.62
N LEU A 266 5.10 -7.15 -13.81
CA LEU A 266 6.18 -6.41 -14.46
C LEU A 266 5.73 -5.00 -14.85
N ASN A 267 4.49 -4.87 -15.34
CA ASN A 267 3.98 -3.55 -15.68
C ASN A 267 3.77 -2.69 -14.44
N SER A 268 3.54 -3.31 -13.29
CA SER A 268 3.32 -2.53 -12.07
C SER A 268 4.56 -1.80 -11.57
N GLN A 269 5.74 -2.10 -12.11
CA GLN A 269 6.96 -1.49 -11.58
C GLN A 269 7.94 -1.08 -12.68
N LEU A 270 7.44 -0.73 -13.86
CA LEU A 270 8.32 -0.31 -14.95
C LEU A 270 7.67 0.82 -15.74
N PRO A 271 8.46 1.84 -16.12
CA PRO A 271 7.92 2.98 -16.88
C PRO A 271 7.85 2.68 -18.37
N GLY A 272 6.62 2.62 -18.90
CA GLY A 272 6.43 2.50 -20.33
C GLY A 272 6.29 3.86 -20.99
N ASN A 273 7.37 4.64 -21.01
CA ASN A 273 7.29 6.02 -21.45
C ASN A 273 7.24 6.13 -22.96
N GLY A 274 8.27 5.65 -23.66
CA GLY A 274 8.37 5.83 -25.09
C GLY A 274 9.52 5.07 -25.70
N ASP A 275 10.28 5.74 -26.57
CA ASP A 275 11.45 5.11 -27.17
C ASP A 275 12.46 4.71 -26.09
N CYS A 276 13.14 3.60 -26.32
CA CYS A 276 14.09 3.02 -25.36
C CYS A 276 13.40 2.68 -24.04
N SER A 277 12.16 2.21 -24.13
CA SER A 277 11.46 1.65 -22.98
C SER A 277 11.96 0.24 -22.71
N PRO A 278 11.73 -0.29 -21.51
CA PRO A 278 12.16 -1.66 -21.22
C PRO A 278 11.62 -2.65 -22.24
N ILE A 279 12.51 -3.51 -22.75
CA ILE A 279 12.11 -4.50 -23.75
C ILE A 279 11.60 -5.79 -23.11
N ILE A 280 11.76 -5.95 -21.80
CA ILE A 280 11.25 -7.13 -21.12
C ILE A 280 9.73 -7.18 -21.23
N ARG A 281 9.07 -6.03 -21.31
CA ARG A 281 7.61 -6.01 -21.51
C ARG A 281 7.24 -6.60 -22.86
N ILE A 282 7.96 -6.21 -23.92
CA ILE A 282 7.71 -6.78 -25.25
C ILE A 282 8.03 -8.27 -25.26
N HIS A 283 9.10 -8.66 -24.56
CA HIS A 283 9.47 -10.08 -24.49
C HIS A 283 8.37 -10.89 -23.81
N PHE A 284 7.83 -10.37 -22.71
CA PHE A 284 6.74 -11.06 -22.02
C PHE A 284 5.50 -11.13 -22.90
N CYS A 285 5.19 -10.05 -23.62
CA CYS A 285 4.04 -10.06 -24.52
C CYS A 285 4.19 -11.12 -25.61
N ILE A 286 5.37 -11.19 -26.21
CA ILE A 286 5.61 -12.17 -27.28
C ILE A 286 5.52 -13.58 -26.73
N CYS A 287 6.09 -13.81 -25.54
CA CYS A 287 6.02 -15.13 -24.93
C CYS A 287 4.59 -15.52 -24.61
N LEU A 288 3.78 -14.57 -24.12
CA LEU A 288 2.38 -14.87 -23.86
C LEU A 288 1.63 -15.23 -25.14
N VAL A 289 1.90 -14.50 -26.22
CA VAL A 289 1.26 -14.82 -27.50
C VAL A 289 1.67 -16.21 -27.96
N LEU A 290 2.96 -16.54 -27.81
CA LEU A 290 3.44 -17.86 -28.20
C LEU A 290 2.78 -18.98 -27.39
N LEU A 291 2.65 -18.77 -26.07
CA LEU A 291 1.99 -19.77 -25.22
C LEU A 291 0.52 -19.93 -25.62
N VAL A 292 -0.16 -18.82 -25.90
CA VAL A 292 -1.56 -18.90 -26.31
C VAL A 292 -1.69 -19.66 -27.62
N LEU A 293 -0.80 -19.39 -28.58
CA LEU A 293 -0.85 -20.11 -29.85
C LEU A 293 -0.59 -21.60 -29.66
N SER A 294 0.36 -21.94 -28.78
CA SER A 294 0.62 -23.34 -28.49
C SER A 294 -0.60 -24.02 -27.89
N MET A 295 -1.27 -23.35 -26.94
CA MET A 295 -2.49 -23.92 -26.37
C MET A 295 -3.57 -24.09 -27.43
N LEU A 296 -3.71 -23.10 -28.31
CA LEU A 296 -4.73 -23.16 -29.36
C LEU A 296 -4.50 -24.37 -30.27
N VAL A 297 -3.27 -24.53 -30.76
CA VAL A 297 -2.99 -25.65 -31.65
C VAL A 297 -3.10 -26.96 -30.92
N SER A 298 -2.73 -27.01 -29.63
CA SER A 298 -2.88 -28.24 -28.86
C SER A 298 -4.35 -28.63 -28.75
N MET A 299 -5.23 -27.67 -28.49
CA MET A 299 -6.65 -27.96 -28.41
C MET A 299 -7.20 -28.42 -29.76
N VAL A 300 -6.77 -27.76 -30.85
CA VAL A 300 -7.24 -28.16 -32.18
C VAL A 300 -6.79 -29.59 -32.49
N LEU A 301 -5.54 -29.92 -32.17
CA LEU A 301 -5.04 -31.26 -32.42
C LEU A 301 -5.71 -32.29 -31.52
N THR A 302 -6.07 -31.92 -30.30
CA THR A 302 -6.84 -32.82 -29.44
C THR A 302 -8.20 -33.12 -30.06
N ARG A 303 -8.88 -32.10 -30.59
CA ARG A 303 -10.14 -32.33 -31.28
C ARG A 303 -9.94 -33.22 -32.50
N LEU A 304 -8.85 -32.99 -33.25
CA LEU A 304 -8.58 -33.81 -34.43
C LEU A 304 -8.37 -35.27 -34.03
N ALA A 305 -7.64 -35.51 -32.93
CA ALA A 305 -7.42 -36.87 -32.46
C ALA A 305 -8.73 -37.51 -32.01
N HIS A 306 -9.57 -36.76 -31.30
CA HIS A 306 -10.81 -37.33 -30.79
C HIS A 306 -11.80 -37.64 -31.91
N ASP A 307 -11.88 -36.77 -32.91
CA ASP A 307 -12.89 -36.92 -33.97
C ASP A 307 -12.35 -37.61 -35.22
N GLY A 308 -11.07 -37.40 -35.56
CA GLY A 308 -10.49 -37.95 -36.75
C GLY A 308 -10.41 -36.99 -37.91
N SER A 309 -11.15 -35.88 -37.85
CA SER A 309 -11.10 -34.87 -38.90
C SER A 309 -11.47 -33.52 -38.30
N LEU A 310 -11.06 -32.46 -38.99
CA LEU A 310 -11.36 -31.09 -38.56
C LEU A 310 -12.66 -30.63 -39.20
N ALA A 311 -13.75 -31.31 -38.81
CA ALA A 311 -15.07 -31.00 -39.31
C ALA A 311 -15.99 -30.39 -38.25
N PHE A 312 -15.60 -30.44 -36.98
CA PHE A 312 -16.42 -29.83 -35.93
C PHE A 312 -16.49 -28.32 -36.11
N PHE A 313 -15.37 -27.69 -36.46
CA PHE A 313 -15.35 -26.24 -36.63
C PHE A 313 -16.07 -25.82 -37.91
N SER A 314 -15.92 -26.60 -38.98
CA SER A 314 -16.54 -26.26 -40.25
C SER A 314 -18.06 -26.36 -40.14
N PRO A 315 -18.81 -25.43 -40.75
CA PRO A 315 -20.27 -25.45 -40.73
C PRO A 315 -20.85 -26.37 -41.80
N VAL A 350 -23.38 -73.88 -37.83
CA VAL A 350 -22.15 -73.10 -37.86
C VAL A 350 -22.48 -71.61 -37.82
N GLN A 351 -23.77 -71.29 -37.85
CA GLN A 351 -24.20 -69.89 -37.80
C GLN A 351 -23.79 -69.24 -36.48
N MET A 352 -23.97 -69.96 -35.37
CA MET A 352 -23.57 -69.42 -34.07
C MET A 352 -22.06 -69.20 -34.00
N LEU A 353 -21.28 -70.15 -34.52
CA LEU A 353 -19.83 -70.03 -34.50
C LEU A 353 -19.32 -68.99 -35.49
N ARG A 354 -20.09 -68.68 -36.54
CA ARG A 354 -19.70 -67.66 -37.49
C ARG A 354 -20.13 -66.26 -37.07
N LYS A 355 -21.18 -66.15 -36.27
CA LYS A 355 -21.62 -64.83 -35.81
C LYS A 355 -20.59 -64.22 -34.86
N VAL A 356 -19.96 -65.02 -34.02
CA VAL A 356 -18.99 -64.50 -33.05
C VAL A 356 -17.75 -63.98 -33.77
N VAL A 357 -17.40 -64.57 -34.92
CA VAL A 357 -16.23 -64.10 -35.67
C VAL A 357 -16.49 -62.71 -36.24
N THR A 358 -17.72 -62.44 -36.68
CA THR A 358 -18.03 -61.14 -37.25
C THR A 358 -17.93 -60.03 -36.20
N PHE A 359 -18.26 -60.34 -34.95
CA PHE A 359 -18.21 -59.33 -33.90
C PHE A 359 -16.78 -59.00 -33.49
N LEU A 360 -15.93 -60.01 -33.39
CA LEU A 360 -14.55 -59.78 -32.95
C LEU A 360 -13.77 -58.95 -33.97
N GLN A 361 -13.94 -59.24 -35.26
CA GLN A 361 -13.25 -58.45 -36.28
C GLN A 361 -13.75 -57.01 -36.30
N ARG A 362 -15.02 -56.78 -35.95
CA ARG A 362 -15.53 -55.42 -35.84
C ARG A 362 -14.83 -54.65 -34.73
N LEU A 363 -14.63 -55.30 -33.58
CA LEU A 363 -13.88 -54.66 -32.49
C LEU A 363 -12.44 -54.40 -32.88
N ASP A 364 -11.82 -55.35 -33.60
CA ASP A 364 -10.46 -55.15 -34.07
C ASP A 364 -10.37 -53.97 -35.02
N ASP A 365 -11.34 -53.84 -35.92
CA ASP A 365 -11.35 -52.71 -36.85
C ASP A 365 -11.56 -51.39 -36.12
N GLN A 366 -12.42 -51.39 -35.08
CA GLN A 366 -12.59 -50.19 -34.28
C GLN A 366 -11.29 -49.80 -33.58
N LYS A 367 -10.58 -50.78 -33.03
CA LYS A 367 -9.29 -50.49 -32.40
C LYS A 367 -8.29 -49.95 -33.43
N ASN A 368 -8.27 -50.53 -34.63
CA ASN A 368 -7.35 -50.08 -35.66
C ASN A 368 -7.65 -48.65 -36.10
N GLN A 369 -8.93 -48.31 -36.27
CA GLN A 369 -9.26 -46.96 -36.70
C GLN A 369 -8.97 -45.95 -35.59
N ASN A 370 -9.19 -46.33 -34.33
CA ASN A 370 -8.77 -45.47 -33.22
C ASN A 370 -7.26 -45.24 -33.26
N GLU A 371 -6.49 -46.30 -33.49
CA GLU A 371 -5.04 -46.18 -33.55
C GLU A 371 -4.60 -45.23 -34.67
N ARG A 372 -5.20 -45.37 -35.86
CA ARG A 372 -4.77 -44.53 -36.97
C ARG A 372 -5.18 -43.08 -36.77
N LYS A 373 -6.39 -42.84 -36.24
CA LYS A 373 -6.83 -41.47 -36.03
C LYS A 373 -6.04 -40.80 -34.91
N HIS A 374 -5.53 -41.57 -33.95
CA HIS A 374 -4.61 -41.01 -32.98
C HIS A 374 -3.21 -40.79 -33.54
N ALA A 375 -2.74 -41.66 -34.45
CA ALA A 375 -1.38 -41.53 -34.96
C ALA A 375 -1.25 -40.39 -35.94
N PHE A 376 -2.29 -40.10 -36.72
CA PHE A 376 -2.25 -38.94 -37.60
C PHE A 376 -2.10 -37.65 -36.80
N ALA A 377 -2.90 -37.51 -35.74
CA ALA A 377 -2.77 -36.34 -34.87
C ALA A 377 -1.44 -36.32 -34.15
N ASP A 378 -0.89 -37.49 -33.80
CA ASP A 378 0.42 -37.53 -33.18
C ASP A 378 1.50 -37.03 -34.14
N LYS A 379 1.39 -37.41 -35.42
CA LYS A 379 2.34 -36.92 -36.42
C LYS A 379 2.25 -35.40 -36.57
N LEU A 380 1.02 -34.86 -36.65
CA LEU A 380 0.87 -33.42 -36.75
C LEU A 380 1.44 -32.72 -35.51
N ASP A 381 1.19 -33.29 -34.34
CA ASP A 381 1.73 -32.72 -33.11
C ASP A 381 3.25 -32.75 -33.09
N LYS A 382 3.85 -33.83 -33.61
CA LYS A 382 5.30 -33.90 -33.68
C LYS A 382 5.87 -32.84 -34.61
N ILE A 383 5.24 -32.65 -35.76
CA ILE A 383 5.71 -31.63 -36.70
C ILE A 383 5.64 -30.25 -36.05
N PHE A 384 4.50 -29.93 -35.43
CA PHE A 384 4.36 -28.63 -34.80
C PHE A 384 5.32 -28.48 -33.62
N PHE A 385 5.56 -29.56 -32.87
CA PHE A 385 6.48 -29.49 -31.74
C PHE A 385 7.89 -29.16 -32.22
N LEU A 386 8.35 -29.82 -33.29
CA LEU A 386 9.66 -29.51 -33.84
C LEU A 386 9.74 -28.05 -34.25
N PHE A 387 8.77 -27.60 -35.06
CA PHE A 387 8.82 -26.22 -35.56
C PHE A 387 8.76 -25.22 -34.41
N TYR A 388 7.86 -25.43 -33.46
CA TYR A 388 7.67 -24.50 -32.36
C TYR A 388 8.88 -24.46 -31.45
N VAL A 389 9.49 -25.61 -31.15
CA VAL A 389 10.65 -25.61 -30.27
C VAL A 389 11.83 -24.92 -30.94
N ILE A 390 12.01 -25.13 -32.25
CA ILE A 390 13.11 -24.46 -32.94
C ILE A 390 12.90 -22.95 -32.95
N LEU A 391 11.69 -22.52 -33.31
CA LEU A 391 11.41 -21.09 -33.37
C LEU A 391 11.52 -20.44 -31.99
N GLY A 392 11.02 -21.13 -30.96
CA GLY A 392 11.08 -20.57 -29.62
C GLY A 392 12.49 -20.46 -29.09
N LEU A 393 13.32 -21.48 -29.33
CA LEU A 393 14.72 -21.39 -28.91
C LEU A 393 15.43 -20.26 -29.62
N ILE A 394 15.20 -20.12 -30.93
CA ILE A 394 15.84 -19.04 -31.69
C ILE A 394 15.41 -17.68 -31.14
N TYR A 395 14.10 -17.51 -30.91
CA TYR A 395 13.60 -16.24 -30.42
C TYR A 395 14.13 -15.93 -29.02
N MET A 396 14.18 -16.94 -28.14
CA MET A 396 14.68 -16.73 -26.80
C MET A 396 16.14 -16.30 -26.82
N CYS A 397 16.96 -16.98 -27.63
CA CYS A 397 18.37 -16.59 -27.72
C CYS A 397 18.52 -15.17 -28.27
N VAL A 398 17.75 -14.83 -29.30
CA VAL A 398 17.84 -13.50 -29.90
C VAL A 398 17.43 -12.42 -28.91
N MET A 399 16.33 -12.66 -28.19
CA MET A 399 15.84 -11.66 -27.24
C MET A 399 16.81 -11.50 -26.06
N LEU A 400 17.38 -12.60 -25.57
CA LEU A 400 18.36 -12.48 -24.49
C LEU A 400 19.60 -11.73 -24.97
N GLY A 401 20.07 -12.01 -26.18
CA GLY A 401 21.19 -11.28 -26.71
C GLY A 401 20.91 -9.79 -26.86
N ILE A 402 19.71 -9.45 -27.31
CA ILE A 402 19.33 -8.05 -27.44
C ILE A 402 19.27 -7.38 -26.07
N MET A 403 18.68 -8.05 -25.08
CA MET A 403 18.59 -7.47 -23.74
C MET A 403 19.96 -7.34 -23.09
N VAL A 404 20.91 -8.17 -23.48
CA VAL A 404 22.23 -8.15 -22.83
C VAL A 404 23.18 -7.16 -23.51
N ALA A 405 23.23 -7.13 -24.84
CA ALA A 405 24.26 -6.41 -25.57
C ALA A 405 23.67 -5.54 -26.67
N TYR A 406 22.62 -4.79 -26.33
CA TYR A 406 22.07 -3.81 -27.28
C TYR A 406 21.49 -2.63 -26.50
N THR B 25 26.27 55.33 2.88
CA THR B 25 26.36 55.40 1.43
C THR B 25 26.75 54.04 0.84
N THR B 26 27.03 53.08 1.72
CA THR B 26 27.37 51.75 1.27
C THR B 26 26.13 51.03 0.75
N ARG B 27 26.35 50.10 -0.20
CA ARG B 27 25.23 49.32 -0.73
C ARG B 27 24.54 48.53 0.36
N ARG B 28 25.31 47.91 1.25
CA ARG B 28 24.70 47.21 2.39
C ARG B 28 23.99 48.20 3.31
N CYS B 29 24.56 49.38 3.50
CA CYS B 29 23.88 50.41 4.29
C CYS B 29 22.58 50.83 3.63
N LEU B 30 22.57 50.91 2.30
CA LEU B 30 21.33 51.19 1.58
C LEU B 30 20.32 50.07 1.78
N ALA B 31 20.78 48.81 1.74
CA ALA B 31 19.90 47.69 1.98
C ALA B 31 19.31 47.72 3.38
N GLN B 32 20.13 48.07 4.38
CA GLN B 32 19.63 48.16 5.75
C GLN B 32 18.61 49.27 5.89
N MET B 33 18.80 50.38 5.18
CA MET B 33 17.86 51.49 5.24
C MET B 33 16.49 51.07 4.72
N LEU B 34 16.46 50.32 3.62
CA LEU B 34 15.20 49.86 3.05
C LEU B 34 14.48 48.89 3.98
N ILE B 35 15.24 48.04 4.68
CA ILE B 35 14.63 47.10 5.62
C ILE B 35 14.03 47.86 6.81
N ASP B 36 14.72 48.90 7.28
CA ASP B 36 14.24 49.67 8.42
C ASP B 36 12.92 50.40 8.13
N MET B 37 12.59 50.60 6.85
CA MET B 37 11.33 51.24 6.52
C MET B 37 10.13 50.36 6.87
N GLU B 38 10.29 49.04 6.78
CA GLU B 38 9.24 48.07 7.09
C GLU B 38 8.00 48.33 6.22
N MET B 39 8.21 48.20 4.91
CA MET B 39 7.14 48.41 3.93
C MET B 39 6.50 47.05 3.61
N LEU B 40 5.72 46.55 4.56
CA LEU B 40 5.08 45.25 4.45
C LEU B 40 3.66 45.33 3.90
N SER B 41 3.19 46.52 3.53
CA SER B 41 1.90 46.69 2.88
C SER B 41 2.09 46.85 1.39
N MET B 42 1.05 46.51 0.63
CA MET B 42 1.17 46.51 -0.82
C MET B 42 1.29 47.95 -1.35
N PRO B 43 1.90 48.14 -2.52
CA PRO B 43 1.93 49.47 -3.16
C PRO B 43 0.60 49.82 -3.81
N GLN B 44 -0.31 50.33 -2.99
CA GLN B 44 -1.68 50.62 -3.41
C GLN B 44 -1.96 52.11 -3.54
N ASP B 45 -0.92 52.94 -3.62
CA ASP B 45 -1.12 54.39 -3.68
C ASP B 45 -1.87 54.81 -4.93
N GLU B 46 -1.55 54.21 -6.08
CA GLU B 46 -2.14 54.61 -7.36
C GLU B 46 -3.41 53.82 -7.61
N ASN B 47 -4.53 54.33 -7.09
CA ASN B 47 -5.86 53.78 -7.31
C ASN B 47 -6.01 52.34 -6.84
N CYS B 48 -5.07 51.87 -6.02
CA CYS B 48 -5.06 50.48 -5.52
C CYS B 48 -5.14 49.48 -6.67
N THR B 49 -4.40 49.75 -7.74
CA THR B 49 -4.33 48.88 -8.91
C THR B 49 -2.88 48.56 -9.19
N LEU B 50 -2.47 47.32 -8.96
CA LEU B 50 -1.08 46.92 -9.09
C LEU B 50 -0.92 45.96 -10.27
N PRO B 51 -0.35 46.40 -11.39
CA PRO B 51 -0.06 45.47 -12.50
C PRO B 51 1.16 44.62 -12.18
N ILE B 52 0.94 43.32 -12.02
CA ILE B 52 2.01 42.38 -11.68
C ILE B 52 2.35 41.59 -12.93
N TYR B 53 3.60 41.69 -13.38
CA TYR B 53 4.05 41.05 -14.60
C TYR B 53 4.73 39.72 -14.27
N VAL B 54 4.30 38.66 -14.95
CA VAL B 54 4.84 37.32 -14.72
C VAL B 54 5.30 36.74 -16.04
N PRO B 55 6.47 37.13 -16.55
CA PRO B 55 6.96 36.55 -17.81
C PRO B 55 7.64 35.21 -17.58
N PHE B 56 7.47 34.31 -18.55
CA PHE B 56 8.15 33.02 -18.58
C PHE B 56 7.83 32.20 -17.32
N ILE B 57 6.56 31.82 -17.23
CA ILE B 57 6.10 30.89 -16.20
C ILE B 57 6.29 29.47 -16.72
N GLU B 58 7.02 28.65 -15.96
CA GLU B 58 7.37 27.31 -16.37
C GLU B 58 6.47 26.29 -15.69
N TYR B 59 5.96 25.34 -16.46
CA TYR B 59 4.99 24.37 -15.99
C TYR B 59 5.58 22.95 -16.10
N GLN B 60 5.19 22.11 -15.15
CA GLN B 60 5.61 20.71 -15.11
C GLN B 60 4.61 19.92 -14.29
N THR B 61 4.23 18.74 -14.79
CA THR B 61 3.35 17.83 -14.07
C THR B 61 4.19 16.88 -13.23
N LEU B 62 3.85 16.77 -11.94
CA LEU B 62 4.54 15.84 -11.06
C LEU B 62 3.92 14.45 -11.10
N SER B 63 2.60 14.36 -11.03
CA SER B 63 1.92 13.07 -11.13
C SER B 63 0.46 13.32 -11.49
N VAL B 64 -0.13 12.33 -12.17
CA VAL B 64 -1.54 12.37 -12.54
C VAL B 64 -2.20 11.10 -12.01
N ASN B 65 -3.32 11.26 -11.32
CA ASN B 65 -4.08 10.14 -10.78
C ASN B 65 -5.22 9.80 -11.73
N THR B 66 -5.36 8.53 -12.07
CA THR B 66 -6.41 8.10 -12.98
C THR B 66 -7.72 7.81 -12.27
N LYS B 67 -7.67 7.18 -11.10
CA LYS B 67 -8.89 6.83 -10.38
C LYS B 67 -9.57 8.08 -9.82
N SER B 68 -8.81 8.96 -9.18
CA SER B 68 -9.35 10.18 -8.60
C SER B 68 -9.35 11.35 -9.57
N LEU B 69 -8.73 11.21 -10.74
CA LEU B 69 -8.71 12.25 -11.77
C LEU B 69 -8.13 13.56 -11.23
N ARG B 70 -7.03 13.45 -10.50
CA ARG B 70 -6.36 14.60 -9.91
C ARG B 70 -4.99 14.77 -10.54
N LEU B 71 -4.65 16.01 -10.88
CA LEU B 71 -3.38 16.34 -11.51
C LEU B 71 -2.54 17.19 -10.56
N ASN B 72 -1.31 16.75 -10.31
CA ASN B 72 -0.36 17.50 -9.50
C ASN B 72 0.62 18.21 -10.43
N SER B 73 0.73 19.53 -10.26
CA SER B 73 1.55 20.34 -11.15
C SER B 73 2.44 21.26 -10.32
N ARG B 74 3.60 21.60 -10.90
CA ARG B 74 4.54 22.54 -10.31
C ARG B 74 4.71 23.70 -11.27
N LEU B 75 4.64 24.92 -10.73
CA LEU B 75 4.70 26.14 -11.54
C LEU B 75 5.84 27.01 -11.02
N ARG B 76 6.87 27.21 -11.83
CA ARG B 76 8.00 28.06 -11.50
C ARG B 76 7.88 29.33 -12.32
N ALA B 77 7.63 30.45 -11.65
CA ALA B 77 7.40 31.74 -12.29
C ALA B 77 8.45 32.75 -11.85
N ILE B 78 8.48 33.88 -12.55
CA ILE B 78 9.37 34.99 -12.21
C ILE B 78 8.47 36.23 -12.05
N VAL B 79 8.05 36.51 -10.82
CA VAL B 79 7.19 37.65 -10.56
C VAL B 79 7.98 38.94 -10.67
N LYS B 80 7.35 39.99 -11.18
CA LYS B 80 8.02 41.28 -11.37
C LYS B 80 6.98 42.38 -11.27
N TRP B 81 6.96 43.09 -10.16
CA TRP B 81 6.05 44.21 -9.94
C TRP B 81 6.85 45.47 -9.63
N THR B 82 6.13 46.54 -9.29
CA THR B 82 6.74 47.83 -9.01
C THR B 82 6.39 48.27 -7.60
N ASP B 83 7.40 48.65 -6.83
CA ASP B 83 7.22 49.18 -5.47
C ASP B 83 7.77 50.59 -5.42
N PRO B 84 6.93 51.62 -5.56
CA PRO B 84 7.45 53.00 -5.59
C PRO B 84 8.18 53.41 -4.33
N GLN B 85 7.77 52.91 -3.16
CA GLN B 85 8.45 53.28 -1.92
C GLN B 85 9.87 52.74 -1.87
N LEU B 86 10.09 51.54 -2.40
CA LEU B 86 11.41 50.93 -2.39
C LEU B 86 12.25 51.45 -3.54
N ALA B 87 12.37 52.77 -3.66
CA ALA B 87 13.17 53.40 -4.70
C ALA B 87 13.98 54.52 -4.07
N TRP B 88 15.30 54.44 -4.20
CA TRP B 88 16.20 55.42 -3.62
C TRP B 88 16.63 56.42 -4.69
N ASP B 89 17.44 57.39 -4.27
CA ASP B 89 17.98 58.40 -5.16
C ASP B 89 19.36 57.97 -5.64
N THR B 90 19.54 57.90 -6.96
CA THR B 90 20.81 57.44 -7.52
C THR B 90 21.94 58.44 -7.31
N SER B 91 21.64 59.67 -6.89
CA SER B 91 22.69 60.64 -6.63
C SER B 91 23.36 60.39 -5.29
N VAL B 92 22.57 60.28 -4.22
CA VAL B 92 23.13 59.99 -2.90
C VAL B 92 23.65 58.55 -2.85
N TYR B 93 22.94 57.62 -3.49
CA TYR B 93 23.35 56.22 -3.53
C TYR B 93 23.72 55.85 -4.96
N PRO B 94 25.01 55.79 -5.30
CA PRO B 94 25.42 55.49 -6.68
C PRO B 94 25.37 53.99 -7.00
N TYR B 95 24.17 53.42 -6.88
CA TYR B 95 23.96 52.00 -7.14
C TYR B 95 22.69 51.82 -7.96
N ASP B 96 22.65 50.73 -8.72
CA ASP B 96 21.52 50.45 -9.60
C ASP B 96 20.68 49.26 -9.14
N ALA B 97 21.17 48.44 -8.22
CA ALA B 97 20.42 47.29 -7.76
C ALA B 97 20.87 46.90 -6.37
N VAL B 98 19.99 46.19 -5.66
CA VAL B 98 20.28 45.69 -4.32
C VAL B 98 19.28 44.58 -4.03
N MET B 99 19.71 43.60 -3.22
CA MET B 99 18.87 42.46 -2.88
C MET B 99 18.57 42.46 -1.40
N LEU B 100 17.29 42.33 -1.07
CA LEU B 100 16.78 42.34 0.29
C LEU B 100 16.08 41.02 0.59
N PRO B 101 15.95 40.65 1.87
CA PRO B 101 15.19 39.44 2.21
C PRO B 101 13.73 39.58 1.81
N VAL B 102 13.14 38.45 1.42
CA VAL B 102 11.76 38.47 0.92
C VAL B 102 10.78 38.84 2.01
N ASP B 103 11.10 38.55 3.27
CA ASP B 103 10.19 38.76 4.38
C ASP B 103 10.23 40.19 4.92
N LYS B 104 11.11 41.04 4.40
CA LYS B 104 11.20 42.42 4.87
C LYS B 104 10.38 43.39 4.04
N ILE B 105 9.84 42.95 2.89
CA ILE B 105 9.02 43.78 2.02
C ILE B 105 7.77 42.99 1.64
N TRP B 106 6.86 43.66 0.94
CA TRP B 106 5.64 43.03 0.48
C TRP B 106 5.89 42.23 -0.79
N THR B 107 5.30 41.03 -0.85
CA THR B 107 5.45 40.13 -1.99
C THR B 107 4.08 39.55 -2.33
N PRO B 108 3.68 39.59 -3.60
CA PRO B 108 2.38 39.02 -3.96
C PRO B 108 2.38 37.51 -3.82
N VAL B 109 1.19 36.98 -3.53
CA VAL B 109 0.98 35.54 -3.34
C VAL B 109 0.15 35.04 -4.50
N LEU B 110 0.80 34.41 -5.48
CA LEU B 110 0.09 33.84 -6.61
C LEU B 110 -0.68 32.59 -6.18
N GLN B 111 -1.86 32.42 -6.76
CA GLN B 111 -2.75 31.33 -6.38
C GLN B 111 -3.19 30.55 -7.61
N VAL B 112 -3.62 29.32 -7.37
CA VAL B 112 -4.28 28.51 -8.38
C VAL B 112 -5.71 28.29 -7.92
N LYS B 113 -6.62 29.16 -8.37
CA LYS B 113 -7.99 29.13 -7.88
C LYS B 113 -8.78 27.96 -8.43
N ASN B 114 -8.39 27.45 -9.61
CA ASN B 114 -9.17 26.39 -10.23
C ASN B 114 -9.12 25.10 -9.43
N GLY B 115 -7.95 24.77 -8.86
CA GLY B 115 -7.74 23.52 -8.17
C GLY B 115 -7.66 23.66 -6.66
N ILE B 116 -7.56 22.51 -6.01
CA ILE B 116 -7.47 22.44 -4.56
C ILE B 116 -6.01 22.44 -4.13
N SER B 117 -5.79 22.75 -2.86
CA SER B 117 -4.47 22.60 -2.22
C SER B 117 -3.38 23.33 -3.01
N THR B 118 -3.53 24.64 -3.11
CA THR B 118 -2.54 25.49 -3.77
C THR B 118 -1.61 26.09 -2.72
N ASN B 119 -0.31 26.02 -2.96
CA ASN B 119 0.68 26.51 -2.02
C ASN B 119 1.84 27.14 -2.79
N MET B 120 2.21 28.35 -2.40
CA MET B 120 3.29 29.09 -3.04
C MET B 120 4.50 29.14 -2.11
N LYS B 121 5.67 28.87 -2.66
CA LYS B 121 6.92 28.86 -1.91
C LYS B 121 7.97 29.70 -2.64
N HIS B 122 8.79 30.39 -1.86
CA HIS B 122 9.86 31.21 -2.44
C HIS B 122 11.02 30.33 -2.87
N ASP B 123 11.49 30.53 -4.10
CA ASP B 123 12.65 29.78 -4.57
C ASP B 123 13.90 30.15 -3.78
N ALA B 124 14.08 31.44 -3.50
CA ALA B 124 15.21 31.92 -2.71
C ALA B 124 14.70 32.90 -1.66
N ASN B 125 15.57 33.22 -0.71
CA ASN B 125 15.23 34.14 0.37
C ASN B 125 15.60 35.59 0.04
N ASP B 126 16.08 35.86 -1.16
CA ASP B 126 16.46 37.21 -1.56
C ASP B 126 15.77 37.57 -2.87
N LEU B 127 15.50 38.86 -3.04
CA LEU B 127 14.89 39.38 -4.27
C LEU B 127 15.61 40.65 -4.69
N LEU B 128 15.65 40.88 -6.00
CA LEU B 128 16.39 42.00 -6.57
C LEU B 128 15.48 43.21 -6.70
N VAL B 129 15.95 44.36 -6.22
CA VAL B 129 15.23 45.62 -6.31
C VAL B 129 16.09 46.61 -7.09
N TYR B 130 15.49 47.24 -8.09
CA TYR B 130 16.20 48.20 -8.91
C TYR B 130 16.06 49.62 -8.34
N SER B 131 16.75 50.57 -8.95
CA SER B 131 16.75 51.94 -8.45
C SER B 131 15.41 52.64 -8.66
N ASN B 132 14.57 52.14 -9.56
CA ASN B 132 13.30 52.77 -9.86
C ASN B 132 12.12 52.09 -9.16
N GLY B 133 12.39 51.13 -8.28
CA GLY B 133 11.36 50.47 -7.51
C GLY B 133 10.94 49.10 -8.04
N THR B 134 11.36 48.74 -9.24
CA THR B 134 11.00 47.43 -9.79
C THR B 134 11.63 46.32 -8.97
N VAL B 135 10.83 45.30 -8.66
CA VAL B 135 11.26 44.19 -7.82
C VAL B 135 11.17 42.90 -8.63
N ASN B 136 12.23 42.11 -8.61
CA ASN B 136 12.28 40.83 -9.30
C ASN B 136 12.32 39.71 -8.26
N HIS B 137 11.38 38.77 -8.39
CA HIS B 137 11.28 37.67 -7.45
C HIS B 137 10.70 36.46 -8.17
N GLU B 138 11.27 35.29 -7.91
CA GLU B 138 10.82 34.04 -8.52
C GLU B 138 10.18 33.16 -7.47
N VAL B 139 9.03 32.58 -7.80
CA VAL B 139 8.26 31.76 -6.88
C VAL B 139 7.99 30.41 -7.52
N GLN B 140 7.70 29.43 -6.66
CA GLN B 140 7.35 28.08 -7.09
C GLN B 140 6.00 27.72 -6.48
N ILE B 141 5.05 27.32 -7.34
CA ILE B 141 3.68 27.06 -6.93
C ILE B 141 3.39 25.58 -7.17
N ASN B 142 2.97 24.89 -6.11
CA ASN B 142 2.53 23.50 -6.20
C ASN B 142 1.04 23.45 -5.94
N ALA B 143 0.28 22.91 -6.89
CA ALA B 143 -1.17 22.85 -6.79
C ALA B 143 -1.67 21.49 -7.23
N GLU B 144 -2.84 21.12 -6.73
CA GLU B 144 -3.51 19.89 -7.12
C GLU B 144 -4.83 20.25 -7.79
N ILE B 145 -4.98 19.87 -9.05
CA ILE B 145 -6.12 20.28 -9.87
C ILE B 145 -7.00 19.07 -10.11
N ASN B 146 -8.29 19.21 -9.81
CA ASN B 146 -9.27 18.18 -10.10
C ASN B 146 -9.52 18.17 -11.60
N CYS B 147 -8.79 17.32 -12.32
CA CYS B 147 -8.84 17.31 -13.77
C CYS B 147 -10.03 16.51 -14.26
N GLU B 148 -10.77 17.07 -15.22
CA GLU B 148 -11.91 16.39 -15.84
C GLU B 148 -11.51 16.03 -17.27
N VAL B 149 -11.38 14.73 -17.53
CA VAL B 149 -11.01 14.21 -18.84
C VAL B 149 -12.01 13.14 -19.23
N ASN B 150 -12.35 13.09 -20.52
CA ASN B 150 -13.29 12.10 -21.03
C ASN B 150 -12.61 10.73 -21.06
N LEU B 151 -12.81 9.94 -20.00
CA LEU B 151 -12.23 8.61 -19.90
C LEU B 151 -13.16 7.53 -20.41
N PHE B 152 -14.04 7.86 -21.38
CA PHE B 152 -14.92 6.84 -21.94
C PHE B 152 -14.12 5.77 -22.65
N ASN B 153 -13.07 6.15 -23.37
CA ASN B 153 -12.22 5.21 -24.10
C ASN B 153 -10.91 5.05 -23.34
N TYR B 154 -10.89 4.12 -22.40
CA TYR B 154 -9.58 3.79 -21.85
C TYR B 154 -8.97 2.61 -22.60
N PRO B 155 -7.67 2.64 -22.92
CA PRO B 155 -6.70 3.72 -22.65
C PRO B 155 -6.73 4.91 -23.62
N PHE B 156 -7.40 4.84 -24.76
CA PHE B 156 -7.31 5.88 -25.80
C PHE B 156 -8.08 7.11 -25.34
N ALA B 157 -7.45 7.90 -24.49
CA ALA B 157 -8.09 9.06 -23.88
C ALA B 157 -7.15 10.24 -23.86
N GLY B 158 -7.73 11.44 -23.83
CA GLY B 158 -6.97 12.68 -23.76
C GLY B 158 -7.85 13.90 -23.81
N ASP B 159 -7.59 14.88 -22.95
CA ASP B 159 -8.40 16.09 -22.91
C ASP B 159 -7.56 17.24 -22.35
N GLU B 160 -8.01 18.46 -22.66
CA GLU B 160 -7.32 19.65 -22.20
C GLU B 160 -7.73 19.97 -20.77
N CYS B 161 -6.74 20.20 -19.91
CA CYS B 161 -6.98 20.45 -18.49
C CYS B 161 -6.64 21.89 -18.15
N PRO B 162 -7.61 22.74 -17.82
CA PRO B 162 -7.31 24.13 -17.50
C PRO B 162 -6.70 24.29 -16.11
N VAL B 163 -5.66 25.12 -16.03
CA VAL B 163 -5.01 25.47 -14.78
C VAL B 163 -5.03 26.98 -14.67
N ALA B 164 -5.77 27.51 -13.69
CA ALA B 164 -5.94 28.94 -13.54
C ALA B 164 -4.87 29.51 -12.63
N ILE B 165 -4.39 30.70 -12.97
CA ILE B 165 -3.41 31.43 -12.16
C ILE B 165 -4.02 32.79 -11.81
N GLU B 166 -4.09 33.08 -10.52
CA GLU B 166 -4.80 34.26 -10.04
C GLU B 166 -4.07 34.89 -8.87
N THR B 167 -4.32 36.17 -8.66
CA THR B 167 -3.84 36.92 -7.51
C THR B 167 -5.04 37.56 -6.82
N PHE B 168 -4.91 37.78 -5.50
CA PHE B 168 -6.02 38.29 -4.71
C PHE B 168 -6.53 39.61 -5.26
N SER B 169 -7.85 39.73 -5.37
CA SER B 169 -8.49 40.93 -5.89
C SER B 169 -9.89 41.00 -5.30
N SER B 170 -10.10 41.90 -4.35
CA SER B 170 -11.37 42.03 -3.66
C SER B 170 -11.89 43.46 -3.80
N GLY B 171 -13.13 43.57 -4.26
CA GLY B 171 -13.80 44.86 -4.31
C GLY B 171 -13.07 45.85 -5.21
N GLU B 172 -12.86 47.06 -4.68
CA GLU B 172 -12.22 48.12 -5.45
C GLU B 172 -10.80 47.75 -5.82
N CYS B 173 -10.05 47.18 -4.88
CA CYS B 173 -8.63 46.89 -5.10
C CYS B 173 -8.49 45.65 -5.99
N VAL B 174 -7.87 45.83 -7.15
CA VAL B 174 -7.66 44.74 -8.10
C VAL B 174 -6.20 44.76 -8.54
N THR B 175 -5.58 43.58 -8.55
CA THR B 175 -4.19 43.41 -8.98
C THR B 175 -4.19 42.51 -10.20
N THR B 176 -4.27 43.11 -11.38
CA THR B 176 -4.28 42.34 -12.62
C THR B 176 -2.93 41.67 -12.84
N LEU B 177 -2.97 40.45 -13.38
CA LEU B 177 -1.78 39.67 -13.65
C LEU B 177 -1.54 39.61 -15.15
N ILE B 178 -0.32 39.92 -15.55
CA ILE B 178 0.07 39.93 -16.96
C ILE B 178 1.00 38.74 -17.20
N LEU B 179 0.56 37.81 -18.03
CA LEU B 179 1.36 36.64 -18.39
C LEU B 179 1.86 36.78 -19.82
N ASP B 180 3.10 36.37 -20.05
CA ASP B 180 3.75 36.55 -21.34
C ASP B 180 4.04 35.24 -22.06
N GLN B 181 4.76 34.32 -21.42
CA GLN B 181 5.19 33.09 -22.06
C GLN B 181 5.04 31.92 -21.10
N VAL B 182 4.77 30.74 -21.67
CA VAL B 182 4.68 29.50 -20.92
C VAL B 182 5.58 28.47 -21.58
N ARG B 183 6.46 27.86 -20.80
CA ARG B 183 7.34 26.80 -21.27
C ARG B 183 7.13 25.57 -20.41
N SER B 184 6.82 24.44 -21.04
CA SER B 184 6.47 23.23 -20.34
C SER B 184 7.59 22.19 -20.46
N LEU B 185 7.91 21.55 -19.34
CA LEU B 185 8.85 20.43 -19.33
C LEU B 185 8.10 19.14 -19.61
N ASP B 186 7.67 19.01 -20.87
CA ASP B 186 6.82 17.90 -21.27
C ASP B 186 7.54 16.57 -21.08
N GLY B 187 6.78 15.56 -20.66
CA GLY B 187 7.31 14.24 -20.40
C GLY B 187 6.33 13.38 -19.63
N SER B 188 6.35 12.08 -19.87
CA SER B 188 5.42 11.19 -19.20
C SER B 188 5.68 11.15 -17.70
N THR B 189 4.61 11.21 -16.91
CA THR B 189 4.67 11.11 -15.47
C THR B 189 4.28 9.72 -14.97
N GLY B 190 4.19 8.75 -15.87
CA GLY B 190 3.66 7.43 -15.55
C GLY B 190 2.77 6.94 -16.66
N ASP B 191 1.51 6.65 -16.36
CA ASP B 191 0.58 6.25 -17.41
C ASP B 191 0.19 7.43 -18.29
N TRP B 192 0.20 8.64 -17.74
CA TRP B 192 -0.18 9.85 -18.46
C TRP B 192 1.05 10.54 -19.01
N GLN B 193 0.91 11.11 -20.20
CA GLN B 193 1.97 11.88 -20.85
C GLN B 193 1.48 13.30 -21.09
N THR B 194 2.28 14.27 -20.66
CA THR B 194 1.95 15.68 -20.88
C THR B 194 2.44 16.11 -22.26
N THR B 195 1.56 16.71 -23.04
CA THR B 195 1.86 17.07 -24.43
C THR B 195 2.21 18.53 -24.61
N TYR B 196 1.51 19.44 -23.95
CA TYR B 196 1.75 20.87 -24.15
C TYR B 196 1.20 21.64 -22.96
N ALA B 197 1.48 22.94 -22.95
CA ALA B 197 0.93 23.86 -21.96
C ALA B 197 0.85 25.24 -22.62
N ARG B 198 -0.34 25.60 -23.07
CA ARG B 198 -0.56 26.84 -23.81
C ARG B 198 -1.27 27.86 -22.93
N LEU B 199 -1.05 29.13 -23.23
CA LEU B 199 -1.64 30.23 -22.49
C LEU B 199 -2.89 30.70 -23.19
N LYS B 200 -4.02 30.68 -22.48
CA LYS B 200 -5.31 31.13 -23.01
C LYS B 200 -5.91 32.15 -22.05
N LYS B 201 -7.13 32.58 -22.35
CA LYS B 201 -7.84 33.56 -21.55
C LYS B 201 -9.25 33.09 -21.26
N GLN B 202 -9.74 33.40 -20.06
CA GLN B 202 -11.08 33.02 -19.66
C GLN B 202 -12.06 34.15 -20.02
N ARG B 203 -13.29 34.07 -19.49
CA ARG B 203 -14.31 35.05 -19.84
C ARG B 203 -13.98 36.43 -19.28
N GLU B 204 -13.85 36.54 -17.96
CA GLU B 204 -13.62 37.82 -17.32
C GLU B 204 -12.14 38.18 -17.26
N ASP B 205 -11.47 38.11 -18.42
CA ASP B 205 -10.06 38.47 -18.55
C ASP B 205 -9.20 37.75 -17.53
N ARG B 206 -9.48 36.46 -17.33
CA ARG B 206 -8.75 35.63 -16.37
C ARG B 206 -7.74 34.77 -17.10
N ASN B 207 -6.49 34.84 -16.69
CA ASN B 207 -5.43 34.06 -17.31
C ASN B 207 -5.42 32.65 -16.74
N PHE B 208 -5.40 31.67 -17.63
CA PHE B 208 -5.31 30.26 -17.23
C PHE B 208 -4.42 29.52 -18.23
N ILE B 209 -3.83 28.43 -17.75
CA ILE B 209 -2.90 27.64 -18.55
C ILE B 209 -3.63 26.38 -19.01
N ALA B 210 -3.70 26.19 -20.32
CA ALA B 210 -4.34 25.01 -20.91
C ALA B 210 -3.30 23.91 -21.03
N VAL B 211 -3.50 22.82 -20.28
CA VAL B 211 -2.55 21.71 -20.22
C VAL B 211 -3.14 20.53 -20.97
N GLY B 212 -2.39 20.00 -21.93
CA GLY B 212 -2.83 18.84 -22.68
C GLY B 212 -2.33 17.54 -22.10
N LEU B 213 -3.25 16.66 -21.72
CA LEU B 213 -2.91 15.39 -21.11
C LEU B 213 -3.32 14.24 -22.03
N LYS B 214 -2.41 13.29 -22.21
CA LYS B 214 -2.65 12.11 -23.04
C LYS B 214 -2.20 10.87 -22.29
N ILE B 215 -2.87 9.75 -22.56
CA ILE B 215 -2.55 8.48 -21.94
C ILE B 215 -1.73 7.65 -22.93
N ASN B 216 -0.56 7.22 -22.51
CA ASN B 216 0.24 6.28 -23.31
C ASN B 216 -0.43 4.92 -23.27
N TYR B 217 -1.00 4.49 -24.39
CA TYR B 217 -1.76 3.26 -24.44
C TYR B 217 -0.88 2.02 -24.62
N SER B 218 0.44 2.17 -24.65
CA SER B 218 1.32 1.02 -24.79
C SER B 218 1.19 0.09 -23.58
N SER B 219 1.11 0.66 -22.39
CA SER B 219 1.04 -0.14 -21.17
C SER B 219 -0.35 -0.74 -20.94
N PRO B 220 -1.43 0.06 -20.91
CA PRO B 220 -2.75 -0.55 -20.63
C PRO B 220 -3.19 -1.57 -21.65
N LEU B 221 -2.81 -1.41 -22.92
CA LEU B 221 -3.20 -2.38 -23.94
C LEU B 221 -2.57 -3.75 -23.66
N MET B 222 -1.29 -3.76 -23.27
CA MET B 222 -0.59 -5.02 -23.07
C MET B 222 -1.00 -5.71 -21.78
N THR B 223 -1.16 -4.95 -20.69
CA THR B 223 -1.42 -5.57 -19.40
C THR B 223 -2.87 -6.01 -19.24
N LEU B 224 -3.82 -5.32 -19.87
CA LEU B 224 -5.24 -5.59 -19.65
C LEU B 224 -5.95 -6.03 -20.93
N LEU B 225 -5.79 -5.29 -22.02
CA LEU B 225 -6.59 -5.56 -23.21
C LEU B 225 -6.16 -6.84 -23.90
N LEU B 226 -4.85 -7.04 -24.07
CA LEU B 226 -4.37 -8.24 -24.76
C LEU B 226 -4.72 -9.53 -24.04
N PRO B 227 -4.48 -9.67 -22.73
CA PRO B 227 -4.92 -10.92 -22.06
C PRO B 227 -6.41 -11.15 -22.15
N THR B 228 -7.21 -10.08 -22.12
CA THR B 228 -8.66 -10.23 -22.24
C THR B 228 -9.04 -10.81 -23.60
N VAL B 229 -8.44 -10.28 -24.68
CA VAL B 229 -8.73 -10.78 -26.01
C VAL B 229 -8.26 -12.23 -26.16
N LEU B 230 -7.08 -12.54 -25.62
CA LEU B 230 -6.54 -13.89 -25.73
C LEU B 230 -7.37 -14.89 -24.92
N ILE B 231 -7.84 -14.49 -23.74
CA ILE B 231 -8.66 -15.38 -22.92
C ILE B 231 -9.97 -15.70 -23.61
N VAL B 232 -10.63 -14.68 -24.15
CA VAL B 232 -11.90 -14.90 -24.85
C VAL B 232 -11.66 -15.73 -26.11
N LEU B 233 -10.54 -15.49 -26.80
CA LEU B 233 -10.21 -16.30 -27.96
C LEU B 233 -10.00 -17.75 -27.58
N ALA B 234 -9.35 -18.00 -26.44
CA ALA B 234 -9.15 -19.36 -25.97
C ALA B 234 -10.48 -20.03 -25.62
N ASP B 235 -11.46 -19.25 -25.16
CA ASP B 235 -12.77 -19.82 -24.84
C ASP B 235 -13.50 -20.27 -26.10
N PHE B 236 -13.36 -19.51 -27.20
CA PHE B 236 -14.06 -19.85 -28.43
C PHE B 236 -13.63 -21.21 -28.96
N VAL B 237 -12.33 -21.49 -28.93
CA VAL B 237 -11.82 -22.79 -29.39
C VAL B 237 -11.82 -23.82 -28.28
N SER B 238 -12.13 -23.43 -27.04
CA SER B 238 -12.25 -24.40 -25.96
C SER B 238 -13.35 -25.41 -26.22
N PHE B 239 -14.29 -25.11 -27.12
CA PHE B 239 -15.31 -26.08 -27.52
C PHE B 239 -14.74 -27.26 -28.28
N ALA B 240 -13.49 -27.16 -28.76
CA ALA B 240 -12.88 -28.28 -29.47
C ALA B 240 -12.66 -29.48 -28.55
N LEU B 241 -12.52 -29.23 -27.25
CA LEU B 241 -12.30 -30.33 -26.31
C LEU B 241 -13.55 -31.21 -26.24
N PRO B 242 -13.41 -32.51 -26.45
CA PRO B 242 -14.59 -33.39 -26.38
C PRO B 242 -15.18 -33.42 -24.97
N LEU B 243 -16.51 -33.56 -24.91
CA LEU B 243 -17.19 -33.57 -23.62
C LEU B 243 -16.81 -34.81 -22.81
N HIS B 244 -16.74 -35.97 -23.45
CA HIS B 244 -16.46 -37.22 -22.73
C HIS B 244 -15.04 -37.25 -22.21
N GLY B 245 -14.08 -36.77 -23.00
CA GLY B 245 -12.68 -36.87 -22.64
C GLY B 245 -12.29 -36.07 -21.41
N GLY B 246 -13.12 -35.12 -21.00
CA GLY B 246 -12.81 -34.30 -19.84
C GLY B 246 -11.85 -33.18 -20.18
N GLY B 247 -11.48 -32.43 -19.14
CA GLY B 247 -10.59 -31.31 -19.31
C GLY B 247 -11.20 -30.13 -20.02
N ARG B 248 -12.52 -30.00 -20.00
CA ARG B 248 -13.23 -28.89 -20.64
C ARG B 248 -13.91 -27.98 -19.65
N ASN B 249 -14.77 -28.53 -18.78
CA ASN B 249 -15.45 -27.69 -17.79
C ASN B 249 -14.45 -27.11 -16.79
N GLY B 250 -13.47 -27.91 -16.36
CA GLY B 250 -12.40 -27.37 -15.53
C GLY B 250 -11.54 -26.36 -16.27
N PHE B 251 -11.33 -26.57 -17.58
CA PHE B 251 -10.61 -25.60 -18.38
C PHE B 251 -11.33 -24.26 -18.42
N LYS B 252 -12.66 -24.29 -18.55
CA LYS B 252 -13.42 -23.05 -18.67
C LYS B 252 -13.57 -22.34 -17.34
N VAL B 253 -13.61 -23.08 -16.22
CA VAL B 253 -13.80 -22.43 -14.92
C VAL B 253 -12.57 -21.61 -14.55
N THR B 254 -11.38 -22.00 -15.01
CA THR B 254 -10.21 -21.18 -14.78
C THR B 254 -10.26 -19.89 -15.58
N LEU B 255 -10.81 -19.93 -16.80
CA LEU B 255 -10.96 -18.73 -17.59
C LEU B 255 -11.94 -17.76 -16.94
N VAL B 256 -13.04 -18.27 -16.39
CA VAL B 256 -14.05 -17.41 -15.77
C VAL B 256 -13.51 -16.78 -14.49
N LEU B 257 -12.85 -17.57 -13.65
CA LEU B 257 -12.25 -17.01 -12.44
C LEU B 257 -11.11 -16.06 -12.75
N SER B 258 -10.58 -16.10 -13.97
CA SER B 258 -9.57 -15.12 -14.37
C SER B 258 -10.19 -13.76 -14.69
N PHE B 259 -11.41 -13.74 -15.22
CA PHE B 259 -12.09 -12.48 -15.48
C PHE B 259 -12.63 -11.84 -14.21
N VAL B 260 -12.86 -12.62 -13.16
CA VAL B 260 -13.23 -12.03 -11.88
C VAL B 260 -12.07 -11.22 -11.32
N MET B 261 -10.84 -11.73 -11.48
CA MET B 261 -9.66 -10.96 -11.09
C MET B 261 -9.50 -9.73 -11.97
N PHE B 262 -9.79 -9.85 -13.27
CA PHE B 262 -9.68 -8.72 -14.17
C PHE B 262 -10.66 -7.61 -13.80
N LEU B 263 -11.90 -7.99 -13.44
CA LEU B 263 -12.87 -6.98 -13.03
C LEU B 263 -12.41 -6.24 -11.78
N ASN B 264 -11.88 -6.97 -10.80
CA ASN B 264 -11.41 -6.34 -9.56
C ASN B 264 -10.17 -5.49 -9.82
N LEU B 265 -9.23 -5.99 -10.62
CA LEU B 265 -8.03 -5.22 -10.93
C LEU B 265 -8.38 -3.96 -11.71
N LEU B 266 -9.23 -4.09 -12.73
CA LEU B 266 -9.59 -2.95 -13.55
C LEU B 266 -10.42 -1.93 -12.78
N ASN B 267 -11.27 -2.39 -11.86
CA ASN B 267 -12.07 -1.48 -11.05
C ASN B 267 -11.24 -0.72 -10.03
N SER B 268 -10.01 -1.15 -9.76
CA SER B 268 -9.19 -0.51 -8.75
C SER B 268 -8.39 0.68 -9.29
N GLN B 269 -8.45 0.94 -10.60
CA GLN B 269 -7.72 2.07 -11.18
C GLN B 269 -8.54 2.79 -12.24
N LEU B 270 -9.88 2.79 -12.10
CA LEU B 270 -10.75 3.43 -13.07
C LEU B 270 -11.93 4.06 -12.35
N PRO B 271 -12.26 5.32 -12.65
CA PRO B 271 -13.37 6.00 -11.98
C PRO B 271 -14.71 5.66 -12.63
N GLY B 272 -15.57 4.97 -11.88
CA GLY B 272 -16.92 4.71 -12.34
C GLY B 272 -17.89 5.79 -11.89
N ASN B 273 -17.71 7.00 -12.42
CA ASN B 273 -18.45 8.16 -11.93
C ASN B 273 -19.89 8.16 -12.46
N GLY B 274 -20.06 8.23 -13.77
CA GLY B 274 -21.38 8.38 -14.35
C GLY B 274 -21.37 8.26 -15.86
N ASP B 275 -22.07 9.17 -16.53
CA ASP B 275 -22.08 9.17 -17.99
C ASP B 275 -20.67 9.36 -18.53
N CYS B 276 -20.38 8.72 -19.66
CA CYS B 276 -19.05 8.72 -20.27
C CYS B 276 -18.00 8.15 -19.32
N SER B 277 -18.38 7.09 -18.59
CA SER B 277 -17.45 6.32 -17.79
C SER B 277 -16.69 5.36 -18.70
N PRO B 278 -15.55 4.84 -18.24
CA PRO B 278 -14.80 3.88 -19.06
C PRO B 278 -15.68 2.71 -19.50
N ILE B 279 -15.75 2.48 -20.81
CA ILE B 279 -16.58 1.42 -21.34
C ILE B 279 -15.93 0.05 -21.20
N ILE B 280 -14.60 0.01 -20.97
CA ILE B 280 -13.92 -1.26 -20.77
C ILE B 280 -14.44 -1.97 -19.52
N ARG B 281 -14.99 -1.22 -18.56
CA ARG B 281 -15.64 -1.85 -17.42
C ARG B 281 -16.85 -2.66 -17.86
N ILE B 282 -17.67 -2.10 -18.75
CA ILE B 282 -18.82 -2.85 -19.27
C ILE B 282 -18.36 -3.97 -20.19
N HIS B 283 -17.31 -3.72 -20.98
CA HIS B 283 -16.79 -4.76 -21.88
C HIS B 283 -16.32 -5.97 -21.10
N PHE B 284 -15.61 -5.75 -19.99
CA PHE B 284 -15.22 -6.85 -19.13
C PHE B 284 -16.44 -7.54 -18.51
N CYS B 285 -17.45 -6.75 -18.14
CA CYS B 285 -18.67 -7.31 -17.54
C CYS B 285 -19.40 -8.21 -18.52
N ILE B 286 -19.50 -7.80 -19.79
CA ILE B 286 -20.20 -8.62 -20.79
C ILE B 286 -19.44 -9.91 -21.05
N CYS B 287 -18.10 -9.83 -21.12
CA CYS B 287 -17.30 -11.03 -21.38
C CYS B 287 -17.45 -12.04 -20.26
N LEU B 288 -17.57 -11.58 -19.01
CA LEU B 288 -17.74 -12.51 -17.89
C LEU B 288 -19.04 -13.30 -18.03
N VAL B 289 -20.13 -12.63 -18.41
CA VAL B 289 -21.40 -13.33 -18.60
C VAL B 289 -21.31 -14.28 -19.78
N LEU B 290 -20.61 -13.87 -20.85
CA LEU B 290 -20.48 -14.72 -22.03
C LEU B 290 -19.71 -16.00 -21.70
N LEU B 291 -18.64 -15.89 -20.92
CA LEU B 291 -17.89 -17.08 -20.55
C LEU B 291 -18.67 -17.96 -19.59
N VAL B 292 -19.41 -17.35 -18.67
CA VAL B 292 -20.24 -18.13 -17.75
C VAL B 292 -21.31 -18.89 -18.52
N LEU B 293 -21.96 -18.22 -19.48
CA LEU B 293 -22.96 -18.89 -20.29
C LEU B 293 -22.35 -20.03 -21.10
N SER B 294 -21.13 -19.83 -21.61
CA SER B 294 -20.46 -20.89 -22.36
C SER B 294 -20.19 -22.11 -21.49
N MET B 295 -19.76 -21.88 -20.24
CA MET B 295 -19.56 -23.00 -19.32
C MET B 295 -20.89 -23.61 -18.91
N LEU B 296 -21.93 -22.79 -18.77
CA LEU B 296 -23.22 -23.29 -18.31
C LEU B 296 -23.80 -24.32 -19.26
N VAL B 297 -23.77 -24.03 -20.56
CA VAL B 297 -24.32 -24.97 -21.54
C VAL B 297 -23.45 -26.22 -21.63
N SER B 298 -22.13 -26.06 -21.54
CA SER B 298 -21.24 -27.21 -21.63
C SER B 298 -21.48 -28.20 -20.50
N MET B 299 -21.72 -27.70 -19.29
CA MET B 299 -22.03 -28.58 -18.17
C MET B 299 -23.35 -29.31 -18.39
N VAL B 300 -24.34 -28.61 -18.94
CA VAL B 300 -25.61 -29.25 -19.27
C VAL B 300 -25.43 -30.28 -20.37
N LEU B 301 -24.66 -29.92 -21.41
CA LEU B 301 -24.42 -30.85 -22.51
C LEU B 301 -23.61 -32.06 -22.08
N THR B 302 -22.75 -31.90 -21.06
CA THR B 302 -22.01 -33.03 -20.53
C THR B 302 -22.96 -34.05 -19.90
N ARG B 303 -23.97 -33.57 -19.17
CA ARG B 303 -24.98 -34.46 -18.62
C ARG B 303 -25.77 -35.15 -19.74
N LEU B 304 -26.08 -34.40 -20.80
CA LEU B 304 -26.82 -34.98 -21.92
C LEU B 304 -26.01 -36.10 -22.59
N ALA B 305 -24.71 -35.91 -22.73
CA ALA B 305 -23.87 -36.94 -23.34
C ALA B 305 -23.80 -38.18 -22.46
N HIS B 306 -23.68 -38.01 -21.15
CA HIS B 306 -23.53 -39.15 -20.25
C HIS B 306 -24.86 -39.87 -20.03
N ASP B 307 -25.96 -39.13 -19.93
CA ASP B 307 -27.26 -39.71 -19.61
C ASP B 307 -28.10 -40.03 -20.84
N GLY B 308 -27.99 -39.23 -21.90
CA GLY B 308 -28.78 -39.43 -23.09
C GLY B 308 -30.01 -38.54 -23.19
N SER B 309 -30.43 -37.94 -22.08
CA SER B 309 -31.59 -37.05 -22.08
C SER B 309 -31.43 -36.04 -20.96
N LEU B 310 -32.15 -34.93 -21.09
CA LEU B 310 -32.14 -33.88 -20.07
C LEU B 310 -33.28 -34.12 -19.08
N ALA B 311 -33.15 -35.22 -18.35
CA ALA B 311 -34.13 -35.61 -17.35
C ALA B 311 -33.62 -35.50 -15.92
N PHE B 312 -32.31 -35.32 -15.74
CA PHE B 312 -31.77 -35.15 -14.39
C PHE B 312 -32.30 -33.89 -13.73
N PHE B 313 -32.38 -32.80 -14.49
CA PHE B 313 -32.86 -31.54 -13.91
C PHE B 313 -34.36 -31.57 -13.68
N SER B 314 -35.12 -32.19 -14.58
CA SER B 314 -36.56 -32.22 -14.44
C SER B 314 -36.95 -33.06 -13.23
N PRO B 315 -37.98 -32.64 -12.47
CA PRO B 315 -38.46 -33.38 -11.29
C PRO B 315 -39.42 -34.50 -11.68
N VAL B 350 -26.04 -77.04 -28.85
CA VAL B 350 -25.82 -75.73 -29.45
C VAL B 350 -26.24 -74.62 -28.49
N GLN B 351 -26.77 -75.03 -27.32
CA GLN B 351 -27.18 -74.04 -26.33
C GLN B 351 -25.99 -73.24 -25.82
N MET B 352 -24.86 -73.90 -25.56
CA MET B 352 -23.67 -73.19 -25.12
C MET B 352 -23.15 -72.25 -26.19
N LEU B 353 -23.16 -72.69 -27.45
CA LEU B 353 -22.66 -71.85 -28.53
C LEU B 353 -23.61 -70.71 -28.88
N ARG B 354 -24.89 -70.84 -28.53
CA ARG B 354 -25.86 -69.79 -28.80
C ARG B 354 -25.93 -68.76 -27.68
N LYS B 355 -25.58 -69.14 -26.46
CA LYS B 355 -25.58 -68.18 -25.35
C LYS B 355 -24.51 -67.11 -25.55
N VAL B 356 -23.33 -67.51 -26.06
CA VAL B 356 -22.24 -66.56 -26.25
C VAL B 356 -22.59 -65.54 -27.33
N VAL B 357 -23.40 -65.94 -28.31
CA VAL B 357 -23.80 -64.99 -29.36
C VAL B 357 -24.73 -63.93 -28.77
N THR B 358 -25.62 -64.31 -27.86
CA THR B 358 -26.53 -63.36 -27.25
C THR B 358 -25.77 -62.33 -26.42
N PHE B 359 -24.74 -62.76 -25.70
CA PHE B 359 -23.95 -61.83 -24.90
C PHE B 359 -23.11 -60.90 -25.78
N LEU B 360 -22.53 -61.44 -26.86
CA LEU B 360 -21.68 -60.63 -27.72
C LEU B 360 -22.47 -59.53 -28.42
N GLN B 361 -23.67 -59.85 -28.91
CA GLN B 361 -24.49 -58.82 -29.54
C GLN B 361 -25.00 -57.82 -28.53
N ARG B 362 -25.22 -58.25 -27.28
CA ARG B 362 -25.64 -57.32 -26.24
C ARG B 362 -24.54 -56.29 -25.95
N LEU B 363 -23.28 -56.74 -25.90
CA LEU B 363 -22.18 -55.80 -25.68
C LEU B 363 -22.05 -54.84 -26.86
N ASP B 364 -22.26 -55.34 -28.08
CA ASP B 364 -22.21 -54.45 -29.25
C ASP B 364 -23.32 -53.41 -29.18
N ASP B 365 -24.52 -53.81 -28.75
CA ASP B 365 -25.62 -52.85 -28.63
C ASP B 365 -25.31 -51.81 -27.56
N GLN B 366 -24.67 -52.21 -26.47
CA GLN B 366 -24.25 -51.24 -25.46
C GLN B 366 -23.24 -50.25 -26.02
N LYS B 367 -22.36 -50.72 -26.89
CA LYS B 367 -21.43 -49.81 -27.56
C LYS B 367 -22.17 -48.89 -28.52
N ASN B 368 -23.19 -49.41 -29.21
CA ASN B 368 -23.93 -48.61 -30.19
C ASN B 368 -24.73 -47.50 -29.51
N GLN B 369 -25.38 -47.80 -28.39
CA GLN B 369 -26.18 -46.79 -27.71
C GLN B 369 -25.29 -45.71 -27.09
N ASN B 370 -24.08 -46.07 -26.66
CA ASN B 370 -23.13 -45.06 -26.19
C ASN B 370 -22.71 -44.15 -27.34
N GLU B 371 -22.49 -44.72 -28.53
CA GLU B 371 -22.09 -43.91 -29.67
C GLU B 371 -23.18 -42.93 -30.08
N ARG B 372 -24.44 -43.37 -30.10
CA ARG B 372 -25.52 -42.52 -30.57
C ARG B 372 -25.81 -41.40 -29.57
N LYS B 373 -25.71 -41.69 -28.26
CA LYS B 373 -25.94 -40.65 -27.27
C LYS B 373 -24.77 -39.68 -27.16
N HIS B 374 -23.57 -40.10 -27.56
CA HIS B 374 -22.41 -39.23 -27.57
C HIS B 374 -22.31 -38.39 -28.84
N ALA B 375 -23.14 -38.69 -29.85
CA ALA B 375 -23.18 -37.89 -31.07
C ALA B 375 -24.33 -36.89 -31.10
N PHE B 376 -25.46 -37.22 -30.46
CA PHE B 376 -26.55 -36.26 -30.36
C PHE B 376 -26.13 -35.04 -29.54
N ALA B 377 -25.41 -35.26 -28.44
CA ALA B 377 -24.89 -34.14 -27.67
C ALA B 377 -23.82 -33.38 -28.43
N ASP B 378 -23.07 -34.07 -29.30
CA ASP B 378 -22.10 -33.38 -30.14
C ASP B 378 -22.78 -32.43 -31.11
N LYS B 379 -23.92 -32.85 -31.69
CA LYS B 379 -24.63 -31.99 -32.62
C LYS B 379 -25.10 -30.71 -31.95
N LEU B 380 -25.62 -30.82 -30.72
CA LEU B 380 -26.00 -29.62 -29.98
C LEU B 380 -24.78 -28.77 -29.65
N ASP B 381 -23.66 -29.41 -29.31
CA ASP B 381 -22.43 -28.66 -29.06
C ASP B 381 -21.94 -27.97 -30.32
N LYS B 382 -22.00 -28.66 -31.46
CA LYS B 382 -21.59 -28.04 -32.73
C LYS B 382 -22.51 -26.89 -33.10
N ILE B 383 -23.82 -27.05 -32.88
CA ILE B 383 -24.75 -25.97 -33.19
C ILE B 383 -24.48 -24.76 -32.32
N PHE B 384 -24.24 -24.97 -31.02
CA PHE B 384 -23.95 -23.86 -30.12
C PHE B 384 -22.61 -23.21 -30.48
N PHE B 385 -21.60 -24.02 -30.83
CA PHE B 385 -20.30 -23.45 -31.16
C PHE B 385 -20.38 -22.53 -32.37
N LEU B 386 -21.13 -22.93 -33.40
CA LEU B 386 -21.30 -22.07 -34.56
C LEU B 386 -22.00 -20.77 -34.18
N PHE B 387 -23.05 -20.86 -33.37
CA PHE B 387 -23.76 -19.65 -32.93
C PHE B 387 -22.89 -18.80 -32.01
N TYR B 388 -22.12 -19.42 -31.13
CA TYR B 388 -21.37 -18.68 -30.12
C TYR B 388 -20.17 -17.96 -30.72
N VAL B 389 -19.46 -18.60 -31.65
CA VAL B 389 -18.23 -18.02 -32.16
C VAL B 389 -18.51 -16.86 -33.11
N ILE B 390 -19.60 -16.91 -33.88
CA ILE B 390 -19.97 -15.77 -34.72
C ILE B 390 -20.46 -14.62 -33.85
N LEU B 391 -21.31 -14.92 -32.86
CA LEU B 391 -21.80 -13.87 -31.97
C LEU B 391 -20.66 -13.26 -31.17
N GLY B 392 -19.72 -14.08 -30.70
CA GLY B 392 -18.60 -13.56 -29.95
C GLY B 392 -17.69 -12.68 -30.77
N LEU B 393 -17.36 -13.11 -31.99
CA LEU B 393 -16.50 -12.31 -32.86
C LEU B 393 -17.19 -11.03 -33.29
N ILE B 394 -18.50 -11.08 -33.53
CA ILE B 394 -19.24 -9.88 -33.92
C ILE B 394 -19.23 -8.87 -32.79
N TYR B 395 -19.48 -9.32 -31.56
CA TYR B 395 -19.46 -8.41 -30.42
C TYR B 395 -18.06 -7.87 -30.17
N MET B 396 -17.03 -8.72 -30.28
CA MET B 396 -15.66 -8.29 -30.00
C MET B 396 -15.21 -7.21 -30.97
N CYS B 397 -15.50 -7.39 -32.25
CA CYS B 397 -15.15 -6.36 -33.24
C CYS B 397 -15.95 -5.07 -33.01
N VAL B 398 -17.24 -5.22 -32.68
CA VAL B 398 -18.06 -4.03 -32.45
C VAL B 398 -17.64 -3.33 -31.16
N MET B 399 -17.37 -4.10 -30.10
CA MET B 399 -16.98 -3.50 -28.83
C MET B 399 -15.67 -2.74 -28.95
N LEU B 400 -14.69 -3.33 -29.65
CA LEU B 400 -13.42 -2.64 -29.84
C LEU B 400 -13.57 -1.41 -30.73
N GLY B 401 -14.44 -1.50 -31.74
CA GLY B 401 -14.64 -0.36 -32.63
C GLY B 401 -15.21 0.85 -31.92
N ILE B 402 -16.08 0.62 -30.94
CA ILE B 402 -16.61 1.73 -30.15
C ILE B 402 -15.50 2.35 -29.31
N MET B 403 -14.58 1.54 -28.81
CA MET B 403 -13.54 2.02 -27.90
C MET B 403 -12.47 2.85 -28.60
N VAL B 404 -12.43 2.86 -29.94
CA VAL B 404 -11.43 3.61 -30.67
C VAL B 404 -12.02 4.76 -31.49
N ALA B 405 -13.28 4.65 -31.92
CA ALA B 405 -13.87 5.62 -32.83
C ALA B 405 -15.26 6.02 -32.37
N TYR B 406 -15.40 6.29 -31.07
CA TYR B 406 -16.67 6.77 -30.53
C TYR B 406 -16.42 7.56 -29.25
N THR C 25 -0.75 61.18 4.13
CA THR C 25 -2.07 61.21 3.52
C THR C 25 -2.17 60.21 2.38
N THR C 26 -1.07 59.54 2.09
CA THR C 26 -1.05 58.53 1.05
C THR C 26 -1.81 57.28 1.52
N ARG C 27 -2.37 56.55 0.56
CA ARG C 27 -3.08 55.31 0.89
C ARG C 27 -2.14 54.30 1.54
N ARG C 28 -0.92 54.18 1.02
CA ARG C 28 0.07 53.31 1.66
C ARG C 28 0.46 53.86 3.04
N CYS C 29 0.54 55.18 3.17
CA CYS C 29 0.79 55.78 4.48
C CYS C 29 -0.35 55.48 5.44
N LEU C 30 -1.58 55.51 4.95
CA LEU C 30 -2.72 55.12 5.79
C LEU C 30 -2.63 53.64 6.17
N ALA C 31 -2.22 52.79 5.24
CA ALA C 31 -2.06 51.37 5.54
C ALA C 31 -0.99 51.13 6.59
N GLN C 32 0.12 51.86 6.50
CA GLN C 32 1.18 51.71 7.49
C GLN C 32 0.74 52.22 8.86
N MET C 33 -0.10 53.26 8.90
CA MET C 33 -0.59 53.76 10.17
C MET C 33 -1.45 52.74 10.89
N LEU C 34 -2.30 52.02 10.14
CA LEU C 34 -3.16 51.01 10.75
C LEU C 34 -2.34 49.84 11.28
N ILE C 35 -1.25 49.49 10.59
CA ILE C 35 -0.40 48.40 11.06
C ILE C 35 0.31 48.80 12.35
N ASP C 36 0.72 50.07 12.45
CA ASP C 36 1.40 50.55 13.65
C ASP C 36 0.52 50.51 14.88
N MET C 37 -0.81 50.50 14.70
CA MET C 37 -1.72 50.42 15.84
C MET C 37 -1.61 49.08 16.55
N GLU C 38 -1.37 48.00 15.80
CA GLU C 38 -1.23 46.65 16.35
C GLU C 38 -2.50 46.23 17.10
N MET C 39 -3.60 46.19 16.36
CA MET C 39 -4.90 45.77 16.91
C MET C 39 -5.03 44.26 16.71
N LEU C 40 -4.31 43.51 17.54
CA LEU C 40 -4.30 42.06 17.49
C LEU C 40 -5.31 41.43 18.44
N SER C 41 -6.09 42.23 19.15
CA SER C 41 -7.18 41.75 19.98
C SER C 41 -8.51 42.03 19.30
N MET C 42 -9.47 41.13 19.52
CA MET C 42 -10.72 41.20 18.79
C MET C 42 -11.54 42.42 19.22
N PRO C 43 -12.43 42.91 18.36
CA PRO C 43 -13.28 44.06 18.74
C PRO C 43 -14.38 43.66 19.70
N GLN C 44 -14.05 43.60 20.99
CA GLN C 44 -14.97 43.14 22.02
C GLN C 44 -15.55 44.29 22.84
N ASP C 45 -15.43 45.53 22.36
CA ASP C 45 -15.87 46.68 23.15
C ASP C 45 -17.38 46.64 23.40
N GLU C 46 -18.17 46.27 22.39
CA GLU C 46 -19.63 46.32 22.49
C GLU C 46 -20.13 45.01 23.08
N ASN C 47 -20.16 44.94 24.41
CA ASN C 47 -20.70 43.81 25.17
C ASN C 47 -19.99 42.49 24.85
N CYS C 48 -18.81 42.57 24.23
CA CYS C 48 -18.04 41.38 23.83
C CYS C 48 -18.89 40.43 22.99
N THR C 49 -19.66 41.01 22.07
CA THR C 49 -20.50 40.24 21.15
C THR C 49 -20.16 40.68 19.73
N LEU C 50 -19.59 39.78 18.95
CA LEU C 50 -19.14 40.09 17.59
C LEU C 50 -19.94 39.30 16.57
N PRO C 51 -20.86 39.93 15.83
CA PRO C 51 -21.57 39.22 14.76
C PRO C 51 -20.68 39.07 13.54
N ILE C 52 -20.32 37.83 13.23
CA ILE C 52 -19.44 37.52 12.11
C ILE C 52 -20.29 36.98 10.97
N TYR C 53 -20.30 37.67 9.84
CA TYR C 53 -21.11 37.32 8.70
C TYR C 53 -20.30 36.49 7.71
N VAL C 54 -20.83 35.34 7.32
CA VAL C 54 -20.16 34.44 6.38
C VAL C 54 -21.10 34.12 5.22
N PRO C 55 -21.25 35.02 4.25
CA PRO C 55 -22.11 34.73 3.10
C PRO C 55 -21.38 33.90 2.06
N PHE C 56 -22.13 32.99 1.43
CA PHE C 56 -21.65 32.20 0.29
C PHE C 56 -20.40 31.39 0.71
N ILE C 57 -20.66 30.43 1.59
CA ILE C 57 -19.65 29.43 1.94
C ILE C 57 -19.73 28.28 0.96
N GLU C 58 -18.60 27.95 0.32
CA GLU C 58 -18.54 26.94 -0.71
C GLU C 58 -17.98 25.65 -0.14
N TYR C 59 -18.65 24.53 -0.41
CA TYR C 59 -18.28 23.25 0.17
C TYR C 59 -17.92 22.27 -0.94
N GLN C 60 -16.99 21.37 -0.61
CA GLN C 60 -16.54 20.35 -1.56
C GLN C 60 -15.96 19.18 -0.77
N THR C 61 -16.22 17.96 -1.25
CA THR C 61 -15.67 16.76 -0.65
C THR C 61 -14.40 16.36 -1.40
N LEU C 62 -13.32 16.13 -0.66
CA LEU C 62 -12.07 15.69 -1.26
C LEU C 62 -12.00 14.17 -1.38
N SER C 63 -12.40 13.45 -0.33
CA SER C 63 -12.43 12.00 -0.39
C SER C 63 -13.32 11.49 0.74
N VAL C 64 -13.90 10.31 0.53
CA VAL C 64 -14.73 9.64 1.53
C VAL C 64 -14.19 8.23 1.71
N ASN C 65 -13.97 7.84 2.96
CA ASN C 65 -13.51 6.50 3.30
C ASN C 65 -14.70 5.64 3.69
N THR C 66 -14.75 4.43 3.13
CA THR C 66 -15.85 3.51 3.41
C THR C 66 -15.59 2.65 4.63
N LYS C 67 -14.36 2.15 4.79
CA LYS C 67 -14.06 1.28 5.92
C LYS C 67 -14.06 2.06 7.23
N SER C 68 -13.40 3.22 7.25
CA SER C 68 -13.34 4.04 8.45
C SER C 68 -14.47 5.05 8.56
N LEU C 69 -15.30 5.18 7.52
CA LEU C 69 -16.46 6.07 7.52
C LEU C 69 -16.06 7.51 7.83
N ARG C 70 -14.98 7.97 7.20
CA ARG C 70 -14.46 9.31 7.41
C ARG C 70 -14.58 10.13 6.12
N LEU C 71 -15.05 11.35 6.26
CA LEU C 71 -15.28 12.25 5.13
C LEU C 71 -14.32 13.43 5.23
N ASN C 72 -13.56 13.67 4.16
CA ASN C 72 -12.67 14.81 4.06
C ASN C 72 -13.35 15.87 3.21
N SER C 73 -13.48 17.08 3.75
CA SER C 73 -14.19 18.16 3.09
C SER C 73 -13.37 19.44 3.13
N ARG C 74 -13.53 20.25 2.09
CA ARG C 74 -12.90 21.55 2.00
C ARG C 74 -13.98 22.63 1.98
N LEU C 75 -13.81 23.66 2.79
CA LEU C 75 -14.81 24.72 2.95
C LEU C 75 -14.14 26.06 2.66
N ARG C 76 -14.54 26.68 1.55
CA ARG C 76 -14.03 28.00 1.15
C ARG C 76 -15.12 29.03 1.45
N ALA C 77 -14.84 29.91 2.39
CA ALA C 77 -15.81 30.90 2.85
C ALA C 77 -15.26 32.31 2.65
N ILE C 78 -16.13 33.30 2.85
CA ILE C 78 -15.77 34.70 2.76
C ILE C 78 -16.21 35.35 4.07
N VAL C 79 -15.30 35.42 5.04
CA VAL C 79 -15.61 36.01 6.33
C VAL C 79 -15.72 37.53 6.19
N LYS C 80 -16.64 38.12 6.96
CA LYS C 80 -16.86 39.56 6.91
C LYS C 80 -17.37 40.02 8.27
N TRP C 81 -16.52 40.68 9.04
CA TRP C 81 -16.87 41.21 10.35
C TRP C 81 -16.58 42.72 10.38
N THR C 82 -16.78 43.32 11.56
CA THR C 82 -16.61 44.75 11.74
C THR C 82 -15.54 45.01 12.79
N ASP C 83 -14.59 45.87 12.45
CA ASP C 83 -13.52 46.28 13.37
C ASP C 83 -13.60 47.80 13.57
N PRO C 84 -14.23 48.28 14.64
CA PRO C 84 -14.37 49.73 14.81
C PRO C 84 -13.05 50.47 14.92
N GLN C 85 -12.02 49.85 15.52
CA GLN C 85 -10.73 50.53 15.64
C GLN C 85 -10.10 50.76 14.27
N LEU C 86 -10.24 49.81 13.36
CA LEU C 86 -9.64 49.92 12.03
C LEU C 86 -10.53 50.75 11.11
N ALA C 87 -10.90 51.95 11.55
CA ALA C 87 -11.72 52.86 10.76
C ALA C 87 -11.14 54.25 10.86
N TRP C 88 -10.78 54.83 9.72
CA TRP C 88 -10.16 56.15 9.66
C TRP C 88 -11.20 57.21 9.34
N ASP C 89 -10.74 58.46 9.28
CA ASP C 89 -11.61 59.59 8.92
C ASP C 89 -11.49 59.86 7.43
N THR C 90 -12.62 59.85 6.73
CA THR C 90 -12.61 60.04 5.28
C THR C 90 -12.25 61.46 4.87
N SER C 91 -12.23 62.41 5.81
CA SER C 91 -11.86 63.77 5.49
C SER C 91 -10.34 63.93 5.37
N VAL C 92 -9.61 63.48 6.40
CA VAL C 92 -8.16 63.54 6.34
C VAL C 92 -7.62 62.53 5.33
N TYR C 93 -8.24 61.35 5.23
CA TYR C 93 -7.84 60.32 4.28
C TYR C 93 -8.93 60.14 3.25
N PRO C 94 -8.79 60.71 2.04
CA PRO C 94 -9.84 60.61 1.02
C PRO C 94 -9.83 59.27 0.29
N TYR C 95 -10.00 58.18 1.05
CA TYR C 95 -9.99 56.84 0.49
C TYR C 95 -11.13 56.04 1.10
N ASP C 96 -11.60 55.04 0.34
CA ASP C 96 -12.72 54.21 0.76
C ASP C 96 -12.34 52.78 1.09
N ALA C 97 -11.13 52.35 0.75
CA ALA C 97 -10.71 50.99 1.04
C ALA C 97 -9.19 50.93 1.11
N VAL C 98 -8.70 49.90 1.80
CA VAL C 98 -7.26 49.66 1.92
C VAL C 98 -7.09 48.21 2.31
N MET C 99 -6.00 47.60 1.84
CA MET C 99 -5.71 46.19 2.11
C MET C 99 -4.46 46.08 2.95
N LEU C 100 -4.55 45.33 4.05
CA LEU C 100 -3.50 45.14 5.03
C LEU C 100 -3.17 43.65 5.14
N PRO C 101 -1.96 43.31 5.60
CA PRO C 101 -1.63 41.90 5.83
C PRO C 101 -2.53 41.29 6.89
N VAL C 102 -2.82 40.00 6.74
CA VAL C 102 -3.74 39.32 7.65
C VAL C 102 -3.15 39.20 9.05
N ASP C 103 -1.83 39.14 9.17
CA ASP C 103 -1.19 38.92 10.46
C ASP C 103 -0.99 40.20 11.26
N LYS C 104 -1.34 41.37 10.70
CA LYS C 104 -1.20 42.63 11.41
C LYS C 104 -2.47 43.05 12.14
N ILE C 105 -3.59 42.37 11.91
CA ILE C 105 -4.84 42.66 12.60
C ILE C 105 -5.44 41.34 13.09
N TRP C 106 -6.53 41.45 13.84
CA TRP C 106 -7.21 40.27 14.35
C TRP C 106 -8.11 39.67 13.29
N THR C 107 -8.10 38.34 13.20
CA THR C 107 -8.90 37.61 12.23
C THR C 107 -9.55 36.42 12.94
N PRO C 108 -10.85 36.23 12.80
CA PRO C 108 -11.50 35.08 13.44
C PRO C 108 -11.03 33.76 12.86
N VAL C 109 -11.05 32.73 13.69
CA VAL C 109 -10.62 31.39 13.31
C VAL C 109 -11.86 30.51 13.29
N LEU C 110 -12.39 30.25 12.10
CA LEU C 110 -13.54 29.37 11.96
C LEU C 110 -13.13 27.92 12.18
N GLN C 111 -14.00 27.16 12.83
CA GLN C 111 -13.71 25.79 13.20
C GLN C 111 -14.82 24.87 12.74
N VAL C 112 -14.48 23.59 12.61
CA VAL C 112 -15.48 22.54 12.39
C VAL C 112 -15.49 21.67 13.64
N LYS C 113 -16.40 22.00 14.57
CA LYS C 113 -16.40 21.34 15.88
C LYS C 113 -16.94 19.91 15.80
N ASN C 114 -17.76 19.59 14.81
CA ASN C 114 -18.36 18.27 14.74
C ASN C 114 -17.32 17.19 14.46
N GLY C 115 -16.35 17.48 13.59
CA GLY C 115 -15.37 16.51 13.16
C GLY C 115 -13.99 16.72 13.77
N ILE C 116 -13.11 15.77 13.46
CA ILE C 116 -11.74 15.79 13.94
C ILE C 116 -10.85 16.51 12.93
N SER C 117 -9.67 16.93 13.39
CA SER C 117 -8.61 17.44 12.53
C SER C 117 -9.11 18.58 11.65
N THR C 118 -9.53 19.66 12.30
CA THR C 118 -9.97 20.86 11.59
C THR C 118 -8.82 21.86 11.53
N ASN C 119 -8.61 22.45 10.36
CA ASN C 119 -7.52 23.40 10.16
C ASN C 119 -7.97 24.48 9.19
N MET C 120 -7.77 25.74 9.57
CA MET C 120 -8.14 26.88 8.76
C MET C 120 -6.89 27.56 8.22
N LYS C 121 -6.91 27.88 6.93
CA LYS C 121 -5.79 28.54 6.28
C LYS C 121 -6.30 29.74 5.49
N HIS C 122 -5.43 30.75 5.35
CA HIS C 122 -5.78 31.96 4.63
C HIS C 122 -5.60 31.75 3.13
N ASP C 123 -6.63 32.09 2.36
CA ASP C 123 -6.51 32.00 0.89
C ASP C 123 -5.46 32.97 0.38
N ALA C 124 -5.43 34.19 0.92
CA ALA C 124 -4.44 35.20 0.54
C ALA C 124 -3.88 35.84 1.80
N ASN C 125 -2.77 36.55 1.63
CA ASN C 125 -2.10 37.21 2.75
C ASN C 125 -2.58 38.63 2.97
N ASP C 126 -3.58 39.09 2.21
CA ASP C 126 -4.12 40.43 2.35
C ASP C 126 -5.63 40.37 2.53
N LEU C 127 -6.17 41.35 3.25
CA LEU C 127 -7.60 41.47 3.48
C LEU C 127 -8.03 42.92 3.26
N LEU C 128 -9.27 43.10 2.81
CA LEU C 128 -9.78 44.41 2.48
C LEU C 128 -10.50 45.03 3.68
N VAL C 129 -10.15 46.27 3.99
CA VAL C 129 -10.76 47.02 5.09
C VAL C 129 -11.40 48.27 4.51
N TYR C 130 -12.67 48.50 4.84
CA TYR C 130 -13.39 49.67 4.36
C TYR C 130 -13.24 50.84 5.33
N SER C 131 -13.77 51.99 4.91
CA SER C 131 -13.62 53.21 5.70
C SER C 131 -14.44 53.17 6.98
N ASN C 132 -15.44 52.30 7.08
CA ASN C 132 -16.29 52.22 8.25
C ASN C 132 -15.90 51.07 9.18
N GLY C 133 -14.79 50.39 8.91
CA GLY C 133 -14.30 49.34 9.77
C GLY C 133 -14.61 47.93 9.30
N THR C 134 -15.48 47.77 8.30
CA THR C 134 -15.81 46.44 7.80
C THR C 134 -14.58 45.80 7.16
N VAL C 135 -14.34 44.53 7.48
CA VAL C 135 -13.17 43.80 7.00
C VAL C 135 -13.65 42.61 6.20
N ASN C 136 -13.09 42.44 5.00
CA ASN C 136 -13.41 41.32 4.13
C ASN C 136 -12.20 40.39 4.04
N HIS C 137 -12.43 39.11 4.35
CA HIS C 137 -11.36 38.13 4.32
C HIS C 137 -11.95 36.77 3.98
N GLU C 138 -11.28 36.05 3.09
CA GLU C 138 -11.72 34.73 2.65
C GLU C 138 -10.77 33.67 3.22
N VAL C 139 -11.34 32.59 3.74
CA VAL C 139 -10.58 31.52 4.37
C VAL C 139 -10.97 30.19 3.75
N GLN C 140 -10.08 29.22 3.89
CA GLN C 140 -10.30 27.85 3.42
C GLN C 140 -10.12 26.91 4.60
N ILE C 141 -11.12 26.08 4.86
CA ILE C 141 -11.14 25.19 6.01
C ILE C 141 -11.12 23.75 5.52
N ASN C 142 -10.15 22.98 6.00
CA ASN C 142 -10.06 21.56 5.71
C ASN C 142 -10.33 20.79 7.00
N ALA C 143 -11.34 19.92 6.98
CA ALA C 143 -11.72 19.17 8.16
C ALA C 143 -11.99 17.72 7.76
N GLU C 144 -11.85 16.83 8.74
CA GLU C 144 -12.13 15.41 8.57
C GLU C 144 -13.26 15.03 9.53
N ILE C 145 -14.40 14.65 8.96
CA ILE C 145 -15.61 14.41 9.73
C ILE C 145 -15.85 12.91 9.83
N ASN C 146 -16.05 12.44 11.06
CA ASN C 146 -16.43 11.05 11.28
C ASN C 146 -17.88 10.85 10.86
N CYS C 147 -18.10 10.45 9.62
CA CYS C 147 -19.44 10.37 9.07
C CYS C 147 -20.12 9.07 9.49
N GLU C 148 -21.37 9.17 9.91
CA GLU C 148 -22.18 8.01 10.27
C GLU C 148 -23.26 7.83 9.21
N VAL C 149 -23.16 6.75 8.44
CA VAL C 149 -24.12 6.44 7.39
C VAL C 149 -24.58 5.00 7.56
N ASN C 150 -25.86 4.76 7.30
CA ASN C 150 -26.41 3.41 7.42
C ASN C 150 -25.91 2.56 6.27
N LEU C 151 -24.82 1.83 6.50
CA LEU C 151 -24.23 0.94 5.51
C LEU C 151 -24.79 -0.47 5.57
N PHE C 152 -26.03 -0.63 6.04
CA PHE C 152 -26.63 -1.96 6.10
C PHE C 152 -26.76 -2.56 4.71
N ASN C 153 -27.13 -1.74 3.72
CA ASN C 153 -27.29 -2.18 2.35
C ASN C 153 -26.11 -1.64 1.52
N TYR C 154 -25.05 -2.43 1.43
CA TYR C 154 -24.04 -2.07 0.46
C TYR C 154 -24.28 -2.81 -0.85
N PRO C 155 -24.16 -2.14 -2.01
CA PRO C 155 -23.81 -0.72 -2.20
C PRO C 155 -24.97 0.27 -2.10
N PHE C 156 -26.22 -0.16 -1.97
CA PHE C 156 -27.37 0.74 -2.03
C PHE C 156 -27.50 1.45 -0.69
N ALA C 157 -26.68 2.49 -0.51
CA ALA C 157 -26.59 3.20 0.76
C ALA C 157 -26.53 4.71 0.51
N GLY C 158 -26.97 5.46 1.52
CA GLY C 158 -26.93 6.91 1.47
C GLY C 158 -27.54 7.54 2.70
N ASP C 159 -26.88 8.57 3.24
CA ASP C 159 -27.39 9.22 4.45
C ASP C 159 -26.85 10.64 4.49
N GLU C 160 -27.52 11.47 5.29
CA GLU C 160 -27.13 12.86 5.45
C GLU C 160 -26.03 12.99 6.49
N CYS C 161 -24.97 13.70 6.14
CA CYS C 161 -23.80 13.86 7.01
C CYS C 161 -23.71 15.29 7.51
N PRO C 162 -23.92 15.55 8.80
CA PRO C 162 -23.84 16.92 9.31
C PRO C 162 -22.41 17.41 9.44
N VAL C 163 -22.18 18.64 9.00
CA VAL C 163 -20.90 19.32 9.13
C VAL C 163 -21.15 20.64 9.84
N ALA C 164 -20.61 20.78 11.04
CA ALA C 164 -20.85 21.98 11.85
C ALA C 164 -19.77 23.02 11.62
N ILE C 165 -20.18 24.28 11.60
CA ILE C 165 -19.27 25.42 11.48
C ILE C 165 -19.46 26.29 12.71
N GLU C 166 -18.36 26.56 13.42
CA GLU C 166 -18.46 27.23 14.71
C GLU C 166 -17.25 28.15 14.89
N THR C 167 -17.45 29.19 15.70
CA THR C 167 -16.40 30.10 16.11
C THR C 167 -16.31 30.08 17.63
N PHE C 168 -15.12 30.38 18.16
CA PHE C 168 -14.89 30.29 19.60
C PHE C 168 -15.86 31.19 20.36
N SER C 169 -16.43 30.64 21.43
CA SER C 169 -17.38 31.36 22.26
C SER C 169 -17.32 30.76 23.66
N SER C 170 -16.74 31.48 24.60
CA SER C 170 -16.56 30.99 25.96
C SER C 170 -17.19 31.96 26.95
N GLY C 171 -18.05 31.44 27.82
CA GLY C 171 -18.62 32.25 28.89
C GLY C 171 -19.42 33.42 28.38
N GLU C 172 -19.16 34.59 28.97
CA GLU C 172 -19.89 35.80 28.61
C GLU C 172 -19.66 36.19 27.15
N CYS C 173 -18.43 36.07 26.67
CA CYS C 173 -18.08 36.50 25.32
C CYS C 173 -18.56 35.47 24.31
N VAL C 174 -19.46 35.90 23.43
CA VAL C 174 -20.02 35.03 22.39
C VAL C 174 -19.91 35.76 21.06
N THR C 175 -19.47 35.04 20.03
CA THR C 175 -19.35 35.58 18.67
C THR C 175 -20.28 34.76 17.78
N THR C 176 -21.52 35.23 17.64
CA THR C 176 -22.49 34.56 16.80
C THR C 176 -22.06 34.61 15.34
N LEU C 177 -22.27 33.50 14.63
CA LEU C 177 -21.86 33.36 13.25
C LEU C 177 -23.10 33.28 12.36
N ILE C 178 -23.16 34.16 11.36
CA ILE C 178 -24.32 34.27 10.47
C ILE C 178 -23.94 33.71 9.12
N LEU C 179 -24.69 32.72 8.65
CA LEU C 179 -24.49 32.10 7.36
C LEU C 179 -25.66 32.42 6.44
N ASP C 180 -25.37 32.63 5.16
CA ASP C 180 -26.38 33.04 4.19
C ASP C 180 -26.64 32.00 3.12
N GLN C 181 -25.61 31.57 2.40
CA GLN C 181 -25.80 30.66 1.26
C GLN C 181 -24.71 29.61 1.27
N VAL C 182 -25.03 28.45 0.69
CA VAL C 182 -24.08 27.35 0.53
C VAL C 182 -24.14 26.88 -0.92
N ARG C 183 -22.98 26.81 -1.57
CA ARG C 183 -22.84 26.31 -2.93
C ARG C 183 -21.88 25.13 -2.91
N SER C 184 -22.33 23.98 -3.40
CA SER C 184 -21.56 22.75 -3.34
C SER C 184 -21.05 22.39 -4.73
N LEU C 185 -19.76 22.03 -4.80
CA LEU C 185 -19.18 21.52 -6.04
C LEU C 185 -19.42 20.01 -6.11
N ASP C 186 -20.68 19.66 -6.36
CA ASP C 186 -21.10 18.27 -6.33
C ASP C 186 -20.37 17.46 -7.41
N GLY C 187 -20.03 16.22 -7.07
CA GLY C 187 -19.33 15.34 -7.97
C GLY C 187 -18.76 14.14 -7.24
N SER C 188 -18.65 13.01 -7.93
CA SER C 188 -18.16 11.80 -7.28
C SER C 188 -16.69 11.94 -6.93
N THR C 189 -16.34 11.51 -5.71
CA THR C 189 -14.97 11.50 -5.23
C THR C 189 -14.35 10.11 -5.27
N GLY C 190 -15.00 9.17 -5.95
CA GLY C 190 -14.59 7.78 -5.94
C GLY C 190 -15.80 6.88 -5.94
N ASP C 191 -15.91 6.00 -4.93
CA ASP C 191 -17.12 5.19 -4.81
C ASP C 191 -18.31 6.01 -4.34
N TRP C 192 -18.06 7.06 -3.55
CA TRP C 192 -19.13 7.90 -3.02
C TRP C 192 -19.37 9.09 -3.94
N GLN C 193 -20.63 9.47 -4.07
CA GLN C 193 -21.04 10.63 -4.85
C GLN C 193 -21.74 11.63 -3.94
N THR C 194 -21.30 12.89 -3.99
CA THR C 194 -21.92 13.95 -3.21
C THR C 194 -23.10 14.52 -3.97
N THR C 195 -24.26 14.59 -3.32
CA THR C 195 -25.49 15.01 -3.96
C THR C 195 -25.85 16.46 -3.70
N TYR C 196 -25.70 16.94 -2.46
CA TYR C 196 -26.13 18.28 -2.11
C TYR C 196 -25.42 18.73 -0.85
N ALA C 197 -25.59 20.01 -0.52
CA ALA C 197 -25.07 20.57 0.72
C ALA C 197 -26.03 21.70 1.12
N ARG C 198 -26.96 21.42 2.02
CA ARG C 198 -27.97 22.36 2.44
C ARG C 198 -27.65 22.92 3.82
N LEU C 199 -28.12 24.14 4.07
CA LEU C 199 -27.90 24.83 5.33
C LEU C 199 -29.07 24.57 6.26
N LYS C 200 -28.78 24.06 7.46
CA LYS C 200 -29.79 23.79 8.47
C LYS C 200 -29.35 24.43 9.79
N LYS C 201 -30.13 24.21 10.84
CA LYS C 201 -29.86 24.76 12.15
C LYS C 201 -29.98 23.67 13.20
N GLN C 202 -29.13 23.74 14.21
CA GLN C 202 -29.13 22.78 15.31
C GLN C 202 -30.03 23.28 16.43
N ARG C 203 -29.96 22.63 17.59
CA ARG C 203 -30.84 22.98 18.70
C ARG C 203 -30.52 24.36 19.27
N GLU C 204 -29.29 24.55 19.75
CA GLU C 204 -28.90 25.79 20.40
C GLU C 204 -28.43 26.83 19.38
N ASP C 205 -29.24 27.06 18.35
CA ASP C 205 -28.96 28.08 17.33
C ASP C 205 -27.57 27.89 16.72
N ARG C 206 -27.20 26.64 16.46
CA ARG C 206 -25.91 26.30 15.90
C ARG C 206 -26.04 26.01 14.42
N ASN C 207 -25.26 26.71 13.61
CA ASN C 207 -25.29 26.52 12.17
C ASN C 207 -24.45 25.32 11.77
N PHE C 208 -25.04 24.41 10.99
CA PHE C 208 -24.32 23.26 10.47
C PHE C 208 -24.75 23.01 9.04
N ILE C 209 -23.88 22.37 8.27
CA ILE C 209 -24.11 22.11 6.86
C ILE C 209 -24.49 20.64 6.70
N ALA C 210 -25.67 20.41 6.13
CA ALA C 210 -26.18 19.05 5.90
C ALA C 210 -25.69 18.58 4.54
N VAL C 211 -24.86 17.55 4.52
CA VAL C 211 -24.24 17.03 3.31
C VAL C 211 -24.87 15.69 2.97
N GLY C 212 -25.34 15.56 1.73
CA GLY C 212 -25.91 14.32 1.25
C GLY C 212 -24.87 13.49 0.54
N LEU C 213 -24.69 12.26 1.02
CA LEU C 213 -23.72 11.32 0.46
C LEU C 213 -24.45 10.11 -0.09
N LYS C 214 -24.06 9.69 -1.30
CA LYS C 214 -24.64 8.54 -1.95
C LYS C 214 -23.53 7.70 -2.57
N ILE C 215 -23.75 6.39 -2.62
CA ILE C 215 -22.78 5.46 -3.18
C ILE C 215 -23.23 5.10 -4.59
N ASN C 216 -22.35 5.31 -5.57
CA ASN C 216 -22.61 4.86 -6.93
C ASN C 216 -22.50 3.35 -6.98
N TYR C 217 -23.62 2.67 -7.15
CA TYR C 217 -23.65 1.21 -7.10
C TYR C 217 -23.24 0.55 -8.41
N SER C 218 -22.86 1.34 -9.43
CA SER C 218 -22.41 0.75 -10.68
C SER C 218 -21.14 -0.08 -10.49
N SER C 219 -20.21 0.41 -9.68
CA SER C 219 -18.95 -0.28 -9.47
C SER C 219 -19.08 -1.49 -8.53
N PRO C 220 -19.59 -1.33 -7.30
CA PRO C 220 -19.65 -2.49 -6.40
C PRO C 220 -20.50 -3.63 -6.91
N LEU C 221 -21.58 -3.34 -7.65
CA LEU C 221 -22.42 -4.40 -8.19
C LEU C 221 -21.66 -5.25 -9.19
N MET C 222 -20.86 -4.61 -10.05
CA MET C 222 -20.18 -5.34 -11.12
C MET C 222 -18.99 -6.12 -10.57
N THR C 223 -18.25 -5.56 -9.62
CA THR C 223 -17.02 -6.19 -9.18
C THR C 223 -17.24 -7.25 -8.10
N LEU C 224 -18.29 -7.12 -7.29
CA LEU C 224 -18.52 -8.02 -6.17
C LEU C 224 -19.81 -8.82 -6.30
N LEU C 225 -20.94 -8.14 -6.55
CA LEU C 225 -22.22 -8.82 -6.52
C LEU C 225 -22.41 -9.73 -7.73
N LEU C 226 -22.08 -9.24 -8.93
CA LEU C 226 -22.27 -10.06 -10.12
C LEU C 226 -21.43 -11.33 -10.13
N PRO C 227 -20.12 -11.30 -9.85
CA PRO C 227 -19.39 -12.56 -9.78
C PRO C 227 -19.91 -13.52 -8.72
N THR C 228 -20.40 -12.98 -7.60
CA THR C 228 -20.96 -13.84 -6.56
C THR C 228 -22.20 -14.57 -7.05
N VAL C 229 -23.10 -13.85 -7.73
CA VAL C 229 -24.31 -14.48 -8.25
C VAL C 229 -23.97 -15.53 -9.30
N LEU C 230 -23.00 -15.20 -10.17
CA LEU C 230 -22.63 -16.14 -11.23
C LEU C 230 -21.94 -17.37 -10.66
N ILE C 231 -21.11 -17.21 -9.63
CA ILE C 231 -20.43 -18.35 -9.03
C ILE C 231 -21.44 -19.30 -8.40
N VAL C 232 -22.39 -18.76 -7.64
CA VAL C 232 -23.42 -19.59 -7.03
C VAL C 232 -24.29 -20.24 -8.09
N LEU C 233 -24.60 -19.50 -9.16
CA LEU C 233 -25.37 -20.08 -10.26
C LEU C 233 -24.62 -21.24 -10.92
N ALA C 234 -23.32 -21.09 -11.10
CA ALA C 234 -22.53 -22.19 -11.66
C ALA C 234 -22.49 -23.38 -10.71
N ASP C 235 -22.60 -23.15 -9.41
CA ASP C 235 -22.62 -24.25 -8.45
C ASP C 235 -23.92 -25.05 -8.56
N PHE C 236 -25.04 -24.37 -8.80
CA PHE C 236 -26.32 -25.06 -8.93
C PHE C 236 -26.31 -26.04 -10.09
N VAL C 237 -25.78 -25.63 -11.24
CA VAL C 237 -25.72 -26.49 -12.42
C VAL C 237 -24.50 -27.41 -12.40
N SER C 238 -23.58 -27.20 -11.47
CA SER C 238 -22.42 -28.09 -11.36
C SER C 238 -22.82 -29.52 -11.02
N PHE C 239 -24.03 -29.73 -10.52
CA PHE C 239 -24.53 -31.07 -10.25
C PHE C 239 -24.78 -31.86 -11.54
N ALA C 240 -24.82 -31.20 -12.70
CA ALA C 240 -25.01 -31.90 -13.96
C ALA C 240 -23.82 -32.81 -14.28
N LEU C 241 -22.64 -32.48 -13.75
CA LEU C 241 -21.46 -33.28 -14.02
C LEU C 241 -21.61 -34.65 -13.37
N PRO C 242 -21.47 -35.75 -14.13
CA PRO C 242 -21.59 -37.07 -13.53
C PRO C 242 -20.51 -37.33 -12.50
N LEU C 243 -20.87 -38.10 -11.46
CA LEU C 243 -19.93 -38.41 -10.40
C LEU C 243 -18.77 -39.27 -10.91
N HIS C 244 -19.07 -40.27 -11.74
CA HIS C 244 -18.03 -41.17 -12.21
C HIS C 244 -17.07 -40.48 -13.17
N GLY C 245 -17.58 -39.61 -14.04
CA GLY C 245 -16.76 -39.00 -15.07
C GLY C 245 -15.68 -38.08 -14.54
N GLY C 246 -15.77 -37.66 -13.28
CA GLY C 246 -14.78 -36.78 -12.71
C GLY C 246 -14.99 -35.33 -13.11
N GLY C 247 -14.08 -34.49 -12.64
CA GLY C 247 -14.17 -33.07 -12.93
C GLY C 247 -15.30 -32.36 -12.23
N ARG C 248 -15.78 -32.90 -11.12
CA ARG C 248 -16.86 -32.29 -10.35
C ARG C 248 -16.41 -31.80 -8.98
N ASN C 249 -15.81 -32.67 -8.18
CA ASN C 249 -15.33 -32.25 -6.87
C ASN C 249 -14.20 -31.23 -6.99
N GLY C 250 -13.30 -31.43 -7.95
CA GLY C 250 -12.30 -30.41 -8.23
C GLY C 250 -12.89 -29.14 -8.79
N PHE C 251 -13.97 -29.26 -9.57
CA PHE C 251 -14.67 -28.09 -10.08
C PHE C 251 -15.26 -27.27 -8.94
N LYS C 252 -15.84 -27.94 -7.94
CA LYS C 252 -16.47 -27.23 -6.83
C LYS C 252 -15.46 -26.64 -5.86
N VAL C 253 -14.30 -27.27 -5.69
CA VAL C 253 -13.32 -26.77 -4.73
C VAL C 253 -12.74 -25.45 -5.21
N THR C 254 -12.66 -25.23 -6.52
CA THR C 254 -12.22 -23.94 -7.03
C THR C 254 -13.24 -22.85 -6.74
N LEU C 255 -14.53 -23.20 -6.83
CA LEU C 255 -15.59 -22.25 -6.50
C LEU C 255 -15.54 -21.87 -5.02
N VAL C 256 -15.31 -22.86 -4.15
CA VAL C 256 -15.28 -22.60 -2.72
C VAL C 256 -14.10 -21.71 -2.35
N LEU C 257 -12.91 -22.02 -2.90
CA LEU C 257 -11.74 -21.19 -2.63
C LEU C 257 -11.87 -19.81 -3.25
N SER C 258 -12.79 -19.61 -4.17
CA SER C 258 -13.04 -18.29 -4.72
C SER C 258 -13.82 -17.41 -3.75
N PHE C 259 -14.74 -18.00 -2.99
CA PHE C 259 -15.49 -17.25 -1.99
C PHE C 259 -14.65 -16.92 -0.76
N VAL C 260 -13.61 -17.70 -0.49
CA VAL C 260 -12.68 -17.35 0.59
C VAL C 260 -11.94 -16.06 0.24
N MET C 261 -11.55 -15.91 -1.03
CA MET C 261 -10.96 -14.66 -1.49
C MET C 261 -11.97 -13.52 -1.46
N PHE C 262 -13.23 -13.82 -1.80
CA PHE C 262 -14.26 -12.79 -1.76
C PHE C 262 -14.50 -12.29 -0.35
N LEU C 263 -14.53 -13.20 0.64
CA LEU C 263 -14.70 -12.78 2.02
C LEU C 263 -13.57 -11.89 2.48
N ASN C 264 -12.33 -12.24 2.15
CA ASN C 264 -11.19 -11.42 2.55
C ASN C 264 -11.19 -10.09 1.81
N LEU C 265 -11.50 -10.10 0.52
CA LEU C 265 -11.55 -8.84 -0.24
C LEU C 265 -12.68 -7.95 0.26
N LEU C 266 -13.86 -8.53 0.48
CA LEU C 266 -15.00 -7.74 0.92
C LEU C 266 -14.77 -7.18 2.32
N ASN C 267 -14.17 -7.98 3.21
CA ASN C 267 -13.93 -7.54 4.58
C ASN C 267 -12.90 -6.43 4.66
N SER C 268 -12.06 -6.27 3.63
CA SER C 268 -11.01 -5.27 3.67
C SER C 268 -11.49 -3.87 3.34
N GLN C 269 -12.76 -3.70 2.96
CA GLN C 269 -13.27 -2.39 2.59
C GLN C 269 -14.67 -2.14 3.13
N LEU C 270 -15.01 -2.74 4.26
CA LEU C 270 -16.32 -2.53 4.87
C LEU C 270 -16.22 -2.58 6.39
N PRO C 271 -16.88 -1.67 7.10
CA PRO C 271 -16.82 -1.65 8.57
C PRO C 271 -17.80 -2.63 9.19
N GLY C 272 -17.26 -3.63 9.89
CA GLY C 272 -18.08 -4.54 10.67
C GLY C 272 -18.26 -4.04 12.09
N ASN C 273 -18.96 -2.92 12.25
CA ASN C 273 -19.03 -2.26 13.55
C ASN C 273 -20.00 -2.97 14.50
N GLY C 274 -21.27 -3.03 14.12
CA GLY C 274 -22.29 -3.57 15.00
C GLY C 274 -23.64 -3.72 14.35
N ASP C 275 -24.69 -3.27 15.04
CA ASP C 275 -26.02 -3.31 14.46
C ASP C 275 -26.07 -2.48 13.18
N CYS C 276 -26.87 -2.95 12.22
CA CYS C 276 -26.98 -2.35 10.89
C CYS C 276 -25.62 -2.31 10.19
N SER C 277 -24.84 -3.37 10.37
CA SER C 277 -23.61 -3.55 9.62
C SER C 277 -23.94 -4.03 8.20
N PRO C 278 -23.00 -3.89 7.27
CA PRO C 278 -23.25 -4.39 5.91
C PRO C 278 -23.65 -5.86 5.92
N ILE C 279 -24.78 -6.15 5.29
CA ILE C 279 -25.33 -7.51 5.30
C ILE C 279 -24.72 -8.37 4.19
N ILE C 280 -24.03 -7.76 3.22
CA ILE C 280 -23.37 -8.55 2.18
C ILE C 280 -22.29 -9.43 2.79
N ARG C 281 -21.73 -9.02 3.93
CA ARG C 281 -20.77 -9.85 4.64
C ARG C 281 -21.40 -11.15 5.12
N ILE C 282 -22.61 -11.06 5.68
CA ILE C 282 -23.33 -12.28 6.07
C ILE C 282 -23.77 -13.05 4.85
N HIS C 283 -24.20 -12.34 3.80
CA HIS C 283 -24.64 -13.01 2.58
C HIS C 283 -23.50 -13.82 1.96
N PHE C 284 -22.30 -13.26 1.92
CA PHE C 284 -21.14 -14.01 1.46
C PHE C 284 -20.84 -15.17 2.40
N CYS C 285 -21.01 -14.96 3.71
CA CYS C 285 -20.75 -16.02 4.68
C CYS C 285 -21.69 -17.20 4.49
N ILE C 286 -22.97 -16.93 4.23
CA ILE C 286 -23.92 -18.01 4.03
C ILE C 286 -23.62 -18.77 2.75
N CYS C 287 -23.25 -18.06 1.69
CA CYS C 287 -22.94 -18.72 0.41
C CYS C 287 -21.74 -19.65 0.54
N LEU C 288 -20.74 -19.26 1.33
CA LEU C 288 -19.57 -20.12 1.52
C LEU C 288 -19.96 -21.44 2.17
N VAL C 289 -20.83 -21.40 3.17
CA VAL C 289 -21.29 -22.62 3.82
C VAL C 289 -22.12 -23.46 2.86
N LEU C 290 -22.95 -22.79 2.04
CA LEU C 290 -23.79 -23.52 1.09
C LEU C 290 -22.94 -24.26 0.05
N LEU C 291 -21.88 -23.63 -0.44
CA LEU C 291 -21.02 -24.30 -1.41
C LEU C 291 -20.22 -25.43 -0.75
N VAL C 292 -19.77 -25.22 0.48
CA VAL C 292 -19.06 -26.27 1.20
C VAL C 292 -19.96 -27.48 1.42
N LEU C 293 -21.21 -27.23 1.83
CA LEU C 293 -22.16 -28.33 2.02
C LEU C 293 -22.44 -29.05 0.71
N SER C 294 -22.55 -28.30 -0.39
CA SER C 294 -22.76 -28.92 -1.69
C SER C 294 -21.59 -29.80 -2.09
N MET C 295 -20.37 -29.34 -1.83
CA MET C 295 -19.18 -30.15 -2.12
C MET C 295 -19.07 -31.32 -1.15
N LEU C 296 -19.53 -31.14 0.09
CA LEU C 296 -19.41 -32.19 1.10
C LEU C 296 -20.24 -33.41 0.71
N VAL C 297 -21.49 -33.19 0.30
CA VAL C 297 -22.36 -34.31 -0.05
C VAL C 297 -21.88 -34.97 -1.35
N SER C 298 -21.37 -34.17 -2.29
CA SER C 298 -20.90 -34.73 -3.55
C SER C 298 -19.75 -35.69 -3.34
N MET C 299 -18.82 -35.35 -2.45
CA MET C 299 -17.71 -36.24 -2.15
C MET C 299 -18.20 -37.53 -1.49
N VAL C 300 -19.19 -37.42 -0.60
CA VAL C 300 -19.77 -38.61 0.02
C VAL C 300 -20.50 -39.44 -1.02
N LEU C 301 -21.28 -38.80 -1.90
CA LEU C 301 -22.00 -39.53 -2.93
C LEU C 301 -21.06 -40.17 -3.93
N THR C 302 -19.87 -39.58 -4.15
CA THR C 302 -18.89 -40.20 -5.03
C THR C 302 -18.42 -41.53 -4.45
N ARG C 303 -18.19 -41.57 -3.13
CA ARG C 303 -17.82 -42.83 -2.49
C ARG C 303 -18.94 -43.86 -2.59
N LEU C 304 -20.19 -43.40 -2.45
CA LEU C 304 -21.33 -44.30 -2.57
C LEU C 304 -21.42 -44.89 -3.97
N ALA C 305 -21.15 -44.09 -5.01
CA ALA C 305 -21.18 -44.60 -6.37
C ALA C 305 -20.08 -45.61 -6.62
N HIS C 306 -18.88 -45.36 -6.09
CA HIS C 306 -17.75 -46.25 -6.35
C HIS C 306 -17.84 -47.52 -5.52
N ASP C 307 -18.30 -47.42 -4.27
CA ASP C 307 -18.31 -48.56 -3.35
C ASP C 307 -19.65 -49.29 -3.31
N GLY C 308 -20.76 -48.57 -3.47
CA GLY C 308 -22.08 -49.16 -3.39
C GLY C 308 -22.78 -48.99 -2.05
N SER C 309 -22.04 -48.64 -1.00
CA SER C 309 -22.62 -48.43 0.31
C SER C 309 -21.77 -47.44 1.08
N LEU C 310 -22.37 -46.82 2.09
CA LEU C 310 -21.68 -45.86 2.95
C LEU C 310 -21.10 -46.60 4.16
N ALA C 311 -20.14 -47.48 3.87
CA ALA C 311 -19.46 -48.27 4.90
C ALA C 311 -18.01 -47.87 5.11
N PHE C 312 -17.44 -47.06 4.20
CA PHE C 312 -16.06 -46.61 4.39
C PHE C 312 -15.93 -45.74 5.64
N PHE C 313 -16.90 -44.85 5.87
CA PHE C 313 -16.84 -43.97 7.03
C PHE C 313 -17.13 -44.72 8.32
N SER C 314 -18.06 -45.67 8.28
CA SER C 314 -18.41 -46.40 9.48
C SER C 314 -17.26 -47.29 9.93
N PRO C 315 -17.00 -47.40 11.24
CA PRO C 315 -15.93 -48.24 11.77
C PRO C 315 -16.33 -49.71 11.89
N VAL C 350 -17.98 -80.81 -24.33
CA VAL C 350 -18.75 -79.58 -24.18
C VAL C 350 -18.28 -78.80 -22.97
N GLN C 351 -17.31 -79.36 -22.25
CA GLN C 351 -16.77 -78.68 -21.07
C GLN C 351 -16.10 -77.37 -21.46
N MET C 352 -15.32 -77.38 -22.55
CA MET C 352 -14.67 -76.16 -23.01
C MET C 352 -15.69 -75.12 -23.45
N LEU C 353 -16.72 -75.55 -24.18
CA LEU C 353 -17.74 -74.62 -24.66
C LEU C 353 -18.63 -74.11 -23.54
N ARG C 354 -18.72 -74.83 -22.42
CA ARG C 354 -19.53 -74.39 -21.30
C ARG C 354 -18.77 -73.49 -20.34
N LYS C 355 -17.44 -73.61 -20.29
CA LYS C 355 -16.66 -72.74 -19.42
C LYS C 355 -16.69 -71.30 -19.91
N VAL C 356 -16.67 -71.09 -21.22
CA VAL C 356 -16.68 -69.74 -21.76
C VAL C 356 -18.01 -69.05 -21.48
N VAL C 357 -19.10 -69.82 -21.39
CA VAL C 357 -20.40 -69.22 -21.09
C VAL C 357 -20.42 -68.72 -19.64
N THR C 358 -19.80 -69.47 -18.72
CA THR C 358 -19.76 -69.05 -17.32
C THR C 358 -18.98 -67.76 -17.15
N PHE C 359 -17.87 -67.62 -17.88
CA PHE C 359 -17.07 -66.39 -17.78
C PHE C 359 -17.80 -65.21 -18.40
N LEU C 360 -18.47 -65.42 -19.55
CA LEU C 360 -19.14 -64.33 -20.23
C LEU C 360 -20.30 -63.78 -19.41
N GLN C 361 -21.08 -64.66 -18.79
CA GLN C 361 -22.17 -64.18 -17.94
C GLN C 361 -21.65 -63.52 -16.67
N ARG C 362 -20.49 -63.96 -16.18
CA ARG C 362 -19.88 -63.31 -15.01
C ARG C 362 -19.48 -61.89 -15.32
N LEU C 363 -18.90 -61.65 -16.50
CA LEU C 363 -18.54 -60.30 -16.91
C LEU C 363 -19.78 -59.43 -17.07
N ASP C 364 -20.86 -59.99 -17.61
CA ASP C 364 -22.11 -59.25 -17.73
C ASP C 364 -22.67 -58.87 -16.36
N ASP C 365 -22.58 -59.79 -15.40
CA ASP C 365 -23.06 -59.49 -14.06
C ASP C 365 -22.22 -58.40 -13.41
N GLN C 366 -20.91 -58.40 -13.66
CA GLN C 366 -20.05 -57.33 -13.16
C GLN C 366 -20.44 -55.99 -13.76
N LYS C 367 -20.83 -55.99 -15.04
CA LYS C 367 -21.33 -54.76 -15.66
C LYS C 367 -22.67 -54.35 -15.04
N ASN C 368 -23.52 -55.33 -14.72
CA ASN C 368 -24.84 -55.01 -14.18
C ASN C 368 -24.75 -54.43 -12.78
N GLN C 369 -23.87 -54.98 -11.93
CA GLN C 369 -23.74 -54.45 -10.57
C GLN C 369 -23.14 -53.05 -10.57
N ASN C 370 -22.25 -52.76 -11.52
CA ASN C 370 -21.74 -51.41 -11.66
C ASN C 370 -22.85 -50.44 -12.06
N GLU C 371 -23.73 -50.87 -12.95
CA GLU C 371 -24.83 -50.01 -13.39
C GLU C 371 -25.78 -49.69 -12.24
N ARG C 372 -26.13 -50.70 -11.44
CA ARG C 372 -27.11 -50.49 -10.38
C ARG C 372 -26.55 -49.63 -9.26
N LYS C 373 -25.27 -49.79 -8.93
CA LYS C 373 -24.66 -48.97 -7.88
C LYS C 373 -24.38 -47.55 -8.36
N HIS C 374 -24.25 -47.34 -9.67
CA HIS C 374 -24.05 -46.01 -10.22
C HIS C 374 -25.36 -45.28 -10.47
N ALA C 375 -26.50 -45.95 -10.35
CA ALA C 375 -27.81 -45.33 -10.46
C ALA C 375 -28.44 -45.02 -9.12
N PHE C 376 -28.19 -45.84 -8.10
CA PHE C 376 -28.68 -45.53 -6.76
C PHE C 376 -28.05 -44.23 -6.24
N ALA C 377 -26.75 -44.05 -6.46
CA ALA C 377 -26.11 -42.80 -6.07
C ALA C 377 -26.62 -41.64 -6.91
N ASP C 378 -27.01 -41.90 -8.16
CA ASP C 378 -27.59 -40.84 -8.99
C ASP C 378 -28.93 -40.39 -8.43
N LYS C 379 -29.74 -41.33 -7.91
CA LYS C 379 -31.03 -40.97 -7.34
C LYS C 379 -30.86 -40.05 -6.14
N LEU C 380 -29.89 -40.34 -5.28
CA LEU C 380 -29.61 -39.45 -4.15
C LEU C 380 -29.09 -38.11 -4.64
N ASP C 381 -28.26 -38.10 -5.67
CA ASP C 381 -27.77 -36.85 -6.24
C ASP C 381 -28.92 -36.05 -6.86
N LYS C 382 -29.83 -36.72 -7.56
CA LYS C 382 -30.99 -36.04 -8.13
C LYS C 382 -31.90 -35.48 -7.04
N ILE C 383 -32.09 -36.24 -5.97
CA ILE C 383 -32.93 -35.77 -4.87
C ILE C 383 -32.32 -34.54 -4.21
N PHE C 384 -31.00 -34.57 -3.98
CA PHE C 384 -30.34 -33.42 -3.38
C PHE C 384 -30.36 -32.22 -4.31
N PHE C 385 -30.18 -32.44 -5.61
CA PHE C 385 -30.16 -31.32 -6.56
C PHE C 385 -31.49 -30.59 -6.59
N LEU C 386 -32.60 -31.33 -6.56
CA LEU C 386 -33.91 -30.69 -6.52
C LEU C 386 -34.08 -29.89 -5.23
N PHE C 387 -33.68 -30.46 -4.11
CA PHE C 387 -33.78 -29.74 -2.84
C PHE C 387 -32.83 -28.56 -2.78
N TYR C 388 -31.61 -28.74 -3.28
CA TYR C 388 -30.59 -27.69 -3.14
C TYR C 388 -30.88 -26.51 -4.05
N VAL C 389 -31.27 -26.76 -5.30
CA VAL C 389 -31.46 -25.66 -6.24
C VAL C 389 -32.70 -24.84 -5.87
N ILE C 390 -33.73 -25.49 -5.32
CA ILE C 390 -34.92 -24.74 -4.89
C ILE C 390 -34.61 -23.91 -3.65
N LEU C 391 -33.92 -24.51 -2.68
CA LEU C 391 -33.54 -23.77 -1.48
C LEU C 391 -32.57 -22.64 -1.80
N GLY C 392 -31.62 -22.90 -2.70
CA GLY C 392 -30.66 -21.87 -3.05
C GLY C 392 -31.29 -20.68 -3.74
N LEU C 393 -32.18 -20.93 -4.70
CA LEU C 393 -32.82 -19.83 -5.42
C LEU C 393 -33.77 -19.06 -4.50
N ILE C 394 -34.45 -19.75 -3.60
CA ILE C 394 -35.34 -19.07 -2.66
C ILE C 394 -34.55 -18.15 -1.75
N TYR C 395 -33.42 -18.63 -1.23
CA TYR C 395 -32.58 -17.80 -0.37
C TYR C 395 -32.00 -16.62 -1.15
N MET C 396 -31.53 -16.87 -2.38
CA MET C 396 -30.90 -15.80 -3.16
C MET C 396 -31.88 -14.67 -3.46
N CYS C 397 -33.12 -15.02 -3.85
CA CYS C 397 -34.12 -13.99 -4.09
C CYS C 397 -34.48 -13.27 -2.79
N VAL C 398 -34.63 -14.01 -1.70
CA VAL C 398 -34.93 -13.38 -0.41
C VAL C 398 -33.75 -12.55 0.07
N MET C 399 -32.53 -13.08 -0.08
CA MET C 399 -31.34 -12.35 0.37
C MET C 399 -31.17 -11.04 -0.39
N LEU C 400 -31.35 -11.07 -1.72
CA LEU C 400 -31.22 -9.86 -2.51
C LEU C 400 -32.33 -8.86 -2.21
N GLY C 401 -33.54 -9.36 -1.96
CA GLY C 401 -34.66 -8.47 -1.68
C GLY C 401 -34.48 -7.66 -0.41
N ILE C 402 -33.85 -8.26 0.61
CA ILE C 402 -33.56 -7.52 1.84
C ILE C 402 -32.57 -6.41 1.56
N MET C 403 -31.58 -6.66 0.71
CA MET C 403 -30.51 -5.70 0.46
C MET C 403 -30.97 -4.47 -0.31
N VAL C 404 -32.16 -4.49 -0.90
CA VAL C 404 -32.65 -3.37 -1.68
C VAL C 404 -33.87 -2.69 -1.05
N ALA C 405 -34.67 -3.41 -0.27
CA ALA C 405 -35.94 -2.90 0.25
C ALA C 405 -36.09 -3.23 1.73
N TYR C 406 -35.03 -2.99 2.50
CA TYR C 406 -35.09 -3.17 3.95
C TYR C 406 -34.04 -2.32 4.62
N THR D 25 -10.13 53.07 28.98
CA THR D 25 -11.19 52.47 29.79
C THR D 25 -12.04 51.52 28.96
N THR D 26 -11.75 51.46 27.66
CA THR D 26 -12.46 50.55 26.77
C THR D 26 -12.01 49.11 27.01
N ARG D 27 -12.93 48.16 26.77
CA ARG D 27 -12.59 46.76 26.92
C ARG D 27 -11.46 46.35 25.99
N ARG D 28 -11.49 46.83 24.74
CA ARG D 28 -10.38 46.58 23.83
C ARG D 28 -9.12 47.27 24.31
N CYS D 29 -9.25 48.48 24.87
CA CYS D 29 -8.10 49.16 25.45
C CYS D 29 -7.54 48.38 26.63
N LEU D 30 -8.42 47.78 27.44
CA LEU D 30 -7.95 46.90 28.51
C LEU D 30 -7.24 45.68 27.95
N ALA D 31 -7.76 45.11 26.87
CA ALA D 31 -7.10 43.97 26.23
C ALA D 31 -5.73 44.35 25.71
N GLN D 32 -5.61 45.53 25.10
CA GLN D 32 -4.32 46.00 24.61
C GLN D 32 -3.33 46.19 25.75
N MET D 33 -3.80 46.70 26.89
CA MET D 33 -2.91 46.94 28.02
C MET D 33 -2.32 45.63 28.54
N LEU D 34 -3.13 44.57 28.61
CA LEU D 34 -2.65 43.29 29.09
C LEU D 34 -1.63 42.67 28.15
N ILE D 35 -1.79 42.89 26.84
CA ILE D 35 -0.83 42.36 25.88
C ILE D 35 0.50 43.08 26.00
N ASP D 36 0.46 44.40 26.24
CA ASP D 36 1.69 45.17 26.37
C ASP D 36 2.51 44.76 27.59
N MET D 37 1.90 44.10 28.57
CA MET D 37 2.64 43.63 29.74
C MET D 37 3.64 42.54 29.36
N GLU D 38 3.28 41.69 28.39
CA GLU D 38 4.13 40.61 27.91
C GLU D 38 4.48 39.65 29.06
N MET D 39 3.45 39.05 29.63
CA MET D 39 3.61 38.07 30.70
C MET D 39 3.69 36.68 30.08
N LEU D 40 4.85 36.38 29.51
CA LEU D 40 5.09 35.11 28.84
C LEU D 40 5.76 34.08 29.75
N SER D 41 5.98 34.41 31.01
CA SER D 41 6.49 33.47 32.00
C SER D 41 5.36 32.99 32.89
N MET D 42 5.53 31.80 33.45
CA MET D 42 4.46 31.19 34.22
C MET D 42 4.23 31.96 35.53
N PRO D 43 3.02 31.85 36.09
CA PRO D 43 2.73 32.46 37.42
C PRO D 43 3.32 31.62 38.56
N GLN D 44 4.60 31.84 38.83
CA GLN D 44 5.35 31.05 39.80
C GLN D 44 5.66 31.82 41.07
N ASP D 45 4.96 32.93 41.33
CA ASP D 45 5.26 33.75 42.50
C ASP D 45 5.02 33.00 43.80
N GLU D 46 3.93 32.23 43.87
CA GLU D 46 3.52 31.55 45.10
C GLU D 46 4.18 30.18 45.17
N ASN D 47 5.41 30.14 45.71
CA ASN D 47 6.16 28.91 45.93
C ASN D 47 6.39 28.10 44.66
N CYS D 48 6.21 28.72 43.50
CA CYS D 48 6.38 28.05 42.20
C CYS D 48 5.55 26.78 42.11
N THR D 49 4.31 26.85 42.61
CA THR D 49 3.38 25.74 42.57
C THR D 49 2.08 26.22 41.93
N LEU D 50 1.79 25.73 40.74
CA LEU D 50 0.63 26.18 39.98
C LEU D 50 -0.40 25.08 39.86
N PRO D 51 -1.52 25.14 40.59
CA PRO D 51 -2.59 24.15 40.41
C PRO D 51 -3.37 24.42 39.14
N ILE D 52 -3.25 23.51 38.17
CA ILE D 52 -3.93 23.65 36.89
C ILE D 52 -5.12 22.71 36.87
N TYR D 53 -6.31 23.27 36.70
CA TYR D 53 -7.55 22.52 36.73
C TYR D 53 -7.99 22.16 35.32
N VAL D 54 -8.27 20.89 35.09
CA VAL D 54 -8.68 20.40 33.77
C VAL D 54 -9.99 19.63 33.92
N PRO D 55 -11.13 20.30 34.06
CA PRO D 55 -12.41 19.60 34.14
C PRO D 55 -12.93 19.21 32.77
N PHE D 56 -13.59 18.06 32.70
CA PHE D 56 -14.27 17.57 31.50
C PHE D 56 -13.29 17.46 30.33
N ILE D 57 -12.37 16.52 30.48
CA ILE D 57 -11.46 16.15 29.39
C ILE D 57 -12.13 15.06 28.56
N GLU D 58 -12.22 15.28 27.25
CA GLU D 58 -12.94 14.40 26.35
C GLU D 58 -11.95 13.52 25.58
N TYR D 59 -12.24 12.23 25.52
CA TYR D 59 -11.35 11.25 24.92
C TYR D 59 -12.01 10.62 23.69
N GLN D 60 -11.16 10.23 22.74
CA GLN D 60 -11.61 9.58 21.51
C GLN D 60 -10.42 8.88 20.86
N THR D 61 -10.65 7.66 20.37
CA THR D 61 -9.62 6.93 19.64
C THR D 61 -9.80 7.15 18.15
N LEU D 62 -8.71 7.54 17.48
CA LEU D 62 -8.76 7.74 16.03
C LEU D 62 -8.51 6.45 15.26
N SER D 63 -7.54 5.66 15.69
CA SER D 63 -7.28 4.37 15.07
C SER D 63 -6.44 3.54 16.02
N VAL D 64 -6.56 2.21 15.89
CA VAL D 64 -5.78 1.25 16.66
C VAL D 64 -5.10 0.30 15.68
N ASN D 65 -3.81 0.12 15.85
CA ASN D 65 -3.04 -0.81 15.02
C ASN D 65 -2.88 -2.13 15.75
N THR D 66 -3.16 -3.22 15.03
CA THR D 66 -3.08 -4.55 15.64
C THR D 66 -1.67 -5.13 15.54
N LYS D 67 -1.00 -4.96 14.41
CA LYS D 67 0.33 -5.54 14.24
C LYS D 67 1.35 -4.81 15.12
N SER D 68 1.33 -3.49 15.11
CA SER D 68 2.27 -2.71 15.90
C SER D 68 1.76 -2.39 17.30
N LEU D 69 0.51 -2.72 17.60
CA LEU D 69 -0.08 -2.51 18.92
C LEU D 69 0.04 -1.05 19.36
N ARG D 70 -0.27 -0.13 18.45
CA ARG D 70 -0.21 1.30 18.71
C ARG D 70 -1.60 1.90 18.64
N LEU D 71 -1.93 2.74 19.62
CA LEU D 71 -3.23 3.37 19.72
C LEU D 71 -3.09 4.86 19.49
N ASN D 72 -3.86 5.39 18.54
CA ASN D 72 -3.90 6.82 18.27
C ASN D 72 -5.15 7.41 18.93
N SER D 73 -4.96 8.42 19.77
CA SER D 73 -6.05 9.00 20.54
C SER D 73 -6.03 10.52 20.43
N ARG D 74 -7.21 11.12 20.55
CA ARG D 74 -7.37 12.56 20.56
C ARG D 74 -8.00 12.97 21.89
N LEU D 75 -7.43 14.00 22.52
CA LEU D 75 -7.86 14.46 23.83
C LEU D 75 -8.22 15.94 23.75
N ARG D 76 -9.50 16.25 23.94
CA ARG D 76 -9.99 17.62 23.95
C ARG D 76 -10.30 18.01 25.39
N ALA D 77 -9.53 18.94 25.94
CA ALA D 77 -9.64 19.34 27.33
C ALA D 77 -9.99 20.81 27.43
N ILE D 78 -10.31 21.25 28.65
CA ILE D 78 -10.61 22.64 28.95
C ILE D 78 -9.70 23.03 30.11
N VAL D 79 -8.53 23.60 29.79
CA VAL D 79 -7.57 23.99 30.81
C VAL D 79 -8.06 25.26 31.51
N LYS D 80 -7.81 25.35 32.81
CA LYS D 80 -8.25 26.50 33.60
C LYS D 80 -7.28 26.68 34.76
N TRP D 81 -6.41 27.68 34.65
CA TRP D 81 -5.44 28.01 35.69
C TRP D 81 -5.66 29.46 36.14
N THR D 82 -4.78 29.93 37.01
CA THR D 82 -4.87 31.27 37.57
C THR D 82 -3.61 32.06 37.25
N ASP D 83 -3.78 33.25 36.71
CA ASP D 83 -2.67 34.16 36.41
C ASP D 83 -2.87 35.45 37.21
N PRO D 84 -2.20 35.59 38.36
CA PRO D 84 -2.41 36.80 39.18
C PRO D 84 -2.06 38.10 38.49
N GLN D 85 -1.04 38.10 37.62
CA GLN D 85 -0.65 39.32 36.93
C GLN D 85 -1.73 39.80 35.98
N LEU D 86 -2.42 38.86 35.31
CA LEU D 86 -3.46 39.21 34.35
C LEU D 86 -4.78 39.49 35.06
N ALA D 87 -4.76 40.36 36.06
CA ALA D 87 -5.96 40.72 36.81
C ALA D 87 -5.99 42.24 36.97
N TRP D 88 -7.04 42.87 36.47
CA TRP D 88 -7.18 44.32 36.52
C TRP D 88 -8.07 44.72 37.69
N ASP D 89 -8.21 46.03 37.87
CA ASP D 89 -9.08 46.58 38.90
C ASP D 89 -10.46 46.83 38.31
N THR D 90 -11.49 46.24 38.94
CA THR D 90 -12.85 46.36 38.42
C THR D 90 -13.42 47.77 38.58
N SER D 91 -12.77 48.64 39.36
CA SER D 91 -13.25 50.00 39.52
C SER D 91 -12.87 50.86 38.32
N VAL D 92 -11.60 50.86 37.95
CA VAL D 92 -11.17 51.62 36.78
C VAL D 92 -11.69 50.98 35.50
N TYR D 93 -11.71 49.65 35.45
CA TYR D 93 -12.21 48.92 34.28
C TYR D 93 -13.49 48.19 34.67
N PRO D 94 -14.66 48.72 34.32
CA PRO D 94 -15.93 48.07 34.73
C PRO D 94 -16.30 46.90 33.83
N TYR D 95 -15.42 45.89 33.79
CA TYR D 95 -15.64 44.71 32.98
C TYR D 95 -15.28 43.47 33.79
N ASP D 96 -15.93 42.35 33.45
CA ASP D 96 -15.72 41.10 34.17
C ASP D 96 -14.96 40.06 33.36
N ALA D 97 -14.78 40.26 32.06
CA ALA D 97 -14.07 39.28 31.23
C ALA D 97 -13.47 39.98 30.03
N VAL D 98 -12.44 39.36 29.48
CA VAL D 98 -11.77 39.85 28.28
C VAL D 98 -11.05 38.67 27.64
N MET D 99 -10.96 38.68 26.31
CA MET D 99 -10.34 37.59 25.57
C MET D 99 -9.12 38.11 24.83
N LEU D 100 -7.99 37.44 25.02
CA LEU D 100 -6.70 37.81 24.49
C LEU D 100 -6.14 36.68 23.63
N PRO D 101 -5.23 36.99 22.70
CA PRO D 101 -4.59 35.92 21.92
C PRO D 101 -3.78 34.99 22.83
N VAL D 102 -3.72 33.73 22.42
CA VAL D 102 -3.06 32.72 23.25
C VAL D 102 -1.55 32.94 23.31
N ASP D 103 -0.96 33.51 22.26
CA ASP D 103 0.48 33.66 22.19
C ASP D 103 0.99 34.91 22.92
N LYS D 104 0.09 35.74 23.44
CA LYS D 104 0.51 36.94 24.17
C LYS D 104 0.65 36.72 25.66
N ILE D 105 0.21 35.57 26.18
CA ILE D 105 0.34 35.23 27.58
C ILE D 105 0.88 33.81 27.71
N TRP D 106 1.16 33.40 28.94
CA TRP D 106 1.68 32.07 29.20
C TRP D 106 0.53 31.05 29.22
N THR D 107 0.76 29.90 28.58
CA THR D 107 -0.23 28.84 28.49
C THR D 107 0.46 27.51 28.78
N PRO D 108 -0.09 26.69 29.67
CA PRO D 108 0.53 25.39 29.96
C PRO D 108 0.45 24.45 28.78
N VAL D 109 1.43 23.56 28.69
CA VAL D 109 1.51 22.58 27.61
C VAL D 109 1.29 21.21 28.22
N LEU D 110 0.08 20.68 28.05
CA LEU D 110 -0.23 19.35 28.54
C LEU D 110 0.45 18.29 27.66
N GLN D 111 0.93 17.23 28.30
CA GLN D 111 1.68 16.19 27.62
C GLN D 111 1.11 14.82 27.95
N VAL D 112 1.39 13.87 27.08
CA VAL D 112 1.09 12.46 27.31
C VAL D 112 2.43 11.75 27.41
N LYS D 113 2.93 11.60 28.64
CA LYS D 113 4.26 11.03 28.83
C LYS D 113 4.29 9.51 28.62
N ASN D 114 3.15 8.85 28.77
CA ASN D 114 3.13 7.39 28.64
C ASN D 114 3.46 6.94 27.22
N GLY D 115 2.95 7.65 26.22
CA GLY D 115 3.12 7.27 24.84
C GLY D 115 4.07 8.17 24.07
N ILE D 116 4.30 7.78 22.82
CA ILE D 116 5.20 8.49 21.93
C ILE D 116 4.41 9.53 21.14
N SER D 117 5.14 10.49 20.57
CA SER D 117 4.59 11.45 19.61
C SER D 117 3.36 12.15 20.16
N THR D 118 3.56 12.91 21.23
CA THR D 118 2.51 13.72 21.82
C THR D 118 2.63 15.16 21.32
N ASN D 119 1.50 15.74 20.94
CA ASN D 119 1.47 17.09 20.39
C ASN D 119 0.20 17.79 20.83
N MET D 120 0.36 19.01 21.36
CA MET D 120 -0.75 19.81 21.84
C MET D 120 -1.03 20.94 20.85
N LYS D 121 -2.29 21.13 20.50
CA LYS D 121 -2.71 22.16 19.56
C LYS D 121 -3.85 22.97 20.17
N HIS D 122 -3.78 24.29 20.00
CA HIS D 122 -4.83 25.16 20.51
C HIS D 122 -6.08 25.03 19.66
N ASP D 123 -7.22 24.82 20.31
CA ASP D 123 -8.48 24.75 19.58
C ASP D 123 -8.81 26.08 18.92
N ALA D 124 -8.59 27.19 19.64
CA ALA D 124 -8.82 28.53 19.13
C ALA D 124 -7.63 29.41 19.47
N ASN D 125 -7.58 30.57 18.82
CA ASN D 125 -6.50 31.51 19.03
C ASN D 125 -6.79 32.52 20.13
N ASP D 126 -7.92 32.39 20.82
CA ASP D 126 -8.28 33.31 21.89
C ASP D 126 -8.62 32.52 23.15
N LEU D 127 -8.36 33.15 24.30
CA LEU D 127 -8.67 32.56 25.59
C LEU D 127 -9.33 33.61 26.48
N LEU D 128 -10.19 33.15 27.39
CA LEU D 128 -10.97 34.03 28.23
C LEU D 128 -10.25 34.27 29.56
N VAL D 129 -10.14 35.53 29.95
CA VAL D 129 -9.51 35.94 31.21
C VAL D 129 -10.54 36.69 32.02
N TYR D 130 -10.70 36.30 33.28
CA TYR D 130 -11.66 36.94 34.17
C TYR D 130 -10.99 38.07 34.95
N SER D 131 -11.81 38.80 35.72
CA SER D 131 -11.32 39.95 36.46
C SER D 131 -10.40 39.56 37.62
N ASN D 132 -10.46 38.31 38.07
CA ASN D 132 -9.64 37.85 39.19
C ASN D 132 -8.41 37.08 38.75
N GLY D 133 -8.14 37.03 37.45
CA GLY D 133 -6.94 36.37 36.94
C GLY D 133 -7.17 34.98 36.39
N THR D 134 -8.33 34.38 36.63
CA THR D 134 -8.60 33.04 36.12
C THR D 134 -8.64 33.05 34.59
N VAL D 135 -7.97 32.09 33.98
CA VAL D 135 -7.84 31.99 32.53
C VAL D 135 -8.48 30.69 32.06
N ASN D 136 -9.34 30.77 31.06
CA ASN D 136 -9.99 29.61 30.47
C ASN D 136 -9.44 29.39 29.06
N HIS D 137 -9.01 28.16 28.79
CA HIS D 137 -8.43 27.83 27.49
C HIS D 137 -8.65 26.34 27.22
N GLU D 138 -9.07 26.02 26.01
CA GLU D 138 -9.31 24.64 25.61
C GLU D 138 -8.25 24.20 24.62
N VAL D 139 -7.72 22.99 24.82
CA VAL D 139 -6.64 22.46 24.01
C VAL D 139 -7.03 21.09 23.47
N GLN D 140 -6.37 20.70 22.39
CA GLN D 140 -6.58 19.39 21.76
C GLN D 140 -5.24 18.68 21.68
N ILE D 141 -5.16 17.48 22.25
CA ILE D 141 -3.92 16.72 22.35
C ILE D 141 -4.05 15.46 21.51
N ASN D 142 -3.11 15.27 20.59
CA ASN D 142 -3.03 14.05 19.78
C ASN D 142 -1.76 13.31 20.18
N ALA D 143 -1.91 12.05 20.61
CA ALA D 143 -0.78 11.26 21.05
C ALA D 143 -0.91 9.84 20.51
N GLU D 144 0.24 9.18 20.39
CA GLU D 144 0.31 7.80 19.95
C GLU D 144 0.84 6.95 21.10
N ILE D 145 0.03 6.00 21.57
CA ILE D 145 0.34 5.23 22.76
C ILE D 145 0.69 3.81 22.34
N ASN D 146 1.85 3.34 22.78
CA ASN D 146 2.24 1.95 22.57
C ASN D 146 1.41 1.06 23.49
N CYS D 147 0.28 0.58 22.98
CA CYS D 147 -0.67 -0.17 23.81
C CYS D 147 -0.22 -1.62 23.96
N GLU D 148 -0.26 -2.13 25.18
CA GLU D 148 0.06 -3.52 25.47
C GLU D 148 -1.23 -4.23 25.84
N VAL D 149 -1.66 -5.16 24.98
CA VAL D 149 -2.88 -5.93 25.19
C VAL D 149 -2.54 -7.41 25.00
N ASN D 150 -3.16 -8.25 25.82
CA ASN D 150 -2.94 -9.70 25.73
C ASN D 150 -3.64 -10.23 24.49
N LEU D 151 -2.88 -10.38 23.40
CA LEU D 151 -3.40 -10.88 22.14
C LEU D 151 -3.21 -12.39 21.99
N PHE D 152 -3.19 -13.13 23.09
CA PHE D 152 -3.07 -14.58 23.01
C PHE D 152 -4.27 -15.18 22.29
N ASN D 153 -5.46 -14.67 22.56
CA ASN D 153 -6.69 -15.16 21.94
C ASN D 153 -7.14 -14.16 20.89
N TYR D 154 -6.64 -14.31 19.67
CA TYR D 154 -7.27 -13.53 18.62
C TYR D 154 -8.38 -14.34 17.95
N PRO D 155 -9.54 -13.74 17.67
CA PRO D 155 -9.93 -12.34 17.93
C PRO D 155 -10.48 -12.03 19.33
N PHE D 156 -10.67 -13.01 20.21
CA PHE D 156 -11.31 -12.79 21.49
C PHE D 156 -10.30 -12.17 22.46
N ALA D 157 -10.10 -10.86 22.31
CA ALA D 157 -9.07 -10.17 23.07
C ALA D 157 -9.61 -8.83 23.57
N GLY D 158 -8.99 -8.34 24.66
CA GLY D 158 -9.36 -7.07 25.24
C GLY D 158 -8.58 -6.78 26.51
N ASP D 159 -8.07 -5.56 26.65
CA ASP D 159 -7.30 -5.19 27.83
C ASP D 159 -7.38 -3.68 28.04
N GLU D 160 -7.09 -3.28 29.27
CA GLU D 160 -7.13 -1.86 29.63
C GLU D 160 -5.82 -1.19 29.21
N CYS D 161 -5.94 -0.05 28.55
CA CYS D 161 -4.78 0.68 28.04
C CYS D 161 -4.61 1.99 28.79
N PRO D 162 -3.56 2.16 29.59
CA PRO D 162 -3.39 3.43 30.32
C PRO D 162 -2.88 4.54 29.43
N VAL D 163 -3.47 5.72 29.60
CA VAL D 163 -3.05 6.93 28.91
C VAL D 163 -2.78 7.98 29.97
N ALA D 164 -1.53 8.40 30.10
CA ALA D 164 -1.12 9.34 31.13
C ALA D 164 -1.23 10.77 30.64
N ILE D 165 -1.65 11.66 31.54
CA ILE D 165 -1.72 13.09 31.26
C ILE D 165 -0.86 13.80 32.29
N GLU D 166 0.09 14.62 31.81
CA GLU D 166 1.06 15.22 32.71
C GLU D 166 1.46 16.60 32.17
N THR D 167 1.94 17.44 33.09
CA THR D 167 2.48 18.75 32.76
C THR D 167 3.88 18.83 33.34
N PHE D 168 4.73 19.64 32.69
CA PHE D 168 6.14 19.72 33.05
C PHE D 168 6.31 20.09 34.52
N SER D 169 7.17 19.34 35.21
CA SER D 169 7.41 19.55 36.64
C SER D 169 8.82 19.08 36.94
N SER D 170 9.72 20.03 37.18
CA SER D 170 11.14 19.74 37.40
C SER D 170 11.59 20.31 38.73
N GLY D 171 12.21 19.46 39.55
CA GLY D 171 12.82 19.92 40.79
C GLY D 171 11.82 20.53 41.75
N GLU D 172 12.18 21.71 42.29
CA GLU D 172 11.33 22.39 43.25
C GLU D 172 9.99 22.77 42.64
N CYS D 173 10.01 23.29 41.41
CA CYS D 173 8.80 23.79 40.77
C CYS D 173 7.95 22.63 40.27
N VAL D 174 6.73 22.52 40.78
CA VAL D 174 5.81 21.46 40.40
C VAL D 174 4.44 22.09 40.10
N THR D 175 3.84 21.69 38.98
CA THR D 175 2.52 22.16 38.57
C THR D 175 1.58 20.96 38.58
N THR D 176 0.93 20.73 39.71
CA THR D 176 0.00 19.61 39.83
C THR D 176 -1.22 19.85 38.96
N LEU D 177 -1.71 18.79 38.33
CA LEU D 177 -2.85 18.83 37.44
C LEU D 177 -4.04 18.14 38.10
N ILE D 178 -5.19 18.82 38.12
CA ILE D 178 -6.40 18.31 38.76
C ILE D 178 -7.39 17.95 37.66
N LEU D 179 -7.81 16.69 37.63
CA LEU D 179 -8.80 16.21 36.67
C LEU D 179 -10.11 15.95 37.38
N ASP D 180 -11.22 16.26 36.70
CA ASP D 180 -12.55 16.15 37.30
C ASP D 180 -13.40 15.08 36.63
N GLN D 181 -13.60 15.16 35.31
CA GLN D 181 -14.49 14.25 34.62
C GLN D 181 -13.88 13.85 33.28
N VAL D 182 -14.23 12.66 32.81
CA VAL D 182 -13.80 12.14 31.52
C VAL D 182 -15.02 11.64 30.76
N ARG D 183 -15.22 12.14 29.55
CA ARG D 183 -16.28 11.70 28.67
C ARG D 183 -15.67 11.15 27.39
N SER D 184 -16.06 9.93 27.03
CA SER D 184 -15.48 9.22 25.90
C SER D 184 -16.50 9.11 24.77
N LEU D 185 -16.05 9.41 23.55
CA LEU D 185 -16.86 9.20 22.35
C LEU D 185 -16.66 7.77 21.86
N ASP D 186 -17.25 6.84 22.61
CA ASP D 186 -17.06 5.42 22.33
C ASP D 186 -17.61 5.05 20.97
N GLY D 187 -16.91 4.14 20.29
CA GLY D 187 -17.29 3.71 18.95
C GLY D 187 -16.16 2.97 18.27
N SER D 188 -16.50 1.99 17.45
CA SER D 188 -15.48 1.19 16.78
C SER D 188 -14.68 2.04 15.80
N THR D 189 -13.37 1.87 15.82
CA THR D 189 -12.46 2.55 14.90
C THR D 189 -11.98 1.63 13.78
N GLY D 190 -12.61 0.47 13.63
CA GLY D 190 -12.15 -0.55 12.71
C GLY D 190 -12.35 -1.93 13.30
N ASP D 191 -11.27 -2.70 13.41
CA ASP D 191 -11.36 -3.99 14.08
C ASP D 191 -11.52 -3.83 15.59
N TRP D 192 -10.96 -2.76 16.15
CA TRP D 192 -11.02 -2.52 17.59
C TRP D 192 -12.20 -1.61 17.93
N GLN D 193 -12.83 -1.88 19.06
CA GLN D 193 -13.94 -1.07 19.56
C GLN D 193 -13.58 -0.54 20.94
N THR D 194 -13.74 0.76 21.13
CA THR D 194 -13.49 1.40 22.41
C THR D 194 -14.74 1.30 23.28
N THR D 195 -14.57 0.82 24.51
CA THR D 195 -15.69 0.56 25.41
C THR D 195 -15.87 1.63 26.48
N TYR D 196 -14.79 2.13 27.06
CA TYR D 196 -14.91 3.11 28.13
C TYR D 196 -13.60 3.90 28.24
N ALA D 197 -13.63 4.93 29.09
CA ALA D 197 -12.44 5.72 29.40
C ALA D 197 -12.64 6.26 30.81
N ARG D 198 -12.03 5.61 31.80
CA ARG D 198 -12.22 5.94 33.20
C ARG D 198 -10.97 6.64 33.74
N LEU D 199 -11.19 7.48 34.76
CA LEU D 199 -10.14 8.25 35.39
C LEU D 199 -9.64 7.51 36.62
N LYS D 200 -8.34 7.19 36.64
CA LYS D 200 -7.70 6.51 37.75
C LYS D 200 -6.48 7.33 38.19
N LYS D 201 -5.73 6.77 39.15
CA LYS D 201 -4.55 7.43 39.69
C LYS D 201 -3.39 6.44 39.72
N GLN D 202 -2.18 6.96 39.48
CA GLN D 202 -0.98 6.14 39.50
C GLN D 202 -0.37 6.15 40.90
N ARG D 203 0.86 5.66 41.03
CA ARG D 203 1.50 5.56 42.34
C ARG D 203 1.81 6.94 42.92
N GLU D 204 2.63 7.72 42.21
CA GLU D 204 3.06 9.03 42.71
C GLU D 204 2.06 10.13 42.38
N ASP D 205 0.79 9.89 42.71
CA ASP D 205 -0.28 10.87 42.52
C ASP D 205 -0.32 11.37 41.08
N ARG D 206 -0.15 10.47 40.12
CA ARG D 206 -0.14 10.81 38.71
C ARG D 206 -1.48 10.43 38.09
N ASN D 207 -2.12 11.40 37.44
CA ASN D 207 -3.40 11.16 36.79
C ASN D 207 -3.19 10.50 35.44
N PHE D 208 -3.92 9.40 35.21
CA PHE D 208 -3.89 8.72 33.91
C PHE D 208 -5.29 8.25 33.58
N ILE D 209 -5.56 8.14 32.27
CA ILE D 209 -6.87 7.74 31.78
C ILE D 209 -6.80 6.27 31.38
N ALA D 210 -7.66 5.47 32.00
CA ALA D 210 -7.73 4.03 31.70
C ALA D 210 -8.72 3.83 30.56
N VAL D 211 -8.22 3.35 29.42
CA VAL D 211 -9.00 3.17 28.21
C VAL D 211 -9.22 1.69 27.99
N GLY D 212 -10.48 1.29 27.85
CA GLY D 212 -10.82 -0.10 27.59
C GLY D 212 -10.96 -0.38 26.11
N LEU D 213 -10.18 -1.33 25.60
CA LEU D 213 -10.17 -1.69 24.19
C LEU D 213 -10.65 -3.12 24.01
N LYS D 214 -11.54 -3.32 23.06
CA LYS D 214 -12.07 -4.64 22.76
C LYS D 214 -12.07 -4.85 21.24
N ILE D 215 -11.90 -6.10 20.83
CA ILE D 215 -11.87 -6.46 19.41
C ILE D 215 -13.23 -7.03 19.05
N ASN D 216 -13.86 -6.45 18.04
CA ASN D 216 -15.09 -7.02 17.48
C ASN D 216 -14.75 -8.29 16.71
N TYR D 217 -15.14 -9.44 17.25
CA TYR D 217 -14.78 -10.72 16.65
C TYR D 217 -15.69 -11.12 15.50
N SER D 218 -16.66 -10.29 15.14
CA SER D 218 -17.54 -10.62 14.02
C SER D 218 -16.77 -10.71 12.72
N SER D 219 -15.81 -9.80 12.50
CA SER D 219 -15.05 -9.79 11.26
C SER D 219 -13.98 -10.88 11.22
N PRO D 220 -13.06 -10.97 12.19
CA PRO D 220 -12.00 -11.98 12.09
C PRO D 220 -12.52 -13.42 12.08
N LEU D 221 -13.63 -13.69 12.77
CA LEU D 221 -14.19 -15.04 12.77
C LEU D 221 -14.64 -15.45 11.38
N MET D 222 -15.29 -14.56 10.65
CA MET D 222 -15.84 -14.89 9.34
C MET D 222 -14.76 -14.97 8.27
N THR D 223 -13.76 -14.09 8.33
CA THR D 223 -12.79 -14.01 7.25
C THR D 223 -11.65 -15.01 7.40
N LEU D 224 -11.31 -15.39 8.63
CA LEU D 224 -10.16 -16.26 8.88
C LEU D 224 -10.55 -17.58 9.53
N LEU D 225 -11.32 -17.54 10.62
CA LEU D 225 -11.57 -18.75 11.39
C LEU D 225 -12.53 -19.69 10.65
N LEU D 226 -13.62 -19.16 10.11
CA LEU D 226 -14.57 -20.02 9.42
C LEU D 226 -14.00 -20.69 8.18
N PRO D 227 -13.31 -20.01 7.26
CA PRO D 227 -12.71 -20.73 6.13
C PRO D 227 -11.71 -21.78 6.56
N THR D 228 -10.96 -21.52 7.63
CA THR D 228 -10.00 -22.51 8.13
C THR D 228 -10.71 -23.77 8.61
N VAL D 229 -11.79 -23.60 9.38
CA VAL D 229 -12.54 -24.75 9.88
C VAL D 229 -13.17 -25.52 8.72
N LEU D 230 -13.72 -24.80 7.74
CA LEU D 230 -14.37 -25.46 6.61
C LEU D 230 -13.36 -26.20 5.74
N ILE D 231 -12.17 -25.62 5.55
CA ILE D 231 -11.14 -26.28 4.74
C ILE D 231 -10.68 -27.57 5.40
N VAL D 232 -10.42 -27.53 6.71
CA VAL D 232 -10.00 -28.73 7.42
C VAL D 232 -11.13 -29.76 7.43
N LEU D 233 -12.38 -29.30 7.55
CA LEU D 233 -13.51 -30.21 7.47
C LEU D 233 -13.59 -30.86 6.11
N ALA D 234 -13.31 -30.10 5.04
CA ALA D 234 -13.30 -30.67 3.69
C ALA D 234 -12.20 -31.70 3.53
N ASP D 235 -11.08 -31.53 4.24
CA ASP D 235 -9.99 -32.50 4.16
C ASP D 235 -10.38 -33.82 4.81
N PHE D 236 -11.12 -33.75 5.93
CA PHE D 236 -11.51 -34.97 6.64
C PHE D 236 -12.36 -35.87 5.76
N VAL D 237 -13.32 -35.29 5.03
CA VAL D 237 -14.17 -36.06 4.13
C VAL D 237 -13.54 -36.25 2.76
N SER D 238 -12.41 -35.59 2.49
CA SER D 238 -11.73 -35.79 1.21
C SER D 238 -11.24 -37.21 1.03
N PHE D 239 -11.14 -37.99 2.12
CA PHE D 239 -10.77 -39.39 2.03
C PHE D 239 -11.85 -40.23 1.36
N ALA D 240 -13.08 -39.70 1.22
CA ALA D 240 -14.13 -40.45 0.55
C ALA D 240 -13.82 -40.68 -0.93
N LEU D 241 -13.02 -39.81 -1.52
CA LEU D 241 -12.68 -39.95 -2.94
C LEU D 241 -11.83 -41.20 -3.14
N PRO D 242 -12.24 -42.11 -4.03
CA PRO D 242 -11.44 -43.31 -4.27
C PRO D 242 -10.08 -42.98 -4.86
N LEU D 243 -9.09 -43.81 -4.52
CA LEU D 243 -7.73 -43.58 -4.99
C LEU D 243 -7.62 -43.75 -6.50
N HIS D 244 -8.26 -44.78 -7.05
CA HIS D 244 -8.16 -45.06 -8.47
C HIS D 244 -8.87 -44.00 -9.30
N GLY D 245 -10.03 -43.53 -8.83
CA GLY D 245 -10.84 -42.61 -9.61
C GLY D 245 -10.18 -41.27 -9.87
N GLY D 246 -9.15 -40.93 -9.10
CA GLY D 246 -8.47 -39.66 -9.27
C GLY D 246 -9.23 -38.51 -8.62
N GLY D 247 -8.68 -37.32 -8.81
CA GLY D 247 -9.29 -36.14 -8.23
C GLY D 247 -9.19 -36.06 -6.72
N ARG D 248 -8.21 -36.73 -6.13
CA ARG D 248 -8.01 -36.72 -4.68
C ARG D 248 -6.72 -36.03 -4.28
N ASN D 249 -5.58 -36.47 -4.81
CA ASN D 249 -4.31 -35.82 -4.49
C ASN D 249 -4.27 -34.38 -4.99
N GLY D 250 -4.81 -34.15 -6.20
CA GLY D 250 -4.94 -32.79 -6.68
C GLY D 250 -5.94 -31.98 -5.86
N PHE D 251 -7.00 -32.64 -5.37
CA PHE D 251 -7.96 -31.97 -4.50
C PHE D 251 -7.30 -31.51 -3.20
N LYS D 252 -6.43 -32.35 -2.64
CA LYS D 252 -5.79 -32.01 -1.37
C LYS D 252 -4.69 -30.97 -1.53
N VAL D 253 -4.01 -30.95 -2.68
CA VAL D 253 -2.91 -29.99 -2.86
C VAL D 253 -3.44 -28.57 -2.93
N THR D 254 -4.66 -28.38 -3.44
CA THR D 254 -5.25 -27.04 -3.44
C THR D 254 -5.59 -26.60 -2.01
N LEU D 255 -6.02 -27.55 -1.17
CA LEU D 255 -6.29 -27.22 0.23
C LEU D 255 -5.01 -26.83 0.96
N VAL D 256 -3.92 -27.54 0.69
CA VAL D 256 -2.66 -27.25 1.38
C VAL D 256 -2.10 -25.90 0.93
N LEU D 257 -2.13 -25.63 -0.37
CA LEU D 257 -1.66 -24.33 -0.86
C LEU D 257 -2.57 -23.19 -0.41
N SER D 258 -3.79 -23.49 0.02
CA SER D 258 -4.67 -22.46 0.57
C SER D 258 -4.25 -22.07 1.98
N PHE D 259 -3.72 -23.02 2.77
CA PHE D 259 -3.23 -22.71 4.10
C PHE D 259 -1.91 -21.96 4.07
N VAL D 260 -1.12 -22.10 3.01
CA VAL D 260 0.09 -21.30 2.87
C VAL D 260 -0.28 -19.83 2.71
N MET D 261 -1.33 -19.55 1.94
CA MET D 261 -1.82 -18.17 1.83
C MET D 261 -2.38 -17.68 3.16
N PHE D 262 -3.06 -18.57 3.90
CA PHE D 262 -3.61 -18.17 5.20
C PHE D 262 -2.50 -17.82 6.19
N LEU D 263 -1.41 -18.59 6.19
CA LEU D 263 -0.29 -18.28 7.08
C LEU D 263 0.31 -16.92 6.74
N ASN D 264 0.52 -16.64 5.45
CA ASN D 264 1.08 -15.37 5.05
C ASN D 264 0.11 -14.21 5.32
N LEU D 265 -1.19 -14.44 5.08
CA LEU D 265 -2.17 -13.40 5.36
C LEU D 265 -2.30 -13.14 6.86
N LEU D 266 -2.40 -14.21 7.65
CA LEU D 266 -2.55 -14.05 9.10
C LEU D 266 -1.32 -13.39 9.72
N ASN D 267 -0.13 -13.76 9.25
CA ASN D 267 1.10 -13.21 9.80
C ASN D 267 1.28 -11.73 9.45
N SER D 268 0.54 -11.22 8.46
CA SER D 268 0.72 -9.84 8.03
C SER D 268 -0.04 -8.84 8.89
N GLN D 269 -0.86 -9.30 9.85
CA GLN D 269 -1.61 -8.38 10.70
C GLN D 269 -1.64 -8.85 12.16
N LEU D 270 -0.62 -9.60 12.59
CA LEU D 270 -0.56 -10.04 13.98
C LEU D 270 0.87 -10.01 14.47
N PRO D 271 1.10 -9.50 15.70
CA PRO D 271 2.46 -9.40 16.23
C PRO D 271 2.91 -10.71 16.87
N GLY D 272 3.94 -11.33 16.29
CA GLY D 272 4.57 -12.48 16.91
C GLY D 272 5.71 -12.09 17.82
N ASN D 273 5.38 -11.42 18.92
CA ASN D 273 6.40 -10.83 19.79
C ASN D 273 7.10 -11.89 20.63
N GLY D 274 6.35 -12.58 21.48
CA GLY D 274 6.95 -13.51 22.41
C GLY D 274 5.93 -14.33 23.18
N ASP D 275 6.10 -14.43 24.49
CA ASP D 275 5.13 -15.13 25.32
C ASP D 275 3.76 -14.48 25.20
N CYS D 276 2.72 -15.32 25.26
CA CYS D 276 1.34 -14.88 25.09
C CYS D 276 1.13 -14.21 23.73
N SER D 277 1.79 -14.75 22.70
CA SER D 277 1.53 -14.34 21.33
C SER D 277 0.26 -15.01 20.82
N PRO D 278 -0.34 -14.48 19.75
CA PRO D 278 -1.55 -15.10 19.19
C PRO D 278 -1.33 -16.57 18.90
N ILE D 279 -2.24 -17.41 19.42
CA ILE D 279 -2.13 -18.85 19.23
C ILE D 279 -2.71 -19.29 17.90
N ILE D 280 -3.50 -18.44 17.24
CA ILE D 280 -4.03 -18.79 15.92
C ILE D 280 -2.90 -19.01 14.92
N ARG D 281 -1.76 -18.35 15.14
CA ARG D 281 -0.60 -18.62 14.30
C ARG D 281 -0.09 -20.05 14.49
N ILE D 282 -0.09 -20.52 15.74
CA ILE D 282 0.27 -21.92 16.00
C ILE D 282 -0.81 -22.85 15.47
N HIS D 283 -2.08 -22.47 15.65
CA HIS D 283 -3.18 -23.31 15.19
C HIS D 283 -3.15 -23.48 13.67
N PHE D 284 -2.88 -22.40 12.94
CA PHE D 284 -2.76 -22.52 11.49
C PHE D 284 -1.55 -23.36 11.11
N CYS D 285 -0.45 -23.24 11.87
CA CYS D 285 0.75 -24.01 11.58
C CYS D 285 0.52 -25.51 11.74
N ILE D 286 -0.20 -25.90 12.79
CA ILE D 286 -0.47 -27.31 13.03
C ILE D 286 -1.38 -27.87 11.93
N CYS D 287 -2.36 -27.08 11.51
CA CYS D 287 -3.26 -27.54 10.45
C CYS D 287 -2.51 -27.76 9.14
N LEU D 288 -1.55 -26.91 8.83
CA LEU D 288 -0.77 -27.08 7.60
C LEU D 288 -0.01 -28.39 7.61
N VAL D 289 0.62 -28.74 8.73
CA VAL D 289 1.32 -30.01 8.84
C VAL D 289 0.33 -31.17 8.74
N LEU D 290 -0.83 -31.04 9.38
CA LEU D 290 -1.83 -32.10 9.34
C LEU D 290 -2.33 -32.34 7.93
N LEU D 291 -2.57 -31.28 7.17
CA LEU D 291 -3.03 -31.46 5.79
C LEU D 291 -1.93 -32.03 4.91
N VAL D 292 -0.68 -31.60 5.13
CA VAL D 292 0.43 -32.15 4.36
C VAL D 292 0.60 -33.64 4.66
N LEU D 293 0.51 -34.03 5.93
CA LEU D 293 0.61 -35.44 6.28
C LEU D 293 -0.52 -36.24 5.65
N SER D 294 -1.73 -35.68 5.62
CA SER D 294 -2.85 -36.38 5.00
C SER D 294 -2.61 -36.59 3.51
N MET D 295 -2.05 -35.59 2.82
CA MET D 295 -1.72 -35.75 1.41
C MET D 295 -0.56 -36.70 1.22
N LEU D 296 0.40 -36.71 2.16
CA LEU D 296 1.59 -37.54 2.03
C LEU D 296 1.22 -39.03 2.02
N VAL D 297 0.36 -39.45 2.94
CA VAL D 297 -0.01 -40.86 3.01
C VAL D 297 -0.88 -41.25 1.83
N SER D 298 -1.78 -40.37 1.40
CA SER D 298 -2.64 -40.68 0.26
C SER D 298 -1.83 -40.86 -1.01
N MET D 299 -0.78 -40.05 -1.19
CA MET D 299 0.09 -40.21 -2.34
C MET D 299 0.83 -41.54 -2.29
N VAL D 300 1.26 -41.95 -1.10
CA VAL D 300 1.90 -43.25 -0.95
C VAL D 300 0.90 -44.38 -1.16
N LEU D 301 -0.29 -44.23 -0.59
CA LEU D 301 -1.31 -45.27 -0.74
C LEU D 301 -1.79 -45.41 -2.18
N THR D 302 -1.72 -44.32 -2.96
CA THR D 302 -2.04 -44.41 -4.39
C THR D 302 -1.06 -45.32 -5.11
N ARG D 303 0.23 -45.22 -4.77
CA ARG D 303 1.22 -46.12 -5.36
C ARG D 303 0.97 -47.56 -4.93
N LEU D 304 0.58 -47.76 -3.67
CA LEU D 304 0.27 -49.10 -3.19
C LEU D 304 -0.90 -49.71 -3.95
N ALA D 305 -1.93 -48.90 -4.22
CA ALA D 305 -3.08 -49.40 -4.97
C ALA D 305 -2.71 -49.76 -6.40
N HIS D 306 -1.88 -48.93 -7.04
CA HIS D 306 -1.53 -49.18 -8.43
C HIS D 306 -0.52 -50.30 -8.59
N ASP D 307 0.45 -50.39 -7.67
CA ASP D 307 1.53 -51.36 -7.79
C ASP D 307 1.29 -52.65 -7.02
N GLY D 308 0.59 -52.58 -5.89
CA GLY D 308 0.34 -53.74 -5.06
C GLY D 308 1.30 -53.90 -3.90
N SER D 309 2.42 -53.19 -3.90
CA SER D 309 3.37 -53.26 -2.80
C SER D 309 4.14 -51.95 -2.75
N LEU D 310 4.74 -51.69 -1.58
CA LEU D 310 5.55 -50.49 -1.38
C LEU D 310 7.02 -50.79 -1.67
N ALA D 311 7.29 -51.14 -2.93
CA ALA D 311 8.64 -51.46 -3.38
C ALA D 311 9.24 -50.39 -4.28
N PHE D 312 8.43 -49.44 -4.76
CA PHE D 312 8.96 -48.37 -5.60
C PHE D 312 9.94 -47.50 -4.82
N PHE D 313 9.63 -47.20 -3.55
CA PHE D 313 10.50 -46.36 -2.75
C PHE D 313 11.76 -47.11 -2.32
N SER D 314 11.62 -48.39 -2.00
CA SER D 314 12.77 -49.16 -1.54
C SER D 314 13.76 -49.35 -2.68
N PRO D 315 15.08 -49.28 -2.40
CA PRO D 315 16.11 -49.48 -3.42
C PRO D 315 16.41 -50.95 -3.68
N VAL D 350 -10.34 -80.01 -30.59
CA VAL D 350 -10.74 -79.31 -29.36
C VAL D 350 -9.63 -78.36 -28.92
N GLN D 351 -8.52 -78.37 -29.65
CA GLN D 351 -7.41 -77.48 -29.33
C GLN D 351 -7.82 -76.01 -29.47
N MET D 352 -8.54 -75.69 -30.54
CA MET D 352 -9.01 -74.32 -30.72
C MET D 352 -10.00 -73.91 -29.64
N LEU D 353 -10.91 -74.82 -29.27
CA LEU D 353 -11.89 -74.50 -28.24
C LEU D 353 -11.29 -74.46 -26.84
N ARG D 354 -10.15 -75.11 -26.63
CA ARG D 354 -9.49 -75.09 -25.33
C ARG D 354 -8.57 -73.89 -25.16
N LYS D 355 -8.04 -73.35 -26.26
CA LYS D 355 -7.18 -72.18 -26.18
C LYS D 355 -7.96 -70.95 -25.70
N VAL D 356 -9.20 -70.80 -26.16
CA VAL D 356 -10.00 -69.64 -25.79
C VAL D 356 -10.35 -69.69 -24.30
N VAL D 357 -10.47 -70.88 -23.73
CA VAL D 357 -10.75 -70.99 -22.29
C VAL D 357 -9.56 -70.52 -21.48
N THR D 358 -8.34 -70.85 -21.93
CA THR D 358 -7.15 -70.42 -21.21
C THR D 358 -7.02 -68.90 -21.21
N PHE D 359 -7.32 -68.26 -22.34
CA PHE D 359 -7.24 -66.80 -22.40
C PHE D 359 -8.32 -66.14 -21.56
N LEU D 360 -9.54 -66.69 -21.58
CA LEU D 360 -10.64 -66.08 -20.83
C LEU D 360 -10.39 -66.14 -19.33
N GLN D 361 -9.89 -67.27 -18.83
CA GLN D 361 -9.59 -67.36 -17.39
C GLN D 361 -8.40 -66.49 -17.02
N ARG D 362 -7.46 -66.30 -17.94
CA ARG D 362 -6.33 -65.41 -17.68
C ARG D 362 -6.80 -63.96 -17.51
N LEU D 363 -7.74 -63.52 -18.36
CA LEU D 363 -8.30 -62.18 -18.22
C LEU D 363 -9.06 -62.03 -16.91
N ASP D 364 -9.79 -63.07 -16.50
CA ASP D 364 -10.49 -63.02 -15.22
C ASP D 364 -9.51 -62.92 -14.06
N ASP D 365 -8.40 -63.66 -14.13
CA ASP D 365 -7.39 -63.58 -13.07
C ASP D 365 -6.77 -62.19 -13.01
N GLN D 366 -6.55 -61.57 -14.18
CA GLN D 366 -6.03 -60.20 -14.19
C GLN D 366 -7.02 -59.24 -13.55
N LYS D 367 -8.32 -59.47 -13.73
CA LYS D 367 -9.33 -58.68 -13.05
C LYS D 367 -9.33 -58.95 -11.55
N ASN D 368 -9.11 -60.20 -11.16
CA ASN D 368 -9.14 -60.56 -9.75
C ASN D 368 -7.96 -59.95 -8.99
N GLN D 369 -6.76 -59.96 -9.59
CA GLN D 369 -5.60 -59.40 -8.90
C GLN D 369 -5.71 -57.89 -8.78
N ASN D 370 -6.35 -57.22 -9.75
CA ASN D 370 -6.61 -55.80 -9.63
C ASN D 370 -7.57 -55.52 -8.47
N GLU D 371 -8.60 -56.36 -8.31
CA GLU D 371 -9.56 -56.16 -7.24
C GLU D 371 -8.91 -56.33 -5.88
N ARG D 372 -8.07 -57.36 -5.71
CA ARG D 372 -7.49 -57.62 -4.40
C ARG D 372 -6.45 -56.57 -4.05
N LYS D 373 -5.68 -56.09 -5.03
CA LYS D 373 -4.69 -55.05 -4.76
C LYS D 373 -5.32 -53.68 -4.55
N HIS D 374 -6.54 -53.48 -5.04
CA HIS D 374 -7.25 -52.22 -4.83
C HIS D 374 -8.07 -52.21 -3.55
N ALA D 375 -8.21 -53.36 -2.89
CA ALA D 375 -8.91 -53.44 -1.61
C ALA D 375 -7.96 -53.43 -0.42
N PHE D 376 -6.76 -54.00 -0.57
CA PHE D 376 -5.77 -53.92 0.50
C PHE D 376 -5.37 -52.47 0.77
N ALA D 377 -5.18 -51.68 -0.29
CA ALA D 377 -4.89 -50.26 -0.11
C ALA D 377 -6.08 -49.52 0.48
N ASP D 378 -7.30 -49.97 0.17
CA ASP D 378 -8.48 -49.36 0.77
C ASP D 378 -8.52 -49.61 2.27
N LYS D 379 -8.13 -50.81 2.70
CA LYS D 379 -8.12 -51.11 4.13
C LYS D 379 -7.16 -50.19 4.89
N LEU D 380 -5.98 -49.96 4.32
CA LEU D 380 -5.06 -49.02 4.94
C LEU D 380 -5.62 -47.60 4.92
N ASP D 381 -6.29 -47.22 3.82
CA ASP D 381 -6.91 -45.91 3.76
C ASP D 381 -8.04 -45.79 4.78
N LYS D 382 -8.85 -46.83 4.93
CA LYS D 382 -9.91 -46.81 5.94
C LYS D 382 -9.35 -46.74 7.34
N ILE D 383 -8.26 -47.48 7.60
CA ILE D 383 -7.64 -47.45 8.92
C ILE D 383 -7.10 -46.05 9.22
N PHE D 384 -6.43 -45.44 8.25
CA PHE D 384 -5.91 -44.09 8.45
C PHE D 384 -7.04 -43.08 8.60
N PHE D 385 -8.11 -43.22 7.82
CA PHE D 385 -9.21 -42.27 7.90
C PHE D 385 -9.85 -42.26 9.28
N LEU D 386 -10.05 -43.45 9.86
CA LEU D 386 -10.62 -43.52 11.20
C LEU D 386 -9.70 -42.87 12.23
N PHE D 387 -8.39 -43.12 12.11
CA PHE D 387 -7.45 -42.51 13.04
C PHE D 387 -7.34 -41.01 12.82
N TYR D 388 -7.41 -40.56 11.56
CA TYR D 388 -7.17 -39.15 11.26
C TYR D 388 -8.34 -38.27 11.68
N VAL D 389 -9.57 -38.71 11.42
CA VAL D 389 -10.73 -37.87 11.70
C VAL D 389 -10.95 -37.72 13.20
N ILE D 390 -10.74 -38.79 13.97
CA ILE D 390 -10.87 -38.71 15.42
C ILE D 390 -9.78 -37.81 16.00
N LEU D 391 -8.54 -38.01 15.55
CA LEU D 391 -7.45 -37.17 16.02
C LEU D 391 -7.63 -35.71 15.58
N GLY D 392 -8.10 -35.51 14.35
CA GLY D 392 -8.31 -34.15 13.87
C GLY D 392 -9.42 -33.43 14.61
N LEU D 393 -10.54 -34.12 14.86
CA LEU D 393 -11.64 -33.49 15.57
C LEU D 393 -11.29 -33.24 17.03
N ILE D 394 -10.53 -34.15 17.64
CA ILE D 394 -10.12 -33.95 19.03
C ILE D 394 -9.24 -32.72 19.16
N TYR D 395 -8.28 -32.57 18.25
CA TYR D 395 -7.41 -31.39 18.27
C TYR D 395 -8.19 -30.12 17.98
N MET D 396 -9.10 -30.16 17.02
CA MET D 396 -9.84 -28.96 16.64
C MET D 396 -10.70 -28.45 17.78
N CYS D 397 -11.38 -29.36 18.50
CA CYS D 397 -12.17 -28.95 19.66
C CYS D 397 -11.26 -28.42 20.77
N VAL D 398 -10.12 -29.09 21.00
CA VAL D 398 -9.19 -28.65 22.04
C VAL D 398 -8.57 -27.32 21.67
N MET D 399 -8.15 -27.16 20.40
CA MET D 399 -7.52 -25.91 19.98
C MET D 399 -8.49 -24.74 20.10
N LEU D 400 -9.74 -24.93 19.70
CA LEU D 400 -10.72 -23.85 19.80
C LEU D 400 -11.05 -23.56 21.26
N GLY D 401 -11.12 -24.60 22.10
CA GLY D 401 -11.45 -24.39 23.50
C GLY D 401 -10.41 -23.57 24.23
N ILE D 402 -9.13 -23.74 23.87
CA ILE D 402 -8.08 -22.91 24.45
C ILE D 402 -8.23 -21.47 24.01
N MET D 403 -8.67 -21.24 22.78
CA MET D 403 -8.73 -19.89 22.23
C MET D 403 -9.85 -19.05 22.83
N VAL D 404 -10.79 -19.67 23.57
CA VAL D 404 -11.91 -18.93 24.14
C VAL D 404 -11.88 -18.93 25.66
N ALA D 405 -11.28 -19.93 26.30
CA ALA D 405 -11.34 -20.08 27.75
C ALA D 405 -9.97 -20.40 28.32
N TYR D 406 -8.96 -19.64 27.88
CA TYR D 406 -7.61 -19.80 28.43
C TYR D 406 -6.81 -18.51 28.21
N THR E 25 11.13 42.27 42.99
CA THR E 25 11.66 41.26 43.89
C THR E 25 10.83 39.99 43.83
N THR E 26 9.75 40.03 43.07
CA THR E 26 8.91 38.86 42.89
C THR E 26 9.61 37.83 42.01
N ARG E 27 9.28 36.55 42.23
CA ARG E 27 9.86 35.49 41.41
C ARG E 27 9.49 35.66 39.95
N ARG E 28 8.24 36.01 39.67
CA ARG E 28 7.84 36.30 38.29
C ARG E 28 8.56 37.54 37.77
N CYS E 29 8.74 38.55 38.63
CA CYS E 29 9.51 39.72 38.23
C CYS E 29 10.95 39.35 37.93
N LEU E 30 11.52 38.42 38.69
CA LEU E 30 12.86 37.92 38.39
C LEU E 30 12.89 37.21 37.05
N ALA E 31 11.85 36.40 36.77
CA ALA E 31 11.77 35.71 35.49
C ALA E 31 11.66 36.71 34.33
N GLN E 32 10.89 37.78 34.51
CA GLN E 32 10.76 38.78 33.47
C GLN E 32 12.09 39.49 33.21
N MET E 33 12.86 39.75 34.27
CA MET E 33 14.15 40.43 34.10
C MET E 33 15.12 39.57 33.31
N LEU E 34 15.13 38.25 33.55
CA LEU E 34 16.02 37.37 32.81
C LEU E 34 15.64 37.31 31.33
N ILE E 35 14.35 37.36 31.03
CA ILE E 35 13.90 37.35 29.64
C ILE E 35 14.31 38.64 28.93
N ASP E 36 14.23 39.77 29.64
CA ASP E 36 14.61 41.06 29.05
C ASP E 36 16.10 41.12 28.71
N MET E 37 16.92 40.26 29.31
CA MET E 37 18.34 40.23 28.98
C MET E 37 18.57 39.77 27.55
N GLU E 38 17.74 38.86 27.05
CA GLU E 38 17.85 38.30 25.70
C GLU E 38 19.21 37.67 25.47
N MET E 39 19.50 36.64 26.28
CA MET E 39 20.75 35.89 26.16
C MET E 39 20.54 34.70 25.23
N LEU E 40 20.47 35.01 23.95
CA LEU E 40 20.24 34.02 22.90
C LEU E 40 21.53 33.49 22.30
N SER E 41 22.68 33.92 22.80
CA SER E 41 23.97 33.40 22.35
C SER E 41 24.53 32.44 23.39
N MET E 42 25.35 31.50 22.93
CA MET E 42 25.86 30.46 23.80
C MET E 42 26.81 31.03 24.85
N PRO E 43 26.91 30.39 26.01
CA PRO E 43 27.88 30.83 27.06
C PRO E 43 29.30 30.42 26.70
N GLN E 44 29.95 31.25 25.88
CA GLN E 44 31.26 30.95 25.33
C GLN E 44 32.37 31.81 25.94
N ASP E 45 32.11 32.43 27.10
CA ASP E 45 33.10 33.33 27.69
C ASP E 45 34.36 32.59 28.09
N GLU E 46 34.23 31.39 28.67
CA GLU E 46 35.36 30.66 29.21
C GLU E 46 35.95 29.77 28.11
N ASN E 47 36.87 30.34 27.32
CA ASN E 47 37.62 29.64 26.29
C ASN E 47 36.72 29.01 25.23
N CYS E 48 35.45 29.42 25.17
CA CYS E 48 34.48 28.88 24.22
C CYS E 48 34.40 27.36 24.31
N THR E 49 34.42 26.84 25.53
CA THR E 49 34.30 25.41 25.80
C THR E 49 33.16 25.20 26.77
N LEU E 50 32.08 24.57 26.30
CA LEU E 50 30.89 24.39 27.12
C LEU E 50 30.67 22.91 27.42
N PRO E 51 30.93 22.44 28.64
CA PRO E 51 30.64 21.06 29.00
C PRO E 51 29.14 20.87 29.23
N ILE E 52 28.51 20.10 28.34
CA ILE E 52 27.07 19.85 28.41
C ILE E 52 26.86 18.45 28.97
N TYR E 53 26.21 18.36 30.11
CA TYR E 53 25.99 17.09 30.79
C TYR E 53 24.62 16.53 30.43
N VAL E 54 24.59 15.28 30.00
CA VAL E 54 23.35 14.62 29.59
C VAL E 54 23.20 13.31 30.35
N PRO E 55 22.78 13.34 31.62
CA PRO E 55 22.55 12.08 32.34
C PRO E 55 21.20 11.47 32.04
N PHE E 56 21.17 10.14 32.05
CA PHE E 56 19.94 9.36 31.90
C PHE E 56 19.25 9.72 30.59
N ILE E 57 19.91 9.34 29.50
CA ILE E 57 19.32 9.43 28.16
C ILE E 57 18.59 8.13 27.87
N GLU E 58 17.31 8.24 27.54
CA GLU E 58 16.44 7.08 27.35
C GLU E 58 16.25 6.79 25.86
N TYR E 59 16.41 5.52 25.49
CA TYR E 59 16.38 5.09 24.11
C TYR E 59 15.20 4.16 23.87
N GLN E 60 14.66 4.22 22.65
CA GLN E 60 13.54 3.38 22.24
C GLN E 60 13.50 3.32 20.72
N THR E 61 13.25 2.13 20.18
CA THR E 61 13.10 1.95 18.74
C THR E 61 11.63 2.02 18.37
N LEU E 62 11.31 2.86 17.38
CA LEU E 62 9.94 2.98 16.91
C LEU E 62 9.61 1.94 15.84
N SER E 63 10.51 1.75 14.88
CA SER E 63 10.32 0.74 13.85
C SER E 63 11.65 0.45 13.19
N VAL E 64 11.80 -0.78 12.69
CA VAL E 64 12.98 -1.20 11.96
C VAL E 64 12.54 -1.75 10.62
N ASN E 65 13.17 -1.28 9.55
CA ASN E 65 12.88 -1.74 8.20
C ASN E 65 13.90 -2.79 7.79
N THR E 66 13.40 -3.90 7.25
CA THR E 66 14.27 -5.00 6.83
C THR E 66 14.79 -4.82 5.41
N LYS E 67 13.92 -4.38 4.49
CA LYS E 67 14.34 -4.22 3.10
C LYS E 67 15.32 -3.07 2.94
N SER E 68 15.01 -1.92 3.53
CA SER E 68 15.89 -0.76 3.43
C SER E 68 16.92 -0.68 4.56
N LEU E 69 16.84 -1.57 5.55
CA LEU E 69 17.81 -1.63 6.65
C LEU E 69 17.93 -0.29 7.37
N ARG E 70 16.78 0.33 7.65
CA ARG E 70 16.73 1.62 8.32
C ARG E 70 16.06 1.45 9.68
N LEU E 71 16.65 2.06 10.70
CA LEU E 71 16.16 1.98 12.06
C LEU E 71 15.67 3.35 12.52
N ASN E 72 14.42 3.40 13.00
CA ASN E 72 13.84 4.62 13.54
C ASN E 72 13.87 4.54 15.06
N SER E 73 14.47 5.54 15.69
CA SER E 73 14.68 5.53 17.13
C SER E 73 14.25 6.87 17.73
N ARG E 74 13.81 6.82 18.98
CA ARG E 74 13.45 8.00 19.75
C ARG E 74 14.36 8.09 20.95
N LEU E 75 14.90 9.29 21.19
CA LEU E 75 15.86 9.52 22.27
C LEU E 75 15.35 10.63 23.17
N ARG E 76 15.00 10.28 24.41
CA ARG E 76 14.53 11.24 25.40
C ARG E 76 15.66 11.47 26.41
N ALA E 77 16.22 12.66 26.41
CA ALA E 77 17.37 13.01 27.25
C ALA E 77 17.00 14.14 28.20
N ILE E 78 17.89 14.39 29.15
CA ILE E 78 17.75 15.49 30.11
C ILE E 78 19.04 16.31 30.02
N VAL E 79 19.02 17.36 29.18
CA VAL E 79 20.20 18.19 29.01
C VAL E 79 20.40 19.07 30.23
N LYS E 80 21.66 19.32 30.60
CA LYS E 80 21.96 20.13 31.76
C LYS E 80 23.31 20.79 31.55
N TRP E 81 23.30 22.10 31.27
CA TRP E 81 24.50 22.88 31.05
C TRP E 81 24.53 24.04 32.05
N THR E 82 25.51 24.93 31.89
CA THR E 82 25.70 26.07 32.77
C THR E 82 25.64 27.36 31.97
N ASP E 83 24.85 28.31 32.43
CA ASP E 83 24.74 29.63 31.81
C ASP E 83 25.12 30.69 32.84
N PRO E 84 26.36 31.16 32.84
CA PRO E 84 26.78 32.13 33.86
C PRO E 84 25.98 33.42 33.85
N GLN E 85 25.55 33.89 32.67
CA GLN E 85 24.79 35.14 32.62
C GLN E 85 23.43 35.00 33.30
N LEU E 86 22.78 33.84 33.15
CA LEU E 86 21.47 33.61 33.75
C LEU E 86 21.60 33.21 35.21
N ALA E 87 22.32 34.00 36.00
CA ALA E 87 22.51 33.75 37.42
C ALA E 87 22.31 35.06 38.17
N TRP E 88 21.37 35.07 39.11
CA TRP E 88 21.04 36.26 39.86
C TRP E 88 21.70 36.20 41.24
N ASP E 89 21.48 37.25 42.03
CA ASP E 89 22.01 37.34 43.38
C ASP E 89 20.94 36.86 44.36
N THR E 90 21.29 35.88 45.18
CA THR E 90 20.33 35.32 46.13
C THR E 90 19.98 36.27 47.26
N SER E 91 20.72 37.37 47.42
CA SER E 91 20.40 38.33 48.46
C SER E 91 19.26 39.25 48.05
N VAL E 92 19.37 39.87 46.87
CA VAL E 92 18.28 40.71 46.38
C VAL E 92 17.08 39.87 45.99
N TYR E 93 17.32 38.69 45.42
CA TYR E 93 16.24 37.78 45.02
C TYR E 93 16.32 36.53 45.89
N PRO E 94 15.48 36.41 46.92
CA PRO E 94 15.55 35.23 47.82
C PRO E 94 14.86 34.01 47.24
N TYR E 95 15.34 33.55 46.08
CA TYR E 95 14.78 32.40 45.41
C TYR E 95 15.91 31.51 44.92
N ASP E 96 15.61 30.21 44.79
CA ASP E 96 16.59 29.23 44.39
C ASP E 96 16.36 28.65 43.01
N ALA E 97 15.21 28.90 42.40
CA ALA E 97 14.92 28.36 41.07
C ALA E 97 13.87 29.22 40.40
N VAL E 98 13.82 29.13 39.07
CA VAL E 98 12.87 29.88 38.26
C VAL E 98 12.81 29.21 36.90
N MET E 99 11.64 29.24 36.28
CA MET E 99 11.42 28.64 34.96
C MET E 99 11.12 29.72 33.94
N LEU E 100 11.84 29.67 32.82
CA LEU E 100 11.73 30.58 31.70
C LEU E 100 11.35 29.81 30.44
N PRO E 101 10.72 30.47 29.46
CA PRO E 101 10.45 29.79 28.19
C PRO E 101 11.74 29.41 27.48
N VAL E 102 11.69 28.30 26.75
CA VAL E 102 12.89 27.77 26.12
C VAL E 102 13.38 28.70 25.01
N ASP E 103 12.47 29.46 24.38
CA ASP E 103 12.84 30.31 23.27
C ASP E 103 13.41 31.66 23.70
N LYS E 104 13.44 31.96 24.99
CA LYS E 104 13.97 33.23 25.47
C LYS E 104 15.44 33.16 25.86
N ILE E 105 16.04 31.96 25.92
CA ILE E 105 17.44 31.78 26.25
C ILE E 105 18.05 30.82 25.24
N TRP E 106 19.37 30.63 25.35
CA TRP E 106 20.07 29.71 24.46
C TRP E 106 19.92 28.28 24.95
N THR E 107 19.69 27.37 24.00
CA THR E 107 19.51 25.96 24.30
C THR E 107 20.29 25.14 23.28
N PRO E 108 21.12 24.19 23.72
CA PRO E 108 21.88 23.37 22.77
C PRO E 108 20.98 22.48 21.94
N VAL E 109 21.42 22.19 20.72
CA VAL E 109 20.69 21.36 19.78
C VAL E 109 21.48 20.06 19.63
N LEU E 110 21.03 19.00 20.30
CA LEU E 110 21.66 17.70 20.18
C LEU E 110 21.35 17.09 18.81
N GLN E 111 22.33 16.37 18.26
CA GLN E 111 22.22 15.81 16.93
C GLN E 111 22.56 14.34 16.94
N VAL E 112 22.06 13.62 15.94
CA VAL E 112 22.48 12.25 15.67
C VAL E 112 23.23 12.27 14.35
N LYS E 113 24.56 12.41 14.43
CA LYS E 113 25.36 12.60 13.23
C LYS E 113 25.52 11.32 12.42
N ASN E 114 25.41 10.16 13.06
CA ASN E 114 25.63 8.90 12.36
C ASN E 114 24.56 8.64 11.31
N GLY E 115 23.30 8.96 11.62
CA GLY E 115 22.19 8.66 10.75
C GLY E 115 21.62 9.88 10.06
N ILE E 116 20.63 9.61 9.20
CA ILE E 116 19.96 10.64 8.42
C ILE E 116 18.72 11.11 9.18
N SER E 117 18.23 12.28 8.78
CA SER E 117 16.95 12.81 9.24
C SER E 117 16.86 12.85 10.76
N THR E 118 17.73 13.66 11.36
CA THR E 118 17.74 13.87 12.80
C THR E 118 17.00 15.16 13.12
N ASN E 119 16.13 15.10 14.13
CA ASN E 119 15.32 16.26 14.51
C ASN E 119 15.14 16.27 16.02
N MET E 120 15.40 17.41 16.64
CA MET E 120 15.28 17.59 18.07
C MET E 120 14.04 18.42 18.39
N LYS E 121 13.25 17.96 19.35
CA LYS E 121 12.01 18.63 19.74
C LYS E 121 11.99 18.80 21.25
N HIS E 122 11.56 19.97 21.70
CA HIS E 122 11.46 20.24 23.13
C HIS E 122 10.28 19.49 23.73
N ASP E 123 10.53 18.76 24.82
CA ASP E 123 9.45 18.06 25.51
C ASP E 123 8.45 19.05 26.09
N ALA E 124 8.94 20.14 26.69
CA ALA E 124 8.10 21.17 27.27
C ALA E 124 8.61 22.54 26.82
N ASN E 125 7.77 23.55 27.01
CA ASN E 125 8.11 24.92 26.64
C ASN E 125 8.78 25.69 27.76
N ASP E 126 9.06 25.06 28.89
CA ASP E 126 9.71 25.71 30.03
C ASP E 126 10.93 24.89 30.46
N LEU E 127 11.93 25.60 30.98
CA LEU E 127 13.14 24.98 31.50
C LEU E 127 13.47 25.59 32.85
N LEU E 128 14.08 24.79 33.71
CA LEU E 128 14.39 25.22 35.07
C LEU E 128 15.80 25.79 35.14
N VAL E 129 15.92 26.97 35.76
CA VAL E 129 17.20 27.65 35.93
C VAL E 129 17.45 27.84 37.42
N TYR E 130 18.64 27.46 37.87
CA TYR E 130 18.99 27.58 39.28
C TYR E 130 19.69 28.91 39.55
N SER E 131 19.94 29.17 40.84
CA SER E 131 20.53 30.45 41.25
C SER E 131 21.98 30.59 40.82
N ASN E 132 22.66 29.49 40.48
CA ASN E 132 24.06 29.53 40.10
C ASN E 132 24.26 29.44 38.59
N GLY E 133 23.19 29.50 37.81
CA GLY E 133 23.27 29.47 36.37
C GLY E 133 23.00 28.14 35.71
N THR E 134 22.94 27.06 36.50
CA THR E 134 22.67 25.74 35.94
C THR E 134 21.26 25.69 35.35
N VAL E 135 21.14 25.15 34.15
CA VAL E 135 19.87 25.08 33.43
C VAL E 135 19.54 23.62 33.18
N ASN E 136 18.30 23.24 33.48
CA ASN E 136 17.81 21.89 33.28
C ASN E 136 16.75 21.91 32.18
N HIS E 137 16.93 21.07 31.17
CA HIS E 137 16.03 21.02 30.03
C HIS E 137 16.04 19.61 29.46
N GLU E 138 14.85 19.09 29.17
CA GLU E 138 14.71 17.75 28.60
C GLU E 138 14.27 17.86 27.14
N VAL E 139 14.90 17.07 26.27
CA VAL E 139 14.65 17.12 24.84
C VAL E 139 14.33 15.72 24.34
N GLN E 140 13.68 15.66 23.18
CA GLN E 140 13.33 14.41 22.52
C GLN E 140 13.90 14.44 21.11
N ILE E 141 14.70 13.42 20.76
CA ILE E 141 15.39 13.37 19.49
C ILE E 141 14.86 12.18 18.70
N ASN E 142 14.37 12.44 17.50
CA ASN E 142 13.93 11.40 16.57
C ASN E 142 14.88 11.37 15.39
N ALA E 143 15.48 10.21 15.14
CA ALA E 143 16.46 10.07 14.06
C ALA E 143 16.22 8.76 13.32
N GLU E 144 16.65 8.73 12.06
CA GLU E 144 16.57 7.54 11.22
C GLU E 144 17.99 7.11 10.88
N ILE E 145 18.39 5.92 11.34
CA ILE E 145 19.75 5.45 11.22
C ILE E 145 19.80 4.36 10.16
N ASN E 146 20.70 4.52 9.20
CA ASN E 146 20.95 3.48 8.19
C ASN E 146 21.72 2.35 8.86
N CYS E 147 20.99 1.34 9.32
CA CYS E 147 21.58 0.26 10.09
C CYS E 147 22.19 -0.78 9.17
N GLU E 148 23.40 -1.22 9.49
CA GLU E 148 24.09 -2.28 8.75
C GLU E 148 24.13 -3.52 9.62
N VAL E 149 23.41 -4.56 9.21
CA VAL E 149 23.35 -5.82 9.94
C VAL E 149 23.62 -6.95 8.96
N ASN E 150 24.35 -7.97 9.42
CA ASN E 150 24.67 -9.13 8.59
C ASN E 150 23.42 -9.96 8.41
N LEU E 151 22.72 -9.76 7.29
CA LEU E 151 21.50 -10.49 6.97
C LEU E 151 21.76 -11.71 6.10
N PHE E 152 22.95 -12.31 6.22
CA PHE E 152 23.22 -13.52 5.45
C PHE E 152 22.28 -14.65 5.87
N ASN E 153 22.03 -14.78 7.17
CA ASN E 153 21.16 -15.82 7.71
C ASN E 153 19.82 -15.20 8.08
N TYR E 154 18.93 -15.11 7.10
CA TYR E 154 17.58 -14.76 7.51
C TYR E 154 16.77 -16.03 7.77
N PRO E 155 15.95 -16.08 8.84
CA PRO E 155 15.74 -15.05 9.88
C PRO E 155 16.81 -14.94 10.96
N PHE E 156 17.68 -15.95 11.16
CA PHE E 156 18.58 -15.98 12.31
C PHE E 156 19.66 -14.93 12.12
N ALA E 157 19.33 -13.69 12.47
CA ALA E 157 20.22 -12.56 12.24
C ALA E 157 20.21 -11.64 13.45
N GLY E 158 21.30 -10.89 13.60
CA GLY E 158 21.42 -9.92 14.68
C GLY E 158 22.79 -9.25 14.69
N ASP E 159 22.82 -7.94 14.88
CA ASP E 159 24.08 -7.21 14.89
C ASP E 159 23.91 -5.93 15.70
N GLU E 160 25.05 -5.40 16.15
CA GLU E 160 25.06 -4.18 16.94
C GLU E 160 24.97 -2.97 16.01
N CYS E 161 24.06 -2.05 16.33
CA CYS E 161 23.82 -0.88 15.50
C CYS E 161 24.24 0.38 16.24
N PRO E 162 25.31 1.06 15.81
CA PRO E 162 25.75 2.26 16.53
C PRO E 162 24.85 3.47 16.24
N VAL E 163 24.55 4.22 17.30
CA VAL E 163 23.79 5.47 17.21
C VAL E 163 24.63 6.54 17.88
N ALA E 164 25.07 7.53 17.12
CA ALA E 164 25.95 8.57 17.62
C ALA E 164 25.14 9.76 18.12
N ILE E 165 25.60 10.36 19.22
CA ILE E 165 25.01 11.56 19.78
C ILE E 165 26.09 12.63 19.81
N GLU E 166 25.79 13.78 19.19
CA GLU E 166 26.81 14.81 19.01
C GLU E 166 26.17 16.19 19.14
N THR E 167 26.99 17.16 19.53
CA THR E 167 26.62 18.57 19.57
C THR E 167 27.58 19.33 18.67
N PHE E 168 27.09 20.43 18.08
CA PHE E 168 27.87 21.16 17.09
C PHE E 168 29.19 21.66 17.68
N SER E 169 30.28 21.44 16.94
CA SER E 169 31.61 21.81 17.40
C SER E 169 32.46 22.11 16.17
N SER E 170 32.77 23.39 15.96
CA SER E 170 33.51 23.82 14.79
C SER E 170 34.76 24.57 15.21
N GLY E 171 35.91 24.14 14.68
CA GLY E 171 37.15 24.87 14.89
C GLY E 171 37.54 24.96 16.34
N GLU E 172 37.88 26.19 16.78
CA GLU E 172 38.34 26.41 18.14
C GLU E 172 37.25 26.07 19.15
N CYS E 173 36.02 26.47 18.87
CA CYS E 173 34.93 26.31 19.82
C CYS E 173 34.43 24.87 19.79
N VAL E 174 34.49 24.20 20.94
CA VAL E 174 34.09 22.81 21.08
C VAL E 174 33.20 22.68 22.30
N THR E 175 32.08 21.97 22.15
CA THR E 175 31.13 21.72 23.23
C THR E 175 31.09 20.21 23.48
N THR E 176 31.94 19.75 24.40
CA THR E 176 32.00 18.33 24.72
C THR E 176 30.71 17.89 25.40
N LEU E 177 30.26 16.68 25.06
CA LEU E 177 29.05 16.11 25.62
C LEU E 177 29.41 15.00 26.60
N ILE E 178 28.85 15.06 27.80
CA ILE E 178 29.11 14.09 28.85
C ILE E 178 27.86 13.25 29.05
N LEU E 179 27.98 11.94 28.82
CA LEU E 179 26.87 11.00 28.99
C LEU E 179 27.15 10.13 30.20
N ASP E 180 26.09 9.85 30.97
CA ASP E 180 26.22 9.11 32.22
C ASP E 180 25.54 7.74 32.16
N GLN E 181 24.25 7.69 31.85
CA GLN E 181 23.51 6.44 31.89
C GLN E 181 22.58 6.36 30.69
N VAL E 182 22.30 5.12 30.27
CA VAL E 182 21.39 4.84 29.17
C VAL E 182 20.40 3.78 29.62
N ARG E 183 19.11 4.06 29.48
CA ARG E 183 18.05 3.12 29.81
C ARG E 183 17.18 2.93 28.58
N SER E 184 16.99 1.68 28.18
CA SER E 184 16.28 1.33 26.95
C SER E 184 14.95 0.70 27.27
N LEU E 185 13.91 1.13 26.54
CA LEU E 185 12.59 0.51 26.62
C LEU E 185 12.52 -0.65 25.64
N ASP E 186 13.25 -1.72 26.00
CA ASP E 186 13.39 -2.86 25.11
C ASP E 186 12.04 -3.52 24.85
N GLY E 187 11.86 -3.98 23.61
CA GLY E 187 10.62 -4.62 23.19
C GLY E 187 10.56 -4.74 21.69
N SER E 188 9.89 -5.79 21.20
CA SER E 188 9.81 -6.01 19.76
C SER E 188 9.00 -4.91 19.10
N THR E 189 9.51 -4.41 17.96
CA THR E 189 8.84 -3.40 17.16
C THR E 189 8.21 -4.00 15.91
N GLY E 190 8.05 -5.32 15.88
CA GLY E 190 7.59 -6.02 14.69
C GLY E 190 8.36 -7.30 14.48
N ASP E 191 9.03 -7.42 13.34
CA ASP E 191 9.88 -8.60 13.12
C ASP E 191 11.17 -8.50 13.92
N TRP E 192 11.63 -7.28 14.20
CA TRP E 192 12.88 -7.06 14.91
C TRP E 192 12.60 -6.85 16.39
N GLN E 193 13.50 -7.37 17.23
CA GLN E 193 13.42 -7.19 18.68
C GLN E 193 14.66 -6.47 19.17
N THR E 194 14.47 -5.42 19.97
CA THR E 194 15.57 -4.69 20.55
C THR E 194 15.97 -5.34 21.87
N THR E 195 17.26 -5.63 22.01
CA THR E 195 17.76 -6.38 23.16
C THR E 195 18.44 -5.51 24.20
N TYR E 196 19.23 -4.51 23.78
CA TYR E 196 19.95 -3.68 24.74
C TYR E 196 20.32 -2.37 24.07
N ALA E 197 20.81 -1.43 24.89
CA ALA E 197 21.32 -0.16 24.40
C ALA E 197 22.43 0.28 25.37
N ARG E 198 23.67 0.00 25.01
CA ARG E 198 24.81 0.27 25.86
C ARG E 198 25.57 1.50 25.39
N LEU E 199 26.23 2.16 26.34
CA LEU E 199 26.98 3.38 26.08
C LEU E 199 28.46 3.01 25.86
N LYS E 200 28.99 3.36 24.70
CA LYS E 200 30.38 3.10 24.35
C LYS E 200 31.03 4.41 23.90
N LYS E 201 32.28 4.32 23.46
CA LYS E 201 33.04 5.48 23.02
C LYS E 201 33.70 5.18 21.67
N GLN E 202 33.77 6.20 20.83
CA GLN E 202 34.38 6.08 19.52
C GLN E 202 35.87 6.44 19.62
N ARG E 203 36.51 6.62 18.46
CA ARG E 203 37.95 6.88 18.45
C ARG E 203 38.27 8.26 19.03
N GLU E 204 37.74 9.31 18.42
CA GLU E 204 38.04 10.68 18.83
C GLU E 204 37.14 11.15 19.97
N ASP E 205 37.07 10.34 21.03
CA ASP E 205 36.30 10.67 22.24
C ASP E 205 34.86 11.04 21.90
N ARG E 206 34.26 10.29 20.98
CA ARG E 206 32.90 10.54 20.54
C ARG E 206 31.95 9.54 21.21
N ASN E 207 30.92 10.07 21.87
CA ASN E 207 29.95 9.23 22.55
C ASN E 207 28.92 8.71 21.55
N PHE E 208 28.70 7.40 21.55
CA PHE E 208 27.69 6.78 20.71
C PHE E 208 27.01 5.66 21.49
N ILE E 209 25.79 5.35 21.10
CA ILE E 209 24.97 4.35 21.77
C ILE E 209 24.96 3.09 20.92
N ALA E 210 25.39 1.98 21.51
CA ALA E 210 25.40 0.69 20.83
C ALA E 210 24.07 0.00 21.05
N VAL E 211 23.32 -0.19 19.98
CA VAL E 211 21.97 -0.76 20.03
C VAL E 211 22.03 -2.18 19.50
N GLY E 212 21.53 -3.13 20.30
CA GLY E 212 21.48 -4.52 19.90
C GLY E 212 20.14 -4.86 19.28
N LEU E 213 20.18 -5.33 18.04
CA LEU E 213 18.98 -5.68 17.29
C LEU E 213 18.99 -7.16 16.98
N LYS E 214 17.85 -7.81 17.20
CA LYS E 214 17.70 -9.23 16.92
C LYS E 214 16.37 -9.46 16.21
N ILE E 215 16.34 -10.47 15.37
CA ILE E 215 15.14 -10.83 14.61
C ILE E 215 14.47 -12.01 15.30
N ASN E 216 13.21 -11.85 15.65
CA ASN E 216 12.41 -12.95 16.18
C ASN E 216 12.11 -13.91 15.03
N TYR E 217 12.73 -15.09 15.06
CA TYR E 217 12.59 -16.04 13.96
C TYR E 217 11.33 -16.88 14.04
N SER E 218 10.46 -16.64 15.03
CA SER E 218 9.22 -17.39 15.12
C SER E 218 8.32 -17.14 13.91
N SER E 219 8.24 -15.90 13.46
CA SER E 219 7.38 -15.55 12.33
C SER E 219 7.98 -15.96 10.99
N PRO E 220 9.20 -15.54 10.64
CA PRO E 220 9.73 -15.90 9.30
C PRO E 220 9.88 -17.39 9.08
N LEU E 221 10.20 -18.16 10.13
CA LEU E 221 10.29 -19.60 9.98
C LEU E 221 8.95 -20.20 9.61
N MET E 222 7.87 -19.74 10.25
CA MET E 222 6.57 -20.34 10.06
C MET E 222 5.95 -19.95 8.72
N THR E 223 6.08 -18.67 8.32
CA THR E 223 5.39 -18.20 7.12
C THR E 223 6.14 -18.55 5.84
N LEU E 224 7.47 -18.67 5.89
CA LEU E 224 8.27 -18.88 4.69
C LEU E 224 9.01 -20.20 4.70
N LEU E 225 9.75 -20.50 5.77
CA LEU E 225 10.64 -21.65 5.75
C LEU E 225 9.87 -22.97 5.81
N LEU E 226 8.89 -23.07 6.71
CA LEU E 226 8.14 -24.31 6.83
C LEU E 226 7.36 -24.66 5.57
N PRO E 227 6.58 -23.76 4.96
CA PRO E 227 5.92 -24.13 3.69
C PRO E 227 6.90 -24.53 2.60
N THR E 228 8.07 -23.90 2.56
CA THR E 228 9.09 -24.27 1.57
C THR E 228 9.56 -25.70 1.79
N VAL E 229 9.82 -26.08 3.04
CA VAL E 229 10.27 -27.43 3.34
C VAL E 229 9.16 -28.43 3.03
N LEU E 230 7.92 -28.09 3.38
CA LEU E 230 6.81 -29.00 3.13
C LEU E 230 6.53 -29.17 1.64
N ILE E 231 6.66 -28.10 0.87
CA ILE E 231 6.41 -28.17 -0.57
C ILE E 231 7.46 -29.06 -1.24
N VAL E 232 8.72 -28.87 -0.89
CA VAL E 232 9.78 -29.70 -1.47
C VAL E 232 9.64 -31.14 -1.01
N LEU E 233 9.23 -31.36 0.25
CA LEU E 233 8.99 -32.71 0.73
C LEU E 233 7.84 -33.36 -0.04
N ALA E 234 6.79 -32.60 -0.34
CA ALA E 234 5.69 -33.14 -1.13
C ALA E 234 6.12 -33.48 -2.54
N ASP E 235 7.11 -32.77 -3.08
CA ASP E 235 7.61 -33.08 -4.42
C ASP E 235 8.41 -34.36 -4.44
N PHE E 236 9.15 -34.64 -3.36
CA PHE E 236 9.95 -35.86 -3.31
C PHE E 236 9.07 -37.10 -3.37
N VAL E 237 7.95 -37.09 -2.66
CA VAL E 237 7.01 -38.21 -2.66
C VAL E 237 6.03 -38.13 -3.82
N SER E 238 6.01 -37.01 -4.55
CA SER E 238 5.12 -36.89 -5.70
C SER E 238 5.44 -37.90 -6.79
N PHE E 239 6.63 -38.49 -6.77
CA PHE E 239 6.98 -39.55 -7.72
C PHE E 239 6.18 -40.82 -7.47
N ALA E 240 5.53 -40.96 -6.32
CA ALA E 240 4.72 -42.15 -6.06
C ALA E 240 3.53 -42.24 -6.99
N LEU E 241 3.06 -41.11 -7.50
CA LEU E 241 1.91 -41.12 -8.40
C LEU E 241 2.30 -41.79 -9.71
N PRO E 242 1.54 -42.81 -10.16
CA PRO E 242 1.88 -43.48 -11.42
C PRO E 242 1.75 -42.54 -12.60
N LEU E 243 2.62 -42.75 -13.60
CA LEU E 243 2.61 -41.91 -14.78
C LEU E 243 1.31 -42.06 -15.57
N HIS E 244 0.84 -43.29 -15.73
CA HIS E 244 -0.35 -43.53 -16.54
C HIS E 244 -1.61 -43.02 -15.85
N GLY E 245 -1.67 -43.14 -14.53
CA GLY E 245 -2.88 -42.77 -13.81
C GLY E 245 -3.21 -41.29 -13.85
N GLY E 246 -2.24 -40.45 -14.20
CA GLY E 246 -2.47 -39.02 -14.27
C GLY E 246 -2.42 -38.38 -12.89
N GLY E 247 -2.65 -37.06 -12.89
CA GLY E 247 -2.60 -36.31 -11.66
C GLY E 247 -1.22 -36.15 -11.07
N ARG E 248 -0.19 -36.25 -11.91
CA ARG E 248 1.20 -36.09 -11.46
C ARG E 248 1.86 -34.85 -12.04
N ASN E 249 1.85 -34.68 -13.36
CA ASN E 249 2.46 -33.50 -13.96
C ASN E 249 1.69 -32.25 -13.58
N GLY E 250 0.35 -32.32 -13.56
CA GLY E 250 -0.43 -31.22 -13.04
C GLY E 250 -0.21 -30.98 -11.56
N PHE E 251 0.02 -32.05 -10.80
CA PHE E 251 0.32 -31.91 -9.39
C PHE E 251 1.63 -31.15 -9.18
N LYS E 252 2.64 -31.43 -10.00
CA LYS E 252 3.94 -30.79 -9.85
C LYS E 252 3.94 -29.35 -10.35
N VAL E 253 3.12 -29.03 -11.36
CA VAL E 253 3.13 -27.67 -11.89
C VAL E 253 2.54 -26.69 -10.88
N THR E 254 1.60 -27.14 -10.03
CA THR E 254 1.09 -26.27 -8.99
C THR E 254 2.15 -26.00 -7.93
N LEU E 255 3.00 -26.99 -7.63
CA LEU E 255 4.09 -26.79 -6.69
C LEU E 255 5.10 -25.77 -7.22
N VAL E 256 5.43 -25.86 -8.50
CA VAL E 256 6.43 -24.96 -9.09
C VAL E 256 5.89 -23.54 -9.16
N LEU E 257 4.64 -23.37 -9.59
CA LEU E 257 4.04 -22.05 -9.62
C LEU E 257 3.86 -21.47 -8.23
N SER E 258 3.87 -22.32 -7.19
CA SER E 258 3.84 -21.82 -5.82
C SER E 258 5.19 -21.27 -5.39
N PHE E 259 6.28 -21.83 -5.92
CA PHE E 259 7.61 -21.32 -5.60
C PHE E 259 7.90 -20.01 -6.33
N VAL E 260 7.25 -19.78 -7.47
CA VAL E 260 7.38 -18.49 -8.13
C VAL E 260 6.79 -17.38 -7.27
N MET E 261 5.66 -17.66 -6.62
CA MET E 261 5.09 -16.70 -5.68
C MET E 261 6.00 -16.50 -4.48
N PHE E 262 6.64 -17.57 -4.02
CA PHE E 262 7.56 -17.45 -2.88
C PHE E 262 8.75 -16.57 -3.22
N LEU E 263 9.30 -16.72 -4.43
CA LEU E 263 10.42 -15.88 -4.83
C LEU E 263 10.03 -14.41 -4.86
N ASN E 264 8.86 -14.10 -5.42
CA ASN E 264 8.42 -12.71 -5.48
C ASN E 264 8.09 -12.16 -4.09
N LEU E 265 7.42 -12.98 -3.26
CA LEU E 265 7.12 -12.53 -1.90
C LEU E 265 8.38 -12.34 -1.08
N LEU E 266 9.31 -13.30 -1.15
CA LEU E 266 10.54 -13.20 -0.37
C LEU E 266 11.39 -12.03 -0.84
N ASN E 267 11.43 -11.79 -2.15
CA ASN E 267 12.23 -10.68 -2.67
C ASN E 267 11.67 -9.32 -2.30
N SER E 268 10.40 -9.26 -1.90
CA SER E 268 9.78 -7.97 -1.59
C SER E 268 10.08 -7.47 -0.19
N GLN E 269 10.77 -8.26 0.64
CA GLN E 269 11.08 -7.82 1.99
C GLN E 269 12.50 -8.20 2.40
N LEU E 270 13.42 -8.27 1.44
CA LEU E 270 14.81 -8.61 1.73
C LEU E 270 15.74 -7.85 0.80
N PRO E 271 16.83 -7.28 1.33
CA PRO E 271 17.75 -6.53 0.47
C PRO E 271 18.78 -7.40 -0.23
N GLY E 272 18.76 -7.41 -1.56
CA GLY E 272 19.79 -8.08 -2.33
C GLY E 272 20.94 -7.16 -2.68
N ASN E 273 21.69 -6.73 -1.65
CA ASN E 273 22.70 -5.71 -1.84
C ASN E 273 23.96 -6.26 -2.50
N GLY E 274 24.62 -7.21 -1.86
CA GLY E 274 25.89 -7.70 -2.35
C GLY E 274 26.40 -8.89 -1.56
N ASP E 275 27.68 -8.88 -1.21
CA ASP E 275 28.25 -9.95 -0.41
C ASP E 275 27.53 -10.04 0.94
N CYS E 276 27.40 -11.27 1.44
CA CYS E 276 26.66 -11.56 2.66
C CYS E 276 25.19 -11.11 2.55
N SER E 277 24.61 -11.31 1.38
CA SER E 277 23.18 -11.12 1.18
C SER E 277 22.44 -12.34 1.71
N PRO E 278 21.13 -12.21 1.97
CA PRO E 278 20.37 -13.37 2.45
C PRO E 278 20.50 -14.56 1.51
N ILE E 279 20.86 -15.71 2.10
CA ILE E 279 21.06 -16.91 1.30
C ILE E 279 19.74 -17.63 1.03
N ILE E 280 18.67 -17.29 1.75
CA ILE E 280 17.37 -17.89 1.49
C ILE E 280 16.88 -17.54 0.09
N ARG E 281 17.32 -16.40 -0.45
CA ARG E 281 16.99 -16.06 -1.83
C ARG E 281 17.63 -17.05 -2.80
N ILE E 282 18.88 -17.42 -2.57
CA ILE E 282 19.53 -18.44 -3.40
C ILE E 282 18.93 -19.81 -3.11
N HIS E 283 18.62 -20.09 -1.84
CA HIS E 283 18.02 -21.37 -1.48
C HIS E 283 16.67 -21.56 -2.17
N PHE E 284 15.85 -20.52 -2.21
CA PHE E 284 14.59 -20.60 -2.95
C PHE E 284 14.85 -20.77 -4.44
N CYS E 285 15.88 -20.09 -4.96
CA CYS E 285 16.20 -20.17 -6.38
C CYS E 285 16.61 -21.58 -6.77
N ILE E 286 17.42 -22.24 -5.94
CA ILE E 286 17.86 -23.60 -6.25
C ILE E 286 16.67 -24.57 -6.20
N CYS E 287 15.77 -24.38 -5.23
CA CYS E 287 14.61 -25.26 -5.12
C CYS E 287 13.71 -25.14 -6.34
N LEU E 288 13.56 -23.93 -6.88
CA LEU E 288 12.74 -23.75 -8.08
C LEU E 288 13.29 -24.54 -9.25
N VAL E 289 14.61 -24.48 -9.45
CA VAL E 289 15.22 -25.26 -10.53
C VAL E 289 15.08 -26.75 -10.28
N LEU E 290 15.26 -27.18 -9.02
CA LEU E 290 15.14 -28.59 -8.70
C LEU E 290 13.73 -29.11 -8.95
N LEU E 291 12.71 -28.32 -8.58
CA LEU E 291 11.34 -28.75 -8.82
C LEU E 291 11.00 -28.71 -10.31
N VAL E 292 11.54 -27.74 -11.04
CA VAL E 292 11.33 -27.69 -12.48
C VAL E 292 11.96 -28.89 -13.14
N LEU E 293 13.20 -29.23 -12.76
CA LEU E 293 13.87 -30.38 -13.34
C LEU E 293 13.11 -31.67 -13.07
N SER E 294 12.50 -31.79 -11.89
CA SER E 294 11.69 -32.96 -11.58
C SER E 294 10.48 -33.05 -12.50
N MET E 295 9.86 -31.91 -12.82
CA MET E 295 8.72 -31.92 -13.73
C MET E 295 9.15 -32.21 -15.16
N LEU E 296 10.33 -31.73 -15.56
CA LEU E 296 10.80 -31.93 -16.92
C LEU E 296 11.01 -33.41 -17.23
N VAL E 297 11.66 -34.14 -16.32
CA VAL E 297 11.92 -35.55 -16.56
C VAL E 297 10.63 -36.35 -16.49
N SER E 298 9.73 -36.00 -15.58
CA SER E 298 8.47 -36.72 -15.44
C SER E 298 7.62 -36.56 -16.70
N MET E 299 7.58 -35.35 -17.27
CA MET E 299 6.81 -35.14 -18.49
C MET E 299 7.43 -35.88 -19.67
N VAL E 300 8.77 -36.00 -19.71
CA VAL E 300 9.41 -36.79 -20.75
C VAL E 300 9.14 -38.28 -20.53
N LEU E 301 9.23 -38.73 -19.27
CA LEU E 301 8.98 -40.15 -18.98
C LEU E 301 7.53 -40.53 -19.24
N THR E 302 6.60 -39.58 -19.14
CA THR E 302 5.22 -39.86 -19.49
C THR E 302 5.09 -40.20 -20.97
N ARG E 303 5.80 -39.47 -21.83
CA ARG E 303 5.82 -39.80 -23.25
C ARG E 303 6.44 -41.17 -23.49
N LEU E 304 7.50 -41.50 -22.74
CA LEU E 304 8.14 -42.80 -22.90
C LEU E 304 7.19 -43.92 -22.53
N ALA E 305 6.40 -43.75 -21.48
CA ALA E 305 5.45 -44.78 -21.08
C ALA E 305 4.35 -44.96 -22.13
N HIS E 306 3.85 -43.85 -22.69
CA HIS E 306 2.75 -43.93 -23.64
C HIS E 306 3.21 -44.41 -25.01
N ASP E 307 4.40 -43.98 -25.45
CA ASP E 307 4.88 -44.30 -26.78
C ASP E 307 5.79 -45.53 -26.82
N GLY E 308 6.58 -45.76 -25.78
CA GLY E 308 7.50 -46.87 -25.73
C GLY E 308 8.93 -46.51 -26.07
N SER E 309 9.16 -45.35 -26.68
CA SER E 309 10.50 -44.91 -27.02
C SER E 309 10.53 -43.39 -27.06
N LEU E 310 11.74 -42.84 -26.91
CA LEU E 310 11.93 -41.39 -26.97
C LEU E 310 12.24 -40.97 -28.40
N ALA E 311 11.23 -41.16 -29.26
CA ALA E 311 11.33 -40.80 -30.67
C ALA E 311 10.46 -39.61 -31.05
N PHE E 312 9.56 -39.18 -30.17
CA PHE E 312 8.73 -38.01 -30.46
C PHE E 312 9.59 -36.75 -30.59
N PHE E 313 10.57 -36.60 -29.71
CA PHE E 313 11.41 -35.41 -29.74
C PHE E 313 12.39 -35.44 -30.91
N SER E 314 12.93 -36.62 -31.22
CA SER E 314 13.91 -36.72 -32.29
C SER E 314 13.25 -36.43 -33.64
N PRO E 315 13.94 -35.71 -34.54
CA PRO E 315 13.43 -35.39 -35.87
C PRO E 315 13.62 -36.53 -36.87
N VAL E 350 -13.59 -75.75 -38.94
CA VAL E 350 -12.73 -75.32 -37.84
C VAL E 350 -12.18 -73.94 -38.12
N GLN E 351 -12.47 -73.41 -39.31
CA GLN E 351 -12.00 -72.08 -39.67
C GLN E 351 -12.61 -71.01 -38.76
N MET E 352 -13.90 -71.13 -38.46
CA MET E 352 -14.55 -70.18 -37.57
C MET E 352 -13.98 -70.27 -36.16
N LEU E 353 -13.74 -71.49 -35.68
CA LEU E 353 -13.21 -71.67 -34.33
C LEU E 353 -11.74 -71.27 -34.22
N ARG E 354 -11.01 -71.29 -35.33
CA ARG E 354 -9.61 -70.90 -35.32
C ARG E 354 -9.41 -69.40 -35.47
N LYS E 355 -10.36 -68.71 -36.10
CA LYS E 355 -10.26 -67.26 -36.26
C LYS E 355 -10.34 -66.55 -34.92
N VAL E 356 -11.22 -67.02 -34.04
CA VAL E 356 -11.39 -66.36 -32.74
C VAL E 356 -10.14 -66.55 -31.88
N VAL E 357 -9.40 -67.64 -32.07
CA VAL E 357 -8.17 -67.84 -31.32
C VAL E 357 -7.11 -66.84 -31.75
N THR E 358 -7.04 -66.54 -33.05
CA THR E 358 -6.08 -65.56 -33.53
C THR E 358 -6.37 -64.18 -32.98
N PHE E 359 -7.65 -63.80 -32.90
CA PHE E 359 -8.01 -62.50 -32.36
C PHE E 359 -7.74 -62.42 -30.86
N LEU E 360 -8.05 -63.49 -30.13
CA LEU E 360 -7.88 -63.48 -28.67
C LEU E 360 -6.42 -63.36 -28.29
N GLN E 361 -5.54 -64.09 -28.97
CA GLN E 361 -4.11 -63.99 -28.68
C GLN E 361 -3.55 -62.63 -29.10
N ARG E 362 -4.12 -62.03 -30.14
CA ARG E 362 -3.70 -60.68 -30.55
C ARG E 362 -4.03 -59.65 -29.48
N LEU E 363 -5.21 -59.75 -28.87
CA LEU E 363 -5.57 -58.84 -27.79
C LEU E 363 -4.68 -59.04 -26.58
N ASP E 364 -4.33 -60.30 -26.28
CA ASP E 364 -3.41 -60.57 -25.18
C ASP E 364 -2.04 -59.98 -25.44
N ASP E 365 -1.55 -60.08 -26.68
CA ASP E 365 -0.26 -59.50 -27.03
C ASP E 365 -0.30 -57.97 -26.91
N GLN E 366 -1.42 -57.36 -27.29
CA GLN E 366 -1.56 -55.91 -27.11
C GLN E 366 -1.51 -55.54 -25.63
N LYS E 367 -2.11 -56.36 -24.77
CA LYS E 367 -1.99 -56.13 -23.34
C LYS E 367 -0.56 -56.34 -22.85
N ASN E 368 0.15 -57.31 -23.42
CA ASN E 368 1.51 -57.60 -22.97
C ASN E 368 2.47 -56.48 -23.36
N GLN E 369 2.35 -55.94 -24.57
CA GLN E 369 3.23 -54.86 -24.99
C GLN E 369 2.98 -53.59 -24.20
N ASN E 370 1.73 -53.33 -23.81
CA ASN E 370 1.45 -52.20 -22.94
C ASN E 370 2.11 -52.38 -21.58
N GLU E 371 2.08 -53.60 -21.04
CA GLU E 371 2.69 -53.86 -19.74
C GLU E 371 4.21 -53.66 -19.78
N ARG E 372 4.86 -54.14 -20.84
CA ARG E 372 6.32 -54.06 -20.89
C ARG E 372 6.79 -52.63 -21.10
N LYS E 373 6.06 -51.84 -21.89
CA LYS E 373 6.44 -50.44 -22.09
C LYS E 373 6.09 -49.57 -20.90
N HIS E 374 5.14 -49.99 -20.07
CA HIS E 374 4.79 -49.24 -18.87
C HIS E 374 5.66 -49.60 -17.67
N ALA E 375 6.48 -50.65 -17.78
CA ALA E 375 7.41 -51.00 -16.73
C ALA E 375 8.83 -50.51 -17.01
N PHE E 376 9.22 -50.40 -18.29
CA PHE E 376 10.52 -49.83 -18.62
C PHE E 376 10.58 -48.37 -18.20
N ALA E 377 9.50 -47.61 -18.45
CA ALA E 377 9.45 -46.23 -17.99
C ALA E 377 9.41 -46.14 -16.47
N ASP E 378 8.81 -47.14 -15.81
CA ASP E 378 8.83 -47.17 -14.35
C ASP E 378 10.23 -47.36 -13.82
N LYS E 379 11.04 -48.19 -14.48
CA LYS E 379 12.41 -48.41 -14.04
C LYS E 379 13.22 -47.12 -14.11
N LEU E 380 13.06 -46.36 -15.19
CA LEU E 380 13.73 -45.06 -15.28
C LEU E 380 13.21 -44.10 -14.22
N ASP E 381 11.89 -44.13 -13.97
CA ASP E 381 11.32 -43.29 -12.91
C ASP E 381 11.84 -43.70 -11.54
N LYS E 382 11.94 -45.00 -11.29
CA LYS E 382 12.47 -45.48 -10.02
C LYS E 382 13.95 -45.10 -9.87
N ILE E 383 14.72 -45.21 -10.96
CA ILE E 383 16.13 -44.84 -10.90
C ILE E 383 16.29 -43.36 -10.61
N PHE E 384 15.48 -42.53 -11.26
CA PHE E 384 15.56 -41.09 -11.02
C PHE E 384 15.11 -40.75 -9.60
N PHE E 385 14.06 -41.41 -9.10
CA PHE E 385 13.55 -41.10 -7.77
C PHE E 385 14.59 -41.37 -6.70
N LEU E 386 15.31 -42.49 -6.81
CA LEU E 386 16.37 -42.80 -5.85
C LEU E 386 17.48 -41.74 -5.90
N PHE E 387 17.87 -41.33 -7.11
CA PHE E 387 18.89 -40.30 -7.24
C PHE E 387 18.38 -38.94 -6.75
N TYR E 388 17.11 -38.64 -7.01
CA TYR E 388 16.60 -37.30 -6.72
C TYR E 388 16.37 -37.09 -5.23
N VAL E 389 15.83 -38.10 -4.54
CA VAL E 389 15.49 -37.91 -3.12
C VAL E 389 16.76 -37.82 -2.27
N ILE E 390 17.77 -38.63 -2.59
CA ILE E 390 19.02 -38.57 -1.84
C ILE E 390 19.74 -37.25 -2.09
N LEU E 391 19.78 -36.82 -3.36
CA LEU E 391 20.38 -35.53 -3.67
C LEU E 391 19.60 -34.38 -3.05
N GLY E 392 18.27 -34.47 -3.08
CA GLY E 392 17.46 -33.41 -2.49
C GLY E 392 17.60 -33.34 -0.99
N LEU E 393 17.61 -34.49 -0.31
CA LEU E 393 17.76 -34.49 1.15
C LEU E 393 19.15 -34.01 1.55
N ILE E 394 20.18 -34.37 0.78
CA ILE E 394 21.54 -33.93 1.10
C ILE E 394 21.65 -32.41 0.98
N TYR E 395 21.09 -31.85 -0.09
CA TYR E 395 21.15 -30.40 -0.28
C TYR E 395 20.32 -29.67 0.79
N MET E 396 19.14 -30.20 1.11
CA MET E 396 18.28 -29.54 2.08
C MET E 396 18.92 -29.47 3.45
N CYS E 397 19.55 -30.56 3.89
CA CYS E 397 20.26 -30.55 5.16
C CYS E 397 21.47 -29.63 5.12
N VAL E 398 22.20 -29.64 4.00
CA VAL E 398 23.39 -28.79 3.89
C VAL E 398 22.98 -27.32 3.81
N MET E 399 21.96 -27.01 3.02
CA MET E 399 21.53 -25.62 2.90
C MET E 399 21.03 -25.06 4.22
N LEU E 400 20.25 -25.86 4.97
CA LEU E 400 19.77 -25.41 6.27
C LEU E 400 20.93 -25.29 7.26
N GLY E 401 21.91 -26.19 7.18
CA GLY E 401 23.03 -26.13 8.10
C GLY E 401 23.86 -24.87 7.92
N ILE E 402 23.98 -24.39 6.68
CA ILE E 402 24.68 -23.14 6.43
C ILE E 402 23.90 -21.97 7.02
N MET E 403 22.57 -22.01 6.96
CA MET E 403 21.75 -20.89 7.39
C MET E 403 21.74 -20.72 8.91
N VAL E 404 22.21 -21.70 9.67
CA VAL E 404 22.19 -21.61 11.13
C VAL E 404 23.59 -21.52 11.72
N ALA E 405 24.61 -22.07 11.07
CA ALA E 405 25.94 -22.17 11.65
C ALA E 405 27.01 -21.75 10.64
N TYR E 406 26.77 -20.62 9.96
CA TYR E 406 27.76 -20.08 9.04
C TYR E 406 27.54 -18.58 8.88
C1 NAG F . 40.11 34.69 7.69
C2 NAG F . 40.83 34.34 6.40
C3 NAG F . 40.76 32.84 6.14
C4 NAG F . 41.28 32.07 7.35
C5 NAG F . 40.56 32.52 8.61
C6 NAG F . 41.12 31.89 9.87
C7 NAG F . 40.78 36.20 4.81
C8 NAG F . 40.07 36.83 3.65
N2 NAG F . 40.26 35.07 5.27
O3 NAG F . 41.53 32.52 5.00
O4 NAG F . 41.08 30.67 7.16
O5 NAG F . 40.68 33.94 8.78
O6 NAG F . 42.40 31.33 9.64
O7 NAG F . 41.79 36.72 5.30
C1 NAG G . 12.91 50.08 -13.98
C2 NAG G . 12.04 50.09 -15.24
C3 NAG G . 12.13 48.74 -15.95
C4 NAG G . 13.58 48.39 -16.22
C5 NAG G . 14.40 48.46 -14.93
C6 NAG G . 15.87 48.24 -15.16
C7 NAG G . 10.14 51.63 -15.00
C8 NAG G . 8.70 51.77 -14.63
N2 NAG G . 10.65 50.40 -14.91
O3 NAG G . 11.41 48.80 -17.17
O4 NAG G . 13.67 47.08 -16.75
O5 NAG G . 14.26 49.76 -14.34
O6 NAG G . 16.21 48.29 -16.54
O7 NAG G . 10.81 52.60 -15.38
C1 NAG H . -19.58 49.54 5.73
C2 NAG H . -21.02 49.07 5.93
C3 NAG H . -21.33 47.91 4.99
C4 NAG H . -21.01 48.30 3.55
C5 NAG H . -19.57 48.81 3.45
C6 NAG H . -19.22 49.32 2.07
C7 NAG H . -21.78 49.51 8.21
C8 NAG H . -21.96 48.95 9.60
N2 NAG H . -21.26 48.68 7.31
O3 NAG H . -22.71 47.57 5.09
O4 NAG H . -21.16 47.17 2.70
O5 NAG H . -19.38 49.89 4.36
O6 NAG H . -20.39 49.55 1.29
O7 NAG H . -22.08 50.67 7.95
C1 NAG I . -12.49 33.83 39.64
C2 NAG I . -12.70 32.73 40.67
C3 NAG I . -13.41 31.55 40.04
C4 NAG I . -14.69 32.00 39.35
C5 NAG I . -14.40 33.14 38.38
C6 NAG I . -15.64 33.72 37.76
C7 NAG I . -10.99 32.80 42.43
C8 NAG I . -9.67 32.26 42.90
N2 NAG I . -11.44 32.32 41.27
O3 NAG I . -13.72 30.58 41.04
O4 NAG I . -15.27 30.91 38.64
O5 NAG I . -13.73 34.21 39.06
O6 NAG I . -16.81 33.37 38.50
O7 NAG I . -11.61 33.63 43.08
C1 NAG J . 24.41 24.65 40.83
C2 NAG J . 25.54 23.63 40.94
C3 NAG J . 24.98 22.22 40.74
C4 NAG J . 23.84 21.97 41.70
C5 NAG J . 22.78 23.07 41.58
C6 NAG J . 21.67 22.94 42.60
C7 NAG J . 27.71 24.57 40.28
C8 NAG J . 28.68 24.77 39.17
N2 NAG J . 26.59 23.91 39.97
O3 NAG J . 26.03 21.28 40.96
O4 NAG J . 23.23 20.71 41.42
O5 NAG J . 23.39 24.34 41.79
O6 NAG J . 22.03 22.03 43.64
O7 NAG J . 27.92 24.99 41.41
#